data_6XV2
#
_entry.id   6XV2
#
loop_
_entity.id
_entity.type
_entity.pdbx_description
1 polymer p1
2 non-polymer 'ZINC ION'
#
_entity_poly.entity_id   1
_entity_poly.type   'polypeptide(L)'
_entity_poly.pdbx_seq_one_letter_code
;MTRLEVLIRPTEQTAAKANAVGYTHALTWVWHSQTWDVDSVRDPSLRADFNPEKVGWVSVSFACTQCTAHYYTSEQVKYF
TNIPPVHFDVVCADCERSVQLDDEIDREHQERNAEISACNARALSEGRPASLVYLSRDACDIPEHSGRCRFVKYLNF
;
_entity_poly.pdbx_strand_id   A
#
loop_
_chem_comp.id
_chem_comp.type
_chem_comp.name
_chem_comp.formula
ZN non-polymer 'ZINC ION' 'Zn 2'
#
# COMPACT_ATOMS: atom_id res chain seq x y z
N MET A 1 13.49 9.98 -2.45
CA MET A 1 13.19 11.39 -2.07
C MET A 1 12.08 11.96 -2.94
N THR A 2 10.88 12.12 -2.38
CA THR A 2 9.73 12.62 -3.13
C THR A 2 9.08 13.78 -2.39
N ARG A 3 8.81 14.89 -3.10
CA ARG A 3 8.15 16.05 -2.50
C ARG A 3 6.65 15.79 -2.46
N LEU A 4 6.02 16.01 -1.32
CA LEU A 4 4.56 16.01 -1.25
C LEU A 4 4.10 17.42 -0.97
N GLU A 5 3.46 18.05 -1.94
CA GLU A 5 2.93 19.38 -1.76
C GLU A 5 1.56 19.42 -1.05
N VAL A 6 1.36 20.42 -0.21
CA VAL A 6 0.14 20.58 0.55
C VAL A 6 -0.40 21.99 0.33
N LEU A 7 -1.58 22.12 -0.26
CA LEU A 7 -2.23 23.43 -0.48
C LEU A 7 -3.20 23.68 0.64
N ILE A 8 -3.09 24.84 1.29
CA ILE A 8 -3.98 25.21 2.39
C ILE A 8 -4.73 26.50 2.00
N ARG A 9 -6.04 26.49 2.14
CA ARG A 9 -6.91 27.64 1.80
C ARG A 9 -7.85 27.89 2.98
N PRO A 10 -8.39 29.12 3.10
CA PRO A 10 -9.15 29.47 4.28
C PRO A 10 -10.47 28.70 4.35
N THR A 11 -10.88 28.37 5.56
CA THR A 11 -12.25 27.92 5.80
C THR A 11 -13.21 29.07 5.50
N GLU A 12 -14.49 28.76 5.33
CA GLU A 12 -15.53 29.80 5.11
C GLU A 12 -15.54 30.88 6.20
N GLN A 13 -15.26 30.50 7.44
CA GLN A 13 -15.37 31.40 8.58
C GLN A 13 -14.20 32.35 8.68
N THR A 14 -13.12 32.08 7.94
CA THR A 14 -11.95 32.96 7.97
C THR A 14 -11.67 33.54 6.58
N ALA A 15 -12.47 33.20 5.57
CA ALA A 15 -12.11 33.57 4.20
C ALA A 15 -12.16 35.10 3.98
N ALA A 16 -13.06 35.78 4.69
CA ALA A 16 -13.24 37.23 4.51
C ALA A 16 -12.00 37.96 5.02
N LYS A 17 -11.54 37.61 6.20
CA LYS A 17 -10.34 38.22 6.76
C LYS A 17 -9.11 37.94 5.87
N ALA A 18 -9.02 36.73 5.33
CA ALA A 18 -7.89 36.35 4.44
C ALA A 18 -7.90 37.20 3.18
N ASN A 19 -9.06 37.30 2.55
CA ASN A 19 -9.24 38.28 1.46
C ASN A 19 -8.86 39.72 1.83
N ALA A 20 -9.32 40.19 2.99
CA ALA A 20 -9.08 41.58 3.40
C ALA A 20 -7.61 41.94 3.40
N VAL A 21 -6.73 41.01 3.79
CA VAL A 21 -5.31 41.30 3.77
C VAL A 21 -4.65 40.82 2.49
N GLY A 22 -5.43 40.22 1.61
CA GLY A 22 -4.94 39.60 0.38
C GLY A 22 -4.11 38.31 0.44
N TYR A 23 -4.26 37.50 1.50
CA TYR A 23 -3.45 36.25 1.67
C TYR A 23 -4.39 35.05 1.59
N THR A 24 -4.51 34.51 0.38
CA THR A 24 -5.59 33.60 0.02
C THR A 24 -5.23 32.10 0.13
N HIS A 25 -3.95 31.79 0.33
CA HIS A 25 -3.54 30.39 0.42
C HIS A 25 -2.09 30.27 0.83
N ALA A 26 -1.77 29.09 1.35
CA ALA A 26 -0.38 28.71 1.58
C ALA A 26 -0.12 27.42 0.82
N LEU A 27 1.04 27.34 0.19
CA LEU A 27 1.46 26.13 -0.49
C LEU A 27 2.70 25.67 0.24
N THR A 28 2.64 24.51 0.90
CA THR A 28 3.80 24.06 1.64
C THR A 28 4.17 22.66 1.13
N TRP A 29 5.27 22.12 1.64
CA TRP A 29 5.59 20.76 1.25
C TRP A 29 6.38 20.02 2.33
N VAL A 30 6.29 18.70 2.25
CA VAL A 30 7.12 17.81 3.05
C VAL A 30 7.71 16.81 2.08
N TRP A 31 8.54 15.94 2.61
CA TRP A 31 9.25 14.95 1.81
C TRP A 31 9.04 13.57 2.40
N HIS A 32 9.06 12.58 1.53
CA HIS A 32 9.02 11.21 1.98
C HIS A 32 9.88 10.31 1.08
N SER A 33 10.17 9.13 1.61
CA SER A 33 11.04 8.15 1.00
C SER A 33 10.28 7.33 0.00
N GLN A 34 11.02 6.39 -0.58
CA GLN A 34 10.48 5.49 -1.60
C GLN A 34 9.36 4.59 -1.09
N THR A 35 9.41 4.27 0.19
CA THR A 35 8.41 3.41 0.82
C THR A 35 6.99 3.92 0.53
N TRP A 36 6.84 5.24 0.34
CA TRP A 36 5.51 5.85 0.23
C TRP A 36 5.23 6.39 -1.16
N ASP A 37 6.09 6.04 -2.12
CA ASP A 37 5.79 6.25 -3.54
C ASP A 37 4.75 5.24 -4.06
N VAL A 38 3.49 5.44 -3.69
CA VAL A 38 2.41 4.57 -4.10
C VAL A 38 1.29 5.45 -4.60
N ASP A 39 0.39 4.90 -5.42
CA ASP A 39 -0.68 5.67 -6.11
C ASP A 39 -1.57 6.44 -5.17
N SER A 40 -1.91 5.84 -4.04
CA SER A 40 -2.84 6.42 -3.09
C SER A 40 -2.26 7.58 -2.26
N VAL A 41 -0.96 7.88 -2.41
CA VAL A 41 -0.36 9.05 -1.75
C VAL A 41 -0.33 10.21 -2.76
N ARG A 42 -1.21 11.17 -2.58
CA ARG A 42 -1.37 12.28 -3.49
C ARG A 42 -1.34 13.59 -2.72
N ASP A 43 -0.78 14.62 -3.36
CA ASP A 43 -0.75 15.97 -2.84
C ASP A 43 -2.11 16.41 -2.32
N PRO A 44 -2.16 16.64 -0.93
CA PRO A 44 -3.47 17.06 -0.45
C PRO A 44 -3.84 18.54 -0.54
N SER A 45 -5.13 18.80 -0.52
CA SER A 45 -5.68 20.13 -0.49
C SER A 45 -6.60 20.29 0.72
N LEU A 46 -6.24 21.22 1.59
CA LEU A 46 -6.87 21.40 2.88
C LEU A 46 -7.48 22.77 3.12
N ARG A 47 -8.43 22.83 4.04
CA ARG A 47 -9.00 24.06 4.53
C ARG A 47 -8.61 24.21 5.96
N ALA A 48 -8.13 25.40 6.31
CA ALA A 48 -7.76 25.68 7.69
C ALA A 48 -8.15 27.12 8.01
N ASP A 49 -8.10 27.46 9.28
CA ASP A 49 -8.50 28.79 9.74
C ASP A 49 -7.38 29.79 9.51
N PHE A 50 -7.60 30.74 8.62
CA PHE A 50 -6.66 31.84 8.47
C PHE A 50 -6.64 32.66 9.75
N ASN A 51 -5.46 32.94 10.25
CA ASN A 51 -5.30 33.82 11.39
C ASN A 51 -4.10 34.70 11.19
N PRO A 52 -4.26 36.02 11.26
CA PRO A 52 -3.13 36.91 10.91
C PRO A 52 -1.97 36.92 11.87
N GLU A 53 -2.13 36.34 13.06
CA GLU A 53 -1.06 36.37 14.09
C GLU A 53 -0.51 35.02 14.51
N LYS A 54 -0.90 33.93 13.85
CA LYS A 54 -0.43 32.60 14.26
C LYS A 54 0.42 31.95 13.18
N VAL A 55 1.19 30.97 13.61
CA VAL A 55 1.89 30.01 12.77
C VAL A 55 1.31 28.66 13.20
N GLY A 56 0.85 27.85 12.26
CA GLY A 56 0.30 26.51 12.59
C GLY A 56 1.22 25.40 12.10
N TRP A 57 1.04 24.20 12.66
CA TRP A 57 1.69 22.99 12.13
C TRP A 57 0.76 22.22 11.20
N VAL A 58 1.29 21.79 10.08
CA VAL A 58 0.65 20.76 9.28
C VAL A 58 1.44 19.46 9.57
N SER A 59 0.74 18.41 9.94
CA SER A 59 1.39 17.12 10.17
C SER A 59 0.90 16.10 9.15
N VAL A 60 1.85 15.32 8.64
CA VAL A 60 1.56 14.33 7.63
C VAL A 60 2.12 13.03 8.18
N SER A 61 1.23 12.07 8.38
CA SER A 61 1.54 10.75 8.89
C SER A 61 1.33 9.74 7.78
N PHE A 62 2.24 8.80 7.69
CA PHE A 62 2.13 7.68 6.77
C PHE A 62 2.16 6.41 7.62
N ALA A 63 1.28 5.49 7.32
CA ALA A 63 1.35 4.18 7.97
C ALA A 63 0.84 3.09 7.04
N CYS A 64 1.58 1.98 6.93
CA CYS A 64 1.16 0.85 6.10
C CYS A 64 0.07 0.07 6.81
N THR A 65 -0.97 -0.31 6.09
CA THR A 65 -2.03 -1.15 6.66
C THR A 65 -1.71 -2.65 6.80
N GLN A 66 -0.60 -3.09 6.23
CA GLN A 66 -0.22 -4.48 6.17
C GLN A 66 1.02 -4.74 6.97
N CYS A 67 1.84 -3.74 7.12
CA CYS A 67 3.00 -3.91 7.90
C CYS A 67 3.02 -2.75 8.84
N THR A 68 4.05 -2.58 9.59
CA THR A 68 3.95 -1.51 10.53
C THR A 68 4.82 -0.38 10.09
N ALA A 69 5.23 -0.37 8.85
CA ALA A 69 6.01 0.76 8.34
C ALA A 69 5.24 2.05 8.64
N HIS A 70 5.94 3.09 9.05
CA HIS A 70 5.27 4.34 9.36
C HIS A 70 6.24 5.49 9.25
N TYR A 71 5.73 6.70 9.07
CA TYR A 71 6.59 7.88 8.95
C TYR A 71 5.77 9.10 9.34
N TYR A 72 6.38 9.98 10.12
CA TYR A 72 5.72 11.21 10.56
C TYR A 72 6.62 12.38 10.18
N THR A 73 6.03 13.39 9.54
CA THR A 73 6.73 14.65 9.34
C THR A 73 5.77 15.78 9.57
N SER A 74 6.34 16.96 9.72
CA SER A 74 5.52 18.15 9.91
C SER A 74 6.27 19.41 9.39
N GLU A 75 5.51 20.47 9.17
CA GLU A 75 6.06 21.72 8.70
C GLU A 75 5.19 22.88 9.26
N GLN A 76 5.83 24.00 9.55
CA GLN A 76 5.14 25.24 10.02
C GLN A 76 4.55 26.00 8.88
N VAL A 77 3.36 26.54 9.06
CA VAL A 77 2.66 27.31 8.05
C VAL A 77 2.18 28.61 8.68
N LYS A 78 2.69 29.72 8.15
CA LYS A 78 2.34 31.04 8.67
C LYS A 78 0.91 31.36 8.34
N TYR A 79 0.22 31.92 9.32
CA TYR A 79 -1.15 32.48 9.20
C TYR A 79 -2.27 31.50 8.98
N PHE A 80 -2.02 30.21 9.16
CA PHE A 80 -3.09 29.24 9.13
C PHE A 80 -2.95 28.39 10.40
N THR A 81 -4.09 28.03 10.96
CA THR A 81 -4.14 27.36 12.24
C THR A 81 -5.25 26.31 12.21
N ASN A 82 -5.25 25.36 13.16
CA ASN A 82 -6.21 24.25 13.11
C ASN A 82 -6.16 23.51 11.80
N ILE A 83 -4.95 23.23 11.34
CA ILE A 83 -4.82 22.63 10.04
C ILE A 83 -5.19 21.14 10.21
N PRO A 84 -6.12 20.61 9.39
CA PRO A 84 -6.45 19.18 9.54
C PRO A 84 -5.19 18.30 9.43
N PRO A 85 -5.04 17.31 10.32
CA PRO A 85 -3.97 16.31 10.19
C PRO A 85 -4.12 15.55 8.91
N VAL A 86 -3.02 15.28 8.21
CA VAL A 86 -3.09 14.49 7.01
C VAL A 86 -2.62 13.07 7.36
N HIS A 87 -3.41 12.08 6.99
CA HIS A 87 -3.08 10.66 7.25
C HIS A 87 -3.15 9.87 5.98
N PHE A 88 -2.05 9.18 5.68
CA PHE A 88 -2.01 8.27 4.56
C PHE A 88 -1.92 6.90 5.17
N ASP A 89 -3.07 6.23 5.26
CA ASP A 89 -3.15 4.85 5.70
C ASP A 89 -3.22 4.02 4.44
N VAL A 90 -2.08 3.50 4.01
CA VAL A 90 -1.99 2.95 2.66
C VAL A 90 -1.23 1.65 2.71
N VAL A 91 -1.19 0.98 1.57
CA VAL A 91 -0.35 -0.18 1.41
C VAL A 91 0.97 0.33 0.87
N CYS A 92 2.05 0.08 1.60
CA CYS A 92 3.35 0.61 1.29
C CYS A 92 3.95 -0.08 0.08
N ALA A 93 5.05 0.47 -0.43
CA ALA A 93 5.70 -0.03 -1.63
C ALA A 93 6.16 -1.48 -1.53
N ASP A 94 6.58 -1.91 -0.36
CA ASP A 94 7.02 -3.29 -0.19
C ASP A 94 5.86 -4.27 -0.10
N CYS A 95 4.73 -3.82 0.45
CA CYS A 95 3.58 -4.69 0.65
C CYS A 95 2.69 -4.85 -0.59
N GLU A 96 2.72 -3.85 -1.48
CA GLU A 96 2.11 -3.90 -2.81
C GLU A 96 2.44 -5.15 -3.64
N ARG A 97 3.69 -5.60 -3.44
CA ARG A 97 4.22 -6.74 -4.15
C ARG A 97 3.68 -8.04 -3.55
N SER A 98 3.68 -8.10 -2.22
CA SER A 98 3.22 -9.27 -1.48
C SER A 98 1.78 -9.68 -1.78
N VAL A 99 0.85 -8.74 -1.87
CA VAL A 99 -0.54 -9.06 -2.14
C VAL A 99 -0.75 -9.50 -3.58
N GLN A 100 0.11 -9.05 -4.50
CA GLN A 100 0.02 -9.37 -5.91
C GLN A 100 0.45 -10.80 -6.22
N LEU A 101 1.23 -11.47 -5.37
CA LEU A 101 1.69 -12.84 -5.58
C LEU A 101 0.53 -13.80 -5.83
N ASP A 102 -0.69 -13.47 -5.42
CA ASP A 102 -1.84 -14.35 -5.62
C ASP A 102 -2.00 -14.72 -7.09
N ASP A 103 -1.62 -13.83 -8.01
CA ASP A 103 -1.72 -14.11 -9.43
C ASP A 103 -0.61 -15.06 -9.88
N GLU A 104 0.51 -15.05 -9.15
CA GLU A 104 1.66 -15.90 -9.42
C GLU A 104 1.37 -17.28 -8.85
N ILE A 105 1.03 -17.34 -7.56
CA ILE A 105 0.71 -18.63 -6.93
C ILE A 105 -0.31 -19.42 -7.78
N ASP A 106 -1.36 -18.74 -8.24
CA ASP A 106 -2.44 -19.37 -9.02
C ASP A 106 -1.92 -19.90 -10.38
N ARG A 107 -1.14 -19.08 -11.08
CA ARG A 107 -0.54 -19.49 -12.35
C ARG A 107 0.37 -20.69 -12.19
N GLU A 108 1.09 -20.76 -11.08
CA GLU A 108 2.07 -21.80 -10.88
C GLU A 108 1.39 -23.07 -10.43
N HIS A 109 0.33 -22.95 -9.63
CA HIS A 109 -0.52 -24.10 -9.40
C HIS A 109 -1.15 -24.63 -10.70
N GLN A 110 -1.60 -23.77 -11.59
CA GLN A 110 -2.13 -24.23 -12.87
C GLN A 110 -1.11 -25.06 -13.65
N GLU A 111 0.11 -24.55 -13.74
CA GLU A 111 1.21 -25.24 -14.45
C GLU A 111 1.58 -26.59 -13.86
N ARG A 112 1.57 -26.64 -12.54
CA ARG A 112 2.01 -27.81 -11.86
C ARG A 112 0.98 -28.88 -12.03
N ASN A 113 -0.27 -28.48 -11.87
CA ASN A 113 -1.38 -29.39 -12.01
C ASN A 113 -1.51 -29.94 -13.43
N ALA A 114 -1.08 -29.18 -14.45
CA ALA A 114 -0.99 -29.71 -15.78
C ALA A 114 0.03 -30.84 -15.83
N GLU A 115 1.14 -30.67 -15.13
CA GLU A 115 2.16 -31.70 -15.10
C GLU A 115 1.74 -32.90 -14.28
N ILE A 116 0.98 -32.64 -13.22
CA ILE A 116 0.42 -33.70 -12.44
C ILE A 116 -0.55 -34.50 -13.28
N SER A 117 -1.37 -33.82 -14.08
CA SER A 117 -2.33 -34.49 -14.96
C SER A 117 -1.63 -35.50 -15.84
N ALA A 118 -0.52 -35.03 -16.42
CA ALA A 118 0.28 -35.78 -17.39
C ALA A 118 0.93 -36.98 -16.73
N CYS A 119 1.35 -36.81 -15.49
CA CYS A 119 2.00 -37.89 -14.76
C CYS A 119 1.00 -38.93 -14.42
N ASN A 120 -0.18 -38.52 -14.00
CA ASN A 120 -1.24 -39.49 -13.69
C ASN A 120 -1.65 -40.28 -14.92
N ALA A 121 -1.76 -39.60 -16.06
CA ALA A 121 -2.17 -40.28 -17.27
C ALA A 121 -1.14 -41.29 -17.72
N ARG A 122 0.11 -40.86 -17.67
CA ARG A 122 1.20 -41.74 -18.04
C ARG A 122 1.24 -42.98 -17.17
N ALA A 123 1.06 -42.81 -15.87
CA ALA A 123 1.00 -43.90 -14.93
C ALA A 123 -0.15 -44.88 -15.25
N LEU A 124 -1.34 -44.36 -15.52
CA LEU A 124 -2.46 -45.23 -15.95
C LEU A 124 -2.13 -46.02 -17.23
N SER A 125 -1.26 -45.48 -18.09
CA SER A 125 -0.84 -46.25 -19.28
C SER A 125 0.30 -47.24 -19.02
N GLU A 126 0.96 -47.13 -17.88
CA GLU A 126 2.04 -48.07 -17.52
C GLU A 126 1.59 -49.08 -16.46
N GLY A 127 0.32 -49.02 -16.04
CA GLY A 127 -0.22 -49.99 -15.07
C GLY A 127 0.25 -49.76 -13.64
N ARG A 128 0.67 -48.53 -13.32
CA ARG A 128 0.93 -48.13 -11.93
C ARG A 128 -0.28 -47.32 -11.39
N PRO A 129 -0.46 -47.29 -10.05
CA PRO A 129 -1.55 -46.43 -9.60
C PRO A 129 -1.24 -44.94 -9.90
N ALA A 130 -2.29 -44.23 -10.28
CA ALA A 130 -2.20 -42.82 -10.58
C ALA A 130 -2.56 -42.11 -9.30
N SER A 131 -1.55 -41.81 -8.48
CA SER A 131 -1.73 -41.41 -7.10
C SER A 131 -1.61 -39.90 -6.81
N LEU A 132 -1.26 -39.09 -7.81
CA LEU A 132 -1.02 -37.68 -7.58
C LEU A 132 -2.31 -36.87 -7.53
N VAL A 133 -2.25 -35.74 -6.81
CA VAL A 133 -3.39 -34.89 -6.59
C VAL A 133 -3.00 -33.45 -6.92
N TYR A 134 -3.99 -32.69 -7.39
CA TYR A 134 -3.81 -31.32 -7.78
C TYR A 134 -3.48 -30.52 -6.52
N LEU A 135 -2.70 -29.46 -6.70
CA LEU A 135 -2.34 -28.55 -5.62
C LEU A 135 -3.38 -27.46 -5.38
N SER A 136 -3.46 -27.01 -4.13
CA SER A 136 -4.14 -25.82 -3.70
C SER A 136 -3.29 -25.22 -2.56
N ARG A 137 -3.67 -24.06 -2.08
CA ARG A 137 -2.91 -23.44 -1.00
C ARG A 137 -2.86 -24.27 0.31
N ASP A 138 -3.79 -25.19 0.45
CA ASP A 138 -3.89 -25.90 1.69
C ASP A 138 -3.09 -27.20 1.62
N ALA A 139 -2.48 -27.46 0.47
CA ALA A 139 -1.79 -28.71 0.23
C ALA A 139 -0.96 -28.54 -1.03
N CYS A 140 0.30 -28.14 -0.83
CA CYS A 140 1.13 -27.69 -1.94
C CYS A 140 2.51 -28.30 -1.82
N ASP A 141 3.08 -28.74 -2.92
CA ASP A 141 4.42 -29.38 -2.86
C ASP A 141 5.45 -28.58 -3.64
N ILE A 142 5.14 -27.32 -3.93
CA ILE A 142 6.15 -26.37 -4.42
C ILE A 142 6.90 -25.69 -3.27
N PRO A 143 8.21 -25.95 -3.13
CA PRO A 143 8.91 -25.51 -1.92
C PRO A 143 8.96 -23.99 -1.72
N GLU A 144 9.04 -23.25 -2.83
CA GLU A 144 9.09 -21.79 -2.84
C GLU A 144 7.76 -21.14 -2.43
N HIS A 145 6.70 -21.94 -2.31
CA HIS A 145 5.39 -21.45 -1.91
C HIS A 145 5.21 -21.59 -0.41
N SER A 146 6.08 -22.37 0.25
CA SER A 146 5.91 -22.61 1.68
C SER A 146 5.66 -21.31 2.44
N GLY A 147 4.61 -21.32 3.25
CA GLY A 147 4.13 -20.11 3.96
C GLY A 147 2.91 -19.53 3.30
N ARG A 148 3.06 -19.11 2.04
CA ARG A 148 1.88 -18.73 1.31
C ARG A 148 0.98 -19.95 1.15
N CYS A 149 1.59 -21.12 0.94
CA CYS A 149 0.79 -22.36 0.87
C CYS A 149 1.27 -23.24 1.99
N ARG A 150 0.47 -24.25 2.33
CA ARG A 150 0.89 -25.32 3.24
C ARG A 150 1.75 -26.34 2.51
N PHE A 151 3.05 -26.33 2.82
CA PHE A 151 4.04 -27.13 2.15
C PHE A 151 3.95 -28.54 2.67
N VAL A 152 3.61 -29.43 1.75
CA VAL A 152 3.49 -30.83 2.03
C VAL A 152 4.46 -31.51 1.09
N LYS A 153 5.80 -31.68 1.63
CA LYS A 153 6.87 -32.05 0.72
C LYS A 153 6.61 -33.32 -0.09
N TYR A 154 6.05 -34.30 0.52
CA TYR A 154 5.91 -35.63 -0.10
C TYR A 154 4.51 -35.92 -0.54
N LEU A 155 3.74 -34.85 -0.79
CA LEU A 155 2.34 -34.95 -1.23
C LEU A 155 2.22 -35.85 -2.44
N ASN A 156 3.01 -35.56 -3.47
CA ASN A 156 3.00 -36.30 -4.70
C ASN A 156 4.25 -37.13 -4.91
N PHE A 157 4.85 -37.66 -3.85
CA PHE A 157 6.04 -38.48 -3.95
C PHE A 157 6.24 -39.30 -2.67
ZN ZN B . 3.87 -2.36 4.32
ZN ZN C . 1.37 -23.43 -3.66
N MET A 1 13.18 9.77 -2.80
CA MET A 1 12.89 11.18 -2.42
C MET A 1 11.76 11.74 -3.27
N THR A 2 10.58 11.92 -2.67
CA THR A 2 9.42 12.43 -3.41
C THR A 2 8.80 13.60 -2.66
N ARG A 3 8.51 14.69 -3.38
CA ARG A 3 7.88 15.88 -2.78
C ARG A 3 6.38 15.63 -2.70
N LEU A 4 5.79 15.87 -1.54
CA LEU A 4 4.32 15.89 -1.42
C LEU A 4 3.90 17.30 -1.16
N GLU A 5 3.23 17.92 -2.12
CA GLU A 5 2.71 19.28 -1.95
C GLU A 5 1.37 19.32 -1.19
N VAL A 6 1.20 20.34 -0.38
CA VAL A 6 0.00 20.52 0.43
C VAL A 6 -0.52 21.94 0.21
N LEU A 7 -1.72 22.07 -0.37
CA LEU A 7 -2.36 23.38 -0.58
C LEU A 7 -3.30 23.65 0.57
N ILE A 8 -3.16 24.82 1.19
CA ILE A 8 -4.01 25.22 2.32
C ILE A 8 -4.76 26.52 1.92
N ARG A 9 -6.08 26.51 2.11
CA ARG A 9 -6.94 27.66 1.77
C ARG A 9 -7.85 27.94 2.98
N PRO A 10 -8.37 29.18 3.09
CA PRO A 10 -9.09 29.56 4.28
C PRO A 10 -10.42 28.80 4.41
N THR A 11 -10.79 28.50 5.63
CA THR A 11 -12.16 28.06 5.92
C THR A 11 -13.12 29.22 5.64
N GLU A 12 -14.41 28.91 5.50
CA GLU A 12 -15.44 29.95 5.31
C GLU A 12 -15.41 31.06 6.38
N GLN A 13 -15.11 30.69 7.60
CA GLN A 13 -15.17 31.61 8.73
C GLN A 13 -13.99 32.56 8.78
N THR A 14 -12.94 32.27 8.02
CA THR A 14 -11.76 33.14 8.00
C THR A 14 -11.51 33.69 6.60
N ALA A 15 -12.34 33.33 5.61
CA ALA A 15 -12.03 33.69 4.23
C ALA A 15 -12.06 35.20 3.97
N ALA A 16 -12.93 35.91 4.71
CA ALA A 16 -13.11 37.36 4.51
C ALA A 16 -11.86 38.09 4.97
N LYS A 17 -11.37 37.75 6.14
CA LYS A 17 -10.15 38.36 6.64
C LYS A 17 -8.94 38.06 5.72
N ALA A 18 -8.87 36.83 5.21
CA ALA A 18 -7.78 36.42 4.28
C ALA A 18 -7.82 37.26 3.02
N ASN A 19 -9.00 37.36 2.42
CA ASN A 19 -9.20 38.32 1.32
C ASN A 19 -8.80 39.76 1.65
N ALA A 20 -9.21 40.25 2.81
CA ALA A 20 -8.95 41.65 3.20
C ALA A 20 -7.48 42.00 3.15
N VAL A 21 -6.60 41.07 3.52
CA VAL A 21 -5.17 41.35 3.45
C VAL A 21 -4.56 40.83 2.17
N GLY A 22 -5.38 40.23 1.32
CA GLY A 22 -4.93 39.58 0.08
C GLY A 22 -4.10 38.29 0.14
N TYR A 23 -4.23 37.50 1.23
CA TYR A 23 -3.43 36.24 1.40
C TYR A 23 -4.37 35.05 1.36
N THR A 24 -4.53 34.49 0.16
CA THR A 24 -5.63 33.58 -0.15
C THR A 24 -5.29 32.09 -0.03
N HIS A 25 -4.00 31.77 0.13
CA HIS A 25 -3.60 30.37 0.25
C HIS A 25 -2.14 30.23 0.60
N ALA A 26 -1.81 29.07 1.14
CA ALA A 26 -0.42 28.67 1.34
C ALA A 26 -0.19 27.37 0.59
N LEU A 27 0.95 27.27 -0.08
CA LEU A 27 1.34 26.04 -0.74
C LEU A 27 2.59 25.58 -0.06
N THR A 28 2.55 24.45 0.63
CA THR A 28 3.72 23.98 1.35
C THR A 28 4.08 22.58 0.86
N TRP A 29 5.17 22.04 1.35
CA TRP A 29 5.47 20.67 0.97
C TRP A 29 6.29 19.95 2.04
N VAL A 30 6.19 18.64 1.97
CA VAL A 30 7.04 17.74 2.76
C VAL A 30 7.59 16.72 1.80
N TRP A 31 8.44 15.86 2.32
CA TRP A 31 9.11 14.85 1.51
C TRP A 31 8.90 13.48 2.13
N HIS A 32 8.88 12.47 1.28
CA HIS A 32 8.85 11.11 1.75
C HIS A 32 9.68 10.19 0.84
N SER A 33 9.97 9.02 1.38
CA SER A 33 10.81 8.01 0.75
C SER A 33 10.02 7.17 -0.20
N GLN A 34 10.73 6.22 -0.79
CA GLN A 34 10.15 5.32 -1.77
C GLN A 34 9.04 4.44 -1.21
N THR A 35 9.12 4.14 0.08
CA THR A 35 8.14 3.30 0.74
C THR A 35 6.72 3.82 0.48
N TRP A 36 6.57 5.12 0.29
CA TRP A 36 5.24 5.75 0.20
C TRP A 36 4.93 6.27 -1.19
N ASP A 37 5.76 5.90 -2.17
CA ASP A 37 5.41 6.09 -3.58
C ASP A 37 4.36 5.07 -4.06
N VAL A 38 3.11 5.29 -3.65
CA VAL A 38 2.01 4.42 -4.02
C VAL A 38 0.87 5.31 -4.49
N ASP A 39 -0.05 4.75 -5.28
CA ASP A 39 -1.13 5.51 -5.95
C ASP A 39 -1.99 6.32 -5.00
N SER A 40 -2.30 5.72 -3.85
CA SER A 40 -3.20 6.34 -2.88
C SER A 40 -2.58 7.51 -2.08
N VAL A 41 -1.29 7.79 -2.27
CA VAL A 41 -0.66 8.97 -1.66
C VAL A 41 -0.64 10.10 -2.68
N ARG A 42 -1.53 11.08 -2.49
CA ARG A 42 -1.69 12.18 -3.42
C ARG A 42 -1.62 13.50 -2.68
N ASP A 43 -1.08 14.50 -3.35
CA ASP A 43 -1.03 15.88 -2.85
C ASP A 43 -2.36 16.33 -2.29
N PRO A 44 -2.36 16.59 -0.92
CA PRO A 44 -3.66 17.02 -0.40
C PRO A 44 -4.02 18.50 -0.50
N SER A 45 -5.31 18.77 -0.47
CA SER A 45 -5.83 20.10 -0.43
C SER A 45 -6.72 20.29 0.80
N LEU A 46 -6.35 21.24 1.65
CA LEU A 46 -6.93 21.44 2.96
C LEU A 46 -7.52 22.83 3.20
N ARG A 47 -8.43 22.91 4.14
CA ARG A 47 -8.98 24.16 4.62
C ARG A 47 -8.54 24.33 6.04
N ALA A 48 -8.04 25.51 6.36
CA ALA A 48 -7.64 25.82 7.72
C ALA A 48 -8.00 27.26 8.02
N ASP A 49 -7.90 27.62 9.28
CA ASP A 49 -8.29 28.96 9.73
C ASP A 49 -7.16 29.96 9.46
N PHE A 50 -7.41 30.89 8.55
CA PHE A 50 -6.46 31.98 8.36
C PHE A 50 -6.39 32.82 9.62
N ASN A 51 -5.19 33.10 10.08
CA ASN A 51 -5.00 33.99 11.20
C ASN A 51 -3.79 34.86 10.95
N PRO A 52 -3.94 36.19 11.01
CA PRO A 52 -2.82 37.06 10.60
C PRO A 52 -1.63 37.07 11.52
N GLU A 53 -1.75 36.52 12.73
CA GLU A 53 -0.66 36.55 13.72
C GLU A 53 -0.11 35.21 14.16
N LYS A 54 -0.52 34.11 13.53
CA LYS A 54 -0.05 32.78 13.95
C LYS A 54 0.76 32.11 12.84
N VAL A 55 1.55 31.13 13.27
CA VAL A 55 2.19 30.15 12.43
C VAL A 55 1.63 28.81 12.90
N GLY A 56 1.13 27.99 11.98
CA GLY A 56 0.58 26.66 12.35
C GLY A 56 1.48 25.53 11.86
N TRP A 57 1.29 24.34 12.44
CA TRP A 57 1.93 23.12 11.92
C TRP A 57 0.96 22.34 11.03
N VAL A 58 1.45 21.88 9.89
CA VAL A 58 0.79 20.84 9.13
C VAL A 58 1.56 19.56 9.42
N SER A 59 0.87 18.50 9.82
CA SER A 59 1.53 17.21 10.07
C SER A 59 1.00 16.19 9.07
N VAL A 60 1.92 15.39 8.55
CA VAL A 60 1.60 14.38 7.57
C VAL A 60 2.17 13.09 8.13
N SER A 61 1.27 12.13 8.38
CA SER A 61 1.58 10.83 8.90
C SER A 61 1.33 9.81 7.81
N PHE A 62 2.23 8.85 7.71
CA PHE A 62 2.08 7.72 6.81
C PHE A 62 2.13 6.47 7.67
N ALA A 63 1.23 5.54 7.41
CA ALA A 63 1.31 4.25 8.08
C ALA A 63 0.76 3.14 7.19
N CYS A 64 1.49 2.03 7.09
CA CYS A 64 1.03 0.89 6.28
C CYS A 64 -0.05 0.12 7.03
N THR A 65 -1.10 -0.26 6.35
CA THR A 65 -2.16 -1.08 6.97
C THR A 65 -1.84 -2.59 7.13
N GLN A 66 -0.75 -3.03 6.54
CA GLN A 66 -0.38 -4.43 6.49
C GLN A 66 0.87 -4.68 7.25
N CYS A 67 1.70 -3.69 7.36
CA CYS A 67 2.90 -3.85 8.11
C CYS A 67 2.94 -2.68 9.03
N THR A 68 4.00 -2.51 9.74
CA THR A 68 3.93 -1.42 10.66
C THR A 68 4.81 -0.31 10.19
N ALA A 69 5.18 -0.32 8.93
CA ALA A 69 5.94 0.79 8.38
C ALA A 69 5.19 2.09 8.68
N HIS A 70 5.92 3.13 9.04
CA HIS A 70 5.27 4.39 9.36
C HIS A 70 6.26 5.53 9.20
N TYR A 71 5.74 6.75 9.02
CA TYR A 71 6.61 7.92 8.85
C TYR A 71 5.81 9.15 9.25
N TYR A 72 6.44 10.04 9.98
CA TYR A 72 5.81 11.27 10.42
C TYR A 72 6.71 12.43 9.99
N THR A 73 6.12 13.43 9.35
CA THR A 73 6.81 14.69 9.11
C THR A 73 5.86 15.83 9.36
N SER A 74 6.44 17.01 9.47
CA SER A 74 5.65 18.21 9.67
C SER A 74 6.39 19.45 9.10
N GLU A 75 5.63 20.51 8.88
CA GLU A 75 6.18 21.76 8.38
C GLU A 75 5.34 22.93 8.95
N GLN A 76 5.99 24.05 9.19
CA GLN A 76 5.32 25.30 9.66
C GLN A 76 4.71 26.05 8.52
N VAL A 77 3.53 26.60 8.74
CA VAL A 77 2.80 27.36 7.73
C VAL A 77 2.35 28.68 8.34
N LYS A 78 2.86 29.77 7.80
CA LYS A 78 2.54 31.10 8.29
C LYS A 78 1.10 31.42 8.00
N TYR A 79 0.44 32.02 9.00
CA TYR A 79 -0.92 32.58 8.91
C TYR A 79 -2.06 31.61 8.74
N PHE A 80 -1.81 30.32 8.94
CA PHE A 80 -2.89 29.36 8.96
C PHE A 80 -2.72 28.52 10.22
N THR A 81 -3.85 28.19 10.83
CA THR A 81 -3.87 27.55 12.13
C THR A 81 -4.99 26.49 12.15
N ASN A 82 -4.96 25.56 13.11
CA ASN A 82 -5.93 24.46 13.11
C ASN A 82 -5.93 23.70 11.82
N ILE A 83 -4.73 23.41 11.31
CA ILE A 83 -4.65 22.77 10.02
C ILE A 83 -5.02 21.30 10.23
N PRO A 84 -5.98 20.76 9.45
CA PRO A 84 -6.32 19.34 9.65
C PRO A 84 -5.07 18.44 9.50
N PRO A 85 -4.91 17.46 10.41
CA PRO A 85 -3.85 16.46 10.25
C PRO A 85 -4.05 15.69 8.99
N VAL A 86 -2.97 15.39 8.27
CA VAL A 86 -3.08 14.58 7.09
C VAL A 86 -2.61 13.17 7.45
N HIS A 87 -3.42 12.16 7.11
CA HIS A 87 -3.10 10.75 7.39
C HIS A 87 -3.20 9.93 6.14
N PHE A 88 -2.12 9.23 5.82
CA PHE A 88 -2.12 8.31 4.71
C PHE A 88 -2.02 6.94 5.34
N ASP A 89 -3.18 6.28 5.48
CA ASP A 89 -3.25 4.91 5.95
C ASP A 89 -3.37 4.06 4.70
N VAL A 90 -2.24 3.52 4.25
CA VAL A 90 -2.19 2.96 2.91
C VAL A 90 -1.45 1.65 2.95
N VAL A 91 -1.45 0.96 1.82
CA VAL A 91 -0.62 -0.22 1.66
C VAL A 91 0.68 0.29 1.06
N CYS A 92 1.78 0.03 1.77
CA CYS A 92 3.08 0.55 1.42
C CYS A 92 3.63 -0.16 0.19
N ALA A 93 4.73 0.36 -0.34
CA ALA A 93 5.34 -0.17 -1.56
C ALA A 93 5.79 -1.61 -1.46
N ASP A 94 6.24 -2.03 -0.29
CA ASP A 94 6.68 -3.40 -0.11
C ASP A 94 5.51 -4.38 0.03
N CYS A 95 4.40 -3.91 0.61
CA CYS A 95 3.24 -4.76 0.86
C CYS A 95 2.32 -4.93 -0.35
N GLU A 96 2.33 -3.96 -1.26
CA GLU A 96 1.68 -4.02 -2.57
C GLU A 96 1.98 -5.29 -3.39
N ARG A 97 3.20 -5.78 -3.18
CA ARG A 97 3.67 -6.98 -3.84
C ARG A 97 3.14 -8.21 -3.13
N SER A 98 3.01 -8.12 -1.80
CA SER A 98 2.53 -9.23 -0.98
C SER A 98 1.06 -9.52 -1.22
N VAL A 99 0.18 -8.51 -1.33
CA VAL A 99 -1.23 -8.75 -1.55
C VAL A 99 -1.48 -9.29 -2.96
N GLN A 100 -0.58 -8.97 -3.89
CA GLN A 100 -0.66 -9.40 -5.28
C GLN A 100 -0.20 -10.85 -5.44
N LEU A 101 0.56 -11.42 -4.51
CA LEU A 101 1.09 -12.77 -4.54
C LEU A 101 0.03 -13.83 -4.87
N ASP A 102 -1.25 -13.55 -4.64
CA ASP A 102 -2.30 -14.51 -4.92
C ASP A 102 -2.31 -14.87 -6.41
N ASP A 103 -1.83 -13.95 -7.25
CA ASP A 103 -1.77 -14.18 -8.69
C ASP A 103 -0.58 -15.06 -9.06
N GLU A 104 0.46 -15.06 -8.22
CA GLU A 104 1.66 -15.84 -8.43
C GLU A 104 1.39 -17.27 -7.97
N ILE A 105 1.01 -17.43 -6.70
CA ILE A 105 0.69 -18.76 -6.16
C ILE A 105 -0.30 -19.50 -7.06
N ASP A 106 -1.36 -18.80 -7.49
CA ASP A 106 -2.41 -19.39 -8.31
C ASP A 106 -1.90 -19.83 -9.69
N ARG A 107 -1.11 -18.97 -10.34
CA ARG A 107 -0.50 -19.30 -11.63
C ARG A 107 0.42 -20.48 -11.54
N GLU A 108 1.13 -20.62 -10.42
CA GLU A 108 2.12 -21.66 -10.28
C GLU A 108 1.45 -22.96 -9.89
N HIS A 109 0.39 -22.90 -9.11
CA HIS A 109 -0.46 -24.06 -8.96
C HIS A 109 -1.06 -24.52 -10.30
N GLN A 110 -1.53 -23.62 -11.14
CA GLN A 110 -2.04 -24.01 -12.45
C GLN A 110 -1.01 -24.77 -13.26
N GLU A 111 0.21 -24.25 -13.31
CA GLU A 111 1.34 -24.89 -14.05
C GLU A 111 1.70 -26.27 -13.54
N ARG A 112 1.69 -26.39 -12.24
CA ARG A 112 2.14 -27.61 -11.62
C ARG A 112 1.11 -28.67 -11.87
N ASN A 113 -0.15 -28.29 -11.69
CA ASN A 113 -1.24 -29.19 -11.89
C ASN A 113 -1.35 -29.66 -13.35
N ALA A 114 -0.93 -28.83 -14.31
CA ALA A 114 -0.81 -29.30 -15.67
C ALA A 114 0.20 -30.41 -15.78
N GLU A 115 1.32 -30.26 -15.06
CA GLU A 115 2.34 -31.28 -15.08
C GLU A 115 1.92 -32.54 -14.33
N ILE A 116 1.16 -32.35 -13.27
CA ILE A 116 0.59 -33.46 -12.55
C ILE A 116 -0.36 -34.22 -13.46
N SER A 117 -1.18 -33.50 -14.22
CA SER A 117 -2.12 -34.11 -15.15
C SER A 117 -1.40 -35.06 -16.08
N ALA A 118 -0.30 -34.56 -16.62
CA ALA A 118 0.52 -35.23 -17.62
C ALA A 118 1.17 -36.46 -17.04
N CYS A 119 1.59 -36.37 -15.79
CA CYS A 119 2.23 -37.49 -15.12
C CYS A 119 1.24 -38.55 -14.84
N ASN A 120 0.04 -38.19 -14.41
CA ASN A 120 -1.00 -39.17 -14.16
C ASN A 120 -1.40 -39.90 -15.44
N ALA A 121 -1.50 -39.16 -16.54
CA ALA A 121 -1.90 -39.77 -17.80
C ALA A 121 -0.85 -40.74 -18.30
N ARG A 122 0.40 -40.30 -18.22
CA ARG A 122 1.50 -41.14 -18.63
C ARG A 122 1.54 -42.43 -17.83
N ALA A 123 1.34 -42.34 -16.52
CA ALA A 123 1.28 -43.49 -15.66
C ALA A 123 0.15 -44.46 -16.03
N LEU A 124 -1.05 -43.93 -16.30
CA LEU A 124 -2.15 -44.78 -16.78
C LEU A 124 -1.80 -45.49 -18.09
N SER A 125 -0.92 -44.90 -18.92
CA SER A 125 -0.48 -45.59 -20.15
C SER A 125 0.65 -46.58 -19.93
N GLU A 126 1.30 -46.54 -18.79
CA GLU A 126 2.38 -47.48 -18.48
C GLU A 126 1.93 -48.57 -17.48
N GLY A 127 0.66 -48.53 -17.07
CA GLY A 127 0.13 -49.56 -16.18
C GLY A 127 0.58 -49.43 -14.71
N ARG A 128 0.99 -48.21 -14.32
CA ARG A 128 1.22 -47.88 -12.92
C ARG A 128 0.01 -47.12 -12.34
N PRO A 129 -0.19 -47.17 -10.99
CA PRO A 129 -1.29 -46.36 -10.51
C PRO A 129 -0.99 -44.84 -10.71
N ALA A 130 -2.03 -44.12 -11.05
CA ALA A 130 -1.96 -42.70 -11.28
C ALA A 130 -2.34 -42.06 -9.95
N SER A 131 -1.34 -41.81 -9.12
CA SER A 131 -1.54 -41.49 -7.71
C SER A 131 -1.43 -40.00 -7.32
N LEU A 132 -1.07 -39.13 -8.28
CA LEU A 132 -0.86 -37.73 -7.96
C LEU A 132 -2.15 -36.94 -7.87
N VAL A 133 -2.11 -35.87 -7.09
CA VAL A 133 -3.26 -35.04 -6.83
C VAL A 133 -2.88 -33.57 -7.08
N TYR A 134 -3.87 -32.80 -7.50
CA TYR A 134 -3.70 -31.41 -7.81
C TYR A 134 -3.39 -30.67 -6.50
N LEU A 135 -2.62 -29.61 -6.61
CA LEU A 135 -2.27 -28.75 -5.47
C LEU A 135 -3.34 -27.69 -5.17
N SER A 136 -3.42 -27.32 -3.91
CA SER A 136 -4.12 -26.16 -3.41
C SER A 136 -3.29 -25.63 -2.24
N ARG A 137 -3.68 -24.50 -1.68
CA ARG A 137 -2.94 -23.93 -0.56
C ARG A 137 -2.89 -24.85 0.70
N ASP A 138 -3.82 -25.77 0.77
CA ASP A 138 -3.91 -26.57 1.96
C ASP A 138 -3.11 -27.84 1.83
N ALA A 139 -2.48 -28.04 0.67
CA ALA A 139 -1.77 -29.26 0.37
C ALA A 139 -0.94 -29.00 -0.87
N CYS A 140 0.32 -28.61 -0.65
CA CYS A 140 1.15 -28.09 -1.72
C CYS A 140 2.54 -28.69 -1.62
N ASP A 141 3.12 -29.06 -2.73
CA ASP A 141 4.46 -29.69 -2.70
C ASP A 141 5.49 -28.84 -3.42
N ILE A 142 5.18 -27.56 -3.63
CA ILE A 142 6.18 -26.58 -4.06
C ILE A 142 6.92 -25.96 -2.87
N PRO A 143 8.23 -26.22 -2.72
CA PRO A 143 8.91 -25.85 -1.49
C PRO A 143 8.95 -24.34 -1.19
N GLU A 144 9.02 -23.55 -2.25
CA GLU A 144 9.06 -22.08 -2.19
C GLU A 144 7.73 -21.47 -1.74
N HIS A 145 6.68 -22.27 -1.68
CA HIS A 145 5.36 -21.82 -1.27
C HIS A 145 5.16 -22.05 0.22
N SER A 146 6.02 -22.86 0.83
CA SER A 146 5.86 -23.19 2.25
C SER A 146 5.59 -21.94 3.09
N GLY A 147 4.54 -22.01 3.89
CA GLY A 147 4.04 -20.84 4.66
C GLY A 147 2.80 -20.23 4.02
N ARG A 148 2.96 -19.75 2.80
CA ARG A 148 1.79 -19.33 2.07
C ARG A 148 0.91 -20.55 1.84
N CYS A 149 1.52 -21.69 1.56
CA CYS A 149 0.75 -22.93 1.41
C CYS A 149 1.21 -23.88 2.49
N ARG A 150 0.42 -24.91 2.74
CA ARG A 150 0.85 -26.03 3.60
C ARG A 150 1.73 -26.99 2.81
N PHE A 151 3.02 -26.99 3.14
CA PHE A 151 4.02 -27.75 2.44
C PHE A 151 3.94 -29.19 2.86
N VAL A 152 3.62 -30.03 1.90
CA VAL A 152 3.51 -31.43 2.10
C VAL A 152 4.49 -32.05 1.12
N LYS A 153 5.82 -32.26 1.65
CA LYS A 153 6.90 -32.55 0.74
C LYS A 153 6.67 -33.78 -0.15
N TYR A 154 6.11 -34.80 0.40
CA TYR A 154 6.00 -36.08 -0.30
C TYR A 154 4.60 -36.35 -0.76
N LEU A 155 3.83 -35.28 -0.97
CA LEU A 155 2.43 -35.37 -1.42
C LEU A 155 2.31 -36.19 -2.69
N ASN A 156 3.11 -35.84 -3.70
CA ASN A 156 3.12 -36.49 -4.97
C ASN A 156 4.38 -37.29 -5.21
N PHE A 157 4.98 -37.85 -4.16
CA PHE A 157 6.20 -38.64 -4.26
C PHE A 157 7.37 -37.85 -4.84
ZN ZN B . 3.66 -2.38 4.49
ZN ZN C . 1.37 -23.73 -3.18
N MET A 1 13.65 7.96 4.85
CA MET A 1 13.34 9.38 5.19
C MET A 1 12.87 10.13 3.95
N THR A 2 11.57 10.43 3.89
CA THR A 2 10.99 11.12 2.73
C THR A 2 10.18 12.33 3.18
N ARG A 3 10.41 13.48 2.54
CA ARG A 3 9.66 14.70 2.87
C ARG A 3 8.32 14.65 2.16
N LEU A 4 7.24 14.92 2.87
CA LEU A 4 5.93 15.12 2.24
C LEU A 4 5.55 16.57 2.40
N GLU A 5 5.53 17.31 1.31
CA GLU A 5 5.12 18.71 1.35
C GLU A 5 3.59 18.90 1.32
N VAL A 6 3.12 19.89 2.06
CA VAL A 6 1.70 20.19 2.16
C VAL A 6 1.48 21.67 1.86
N LEU A 7 0.77 21.98 0.78
CA LEU A 7 0.45 23.38 0.42
C LEU A 7 -0.91 23.71 0.95
N ILE A 8 -1.01 24.81 1.68
CA ILE A 8 -2.29 25.28 2.26
C ILE A 8 -2.61 26.67 1.69
N ARG A 9 -3.83 26.83 1.19
CA ARG A 9 -4.30 28.11 0.58
C ARG A 9 -5.65 28.44 1.19
N PRO A 10 -6.05 29.72 1.16
CA PRO A 10 -7.24 30.14 1.87
C PRO A 10 -8.50 29.56 1.22
N THR A 11 -9.48 29.25 2.04
CA THR A 11 -10.84 28.98 1.56
C THR A 11 -11.40 30.26 0.95
N GLU A 12 -12.47 30.14 0.15
CA GLU A 12 -13.15 31.33 -0.42
C GLU A 12 -13.58 32.35 0.63
N GLN A 13 -13.99 31.88 1.79
CA GLN A 13 -14.54 32.75 2.84
C GLN A 13 -13.47 33.54 3.57
N THR A 14 -12.21 33.14 3.42
CA THR A 14 -11.11 33.85 4.09
C THR A 14 -10.14 34.43 3.08
N ALA A 15 -10.37 34.23 1.78
CA ALA A 15 -9.36 34.61 0.79
C ALA A 15 -9.13 36.14 0.72
N ALA A 16 -10.18 36.92 0.99
CA ALA A 16 -10.11 38.38 0.89
C ALA A 16 -9.20 38.92 1.99
N LYS A 17 -9.42 38.45 3.22
CA LYS A 17 -8.58 38.87 4.33
C LYS A 17 -7.11 38.46 4.12
N ALA A 18 -6.90 37.26 3.56
CA ALA A 18 -5.52 36.76 3.29
C ALA A 18 -4.83 37.67 2.27
N ASN A 19 -5.52 37.94 1.18
CA ASN A 19 -5.05 38.97 0.23
C ASN A 19 -4.74 40.33 0.89
N ALA A 20 -5.66 40.82 1.72
CA ALA A 20 -5.51 42.14 2.34
C ALA A 20 -4.19 42.30 3.07
N VAL A 21 -3.72 41.25 3.75
CA VAL A 21 -2.45 41.34 4.44
C VAL A 21 -1.30 40.81 3.59
N GLY A 22 -1.62 40.36 2.38
CA GLY A 22 -0.65 39.72 1.47
C GLY A 22 -0.09 38.33 1.81
N TYR A 23 -0.82 37.51 2.58
CA TYR A 23 -0.34 36.16 2.98
C TYR A 23 -1.23 35.10 2.34
N THR A 24 -0.81 34.62 1.18
CA THR A 24 -1.67 33.89 0.26
C THR A 24 -1.55 32.35 0.37
N HIS A 25 -0.58 31.85 1.13
CA HIS A 25 -0.41 30.42 1.27
C HIS A 25 0.64 30.07 2.30
N ALA A 26 0.54 28.85 2.80
CA ALA A 26 1.58 28.26 3.63
C ALA A 26 2.05 26.99 2.95
N LEU A 27 3.36 26.76 2.95
CA LEU A 27 3.93 25.53 2.43
C LEU A 27 4.61 24.88 3.61
N THR A 28 4.11 23.72 4.04
CA THR A 28 4.70 23.08 5.21
C THR A 28 5.13 21.67 4.80
N TRP A 29 5.77 20.96 5.71
CA TRP A 29 6.10 19.59 5.39
C TRP A 29 6.18 18.70 6.64
N VAL A 30 6.02 17.41 6.39
CA VAL A 30 6.25 16.39 7.39
C VAL A 30 7.14 15.35 6.73
N TRP A 31 7.51 14.36 7.51
CA TRP A 31 8.41 13.30 7.05
C TRP A 31 7.79 11.94 7.32
N HIS A 32 8.13 11.00 6.47
CA HIS A 32 7.75 9.63 6.71
C HIS A 32 8.83 8.65 6.25
N SER A 33 8.71 7.42 6.73
CA SER A 33 9.65 6.36 6.51
C SER A 33 9.39 5.68 5.20
N GLN A 34 10.22 4.67 4.94
CA GLN A 34 10.15 3.90 3.71
C GLN A 34 8.85 3.15 3.53
N THR A 35 8.22 2.77 4.64
CA THR A 35 6.96 2.04 4.63
C THR A 35 5.93 2.76 3.75
N TRP A 36 6.01 4.07 3.64
CA TRP A 36 4.99 4.88 2.96
C TRP A 36 5.48 5.50 1.67
N ASP A 37 6.65 5.07 1.22
CA ASP A 37 7.11 5.37 -0.15
C ASP A 37 6.36 4.54 -1.20
N VAL A 38 5.11 4.89 -1.46
CA VAL A 38 4.28 4.20 -2.43
C VAL A 38 3.64 5.25 -3.30
N ASP A 39 3.21 4.86 -4.51
CA ASP A 39 2.69 5.79 -5.55
C ASP A 39 1.54 6.65 -5.08
N SER A 40 0.63 6.05 -4.31
CA SER A 40 -0.58 6.73 -3.87
C SER A 40 -0.36 7.77 -2.74
N VAL A 41 0.87 7.88 -2.23
CA VAL A 41 1.19 8.94 -1.25
C VAL A 41 1.83 10.12 -1.99
N ARG A 42 1.07 11.19 -2.17
CA ARG A 42 1.50 12.34 -2.92
C ARG A 42 1.29 13.60 -2.11
N ASP A 43 2.19 14.55 -2.29
CA ASP A 43 2.10 15.88 -1.69
C ASP A 43 0.71 16.48 -1.83
N PRO A 44 0.03 16.67 -0.63
CA PRO A 44 -1.31 17.25 -0.80
C PRO A 44 -1.43 18.77 -0.90
N SER A 45 -2.52 19.20 -1.48
CA SER A 45 -2.88 20.58 -1.57
C SER A 45 -4.25 20.83 -0.95
N LEU A 46 -4.28 21.67 0.08
CA LEU A 46 -5.43 21.89 0.92
C LEU A 46 -5.94 23.32 0.99
N ARG A 47 -7.20 23.48 1.33
CA ARG A 47 -7.81 24.77 1.61
C ARG A 47 -8.14 24.80 3.06
N ALA A 48 -7.77 25.88 3.72
CA ALA A 48 -8.10 26.07 5.12
C ALA A 48 -8.44 27.54 5.35
N ASP A 49 -8.98 27.82 6.53
CA ASP A 49 -9.41 29.16 6.86
C ASP A 49 -8.22 30.01 7.31
N PHE A 50 -7.89 31.02 6.52
CA PHE A 50 -6.89 31.99 6.94
C PHE A 50 -7.40 32.74 8.16
N ASN A 51 -6.59 32.84 9.19
CA ASN A 51 -6.93 33.64 10.34
C ASN A 51 -5.68 34.35 10.83
N PRO A 52 -5.73 35.69 10.95
CA PRO A 52 -4.48 36.42 11.27
C PRO A 52 -3.94 36.23 12.66
N GLU A 53 -4.71 35.64 13.56
CA GLU A 53 -4.29 35.48 14.98
C GLU A 53 -4.15 34.04 15.47
N LYS A 54 -4.29 33.05 14.61
CA LYS A 54 -4.21 31.65 15.05
C LYS A 54 -3.02 30.93 14.45
N VAL A 55 -2.65 29.83 15.10
CA VAL A 55 -1.75 28.83 14.60
C VAL A 55 -2.60 27.54 14.57
N GLY A 56 -2.63 26.85 13.44
CA GLY A 56 -3.39 25.59 13.33
C GLY A 56 -2.48 24.38 13.23
N TRP A 57 -3.04 23.19 13.51
CA TRP A 57 -2.34 21.93 13.25
C TRP A 57 -2.78 21.32 11.91
N VAL A 58 -1.81 20.87 11.14
CA VAL A 58 -2.08 19.97 10.03
C VAL A 58 -1.69 18.56 10.54
N SER A 59 -2.58 17.60 10.42
CA SER A 59 -2.25 16.22 10.81
C SER A 59 -2.28 15.34 9.58
N VAL A 60 -1.30 14.44 9.51
CA VAL A 60 -1.16 13.54 8.40
C VAL A 60 -1.07 12.15 9.01
N SER A 61 -2.05 11.32 8.66
CA SER A 61 -2.16 9.95 9.13
C SER A 61 -1.91 9.03 7.96
N PHE A 62 -1.16 7.97 8.22
CA PHE A 62 -0.94 6.92 7.25
C PHE A 62 -1.45 5.63 7.87
N ALA A 63 -2.17 4.84 7.09
CA ALA A 63 -2.56 3.51 7.57
C ALA A 63 -2.66 2.54 6.40
N CYS A 64 -2.08 1.34 6.56
CA CYS A 64 -2.15 0.32 5.51
C CYS A 64 -3.53 -0.34 5.53
N THR A 65 -4.12 -0.53 4.37
CA THR A 65 -5.40 -1.24 4.27
C THR A 65 -5.35 -2.77 4.40
N GLN A 66 -4.16 -3.34 4.39
CA GLN A 66 -3.93 -4.77 4.39
C GLN A 66 -3.29 -5.22 5.64
N CYS A 67 -2.53 -4.35 6.26
CA CYS A 67 -1.92 -4.72 7.49
C CYS A 67 -2.25 -3.60 8.43
N THR A 68 -1.71 -3.61 9.59
CA THR A 68 -2.14 -2.57 10.47
C THR A 68 -1.05 -1.55 10.63
N ALA A 69 -0.09 -1.56 9.74
CA ALA A 69 0.94 -0.53 9.77
C ALA A 69 0.27 0.85 9.80
N HIS A 70 0.78 1.75 10.59
CA HIS A 70 0.18 3.07 10.67
C HIS A 70 1.21 4.08 11.17
N TYR A 71 0.97 5.36 10.88
CA TYR A 71 1.89 6.42 11.30
C TYR A 71 1.12 7.71 11.37
N TYR A 72 1.36 8.48 12.42
CA TYR A 72 0.70 9.77 12.62
C TYR A 72 1.79 10.81 12.83
N THR A 73 1.70 11.91 12.09
CA THR A 73 2.53 13.08 12.38
C THR A 73 1.70 14.32 12.24
N SER A 74 2.24 15.40 12.76
CA SER A 74 1.56 16.69 12.65
C SER A 74 2.60 17.84 12.68
N GLU A 75 2.15 19.01 12.24
CA GLU A 75 2.98 20.19 12.22
C GLU A 75 2.08 21.44 12.40
N GLN A 76 2.62 22.45 13.06
CA GLN A 76 1.91 23.75 13.28
C GLN A 76 2.04 24.63 12.06
N VAL A 77 0.97 25.33 11.72
CA VAL A 77 0.94 26.22 10.58
C VAL A 77 0.34 27.55 11.02
N LYS A 78 1.17 28.60 10.93
CA LYS A 78 0.75 29.93 11.33
C LYS A 78 -0.31 30.46 10.40
N TYR A 79 -1.32 31.07 10.98
CA TYR A 79 -2.38 31.82 10.28
C TYR A 79 -3.36 31.02 9.46
N PHE A 80 -3.36 29.70 9.61
CA PHE A 80 -4.38 28.88 8.97
C PHE A 80 -4.96 27.97 10.06
N THR A 81 -6.26 27.77 9.97
CA THR A 81 -7.00 27.06 11.00
C THR A 81 -8.06 26.17 10.33
N ASN A 82 -8.61 25.19 11.06
CA ASN A 82 -9.54 24.23 10.45
C ASN A 82 -8.94 23.54 9.26
N ILE A 83 -7.69 23.12 9.40
CA ILE A 83 -7.01 22.55 8.26
C ILE A 83 -7.57 21.13 8.09
N PRO A 84 -8.02 20.75 6.88
CA PRO A 84 -8.53 19.38 6.71
C PRO A 84 -7.48 18.34 7.13
N PRO A 85 -7.88 17.30 7.87
CA PRO A 85 -7.00 16.18 8.17
C PRO A 85 -6.58 15.50 6.91
N VAL A 86 -5.32 15.11 6.80
CA VAL A 86 -4.87 14.37 5.64
C VAL A 86 -4.79 12.90 6.04
N HIS A 87 -5.38 12.02 5.22
CA HIS A 87 -5.39 10.58 5.47
C HIS A 87 -4.89 9.84 4.25
N PHE A 88 -3.87 9.02 4.45
CA PHE A 88 -3.39 8.15 3.40
C PHE A 88 -3.75 6.76 3.84
N ASP A 89 -4.86 6.26 3.30
CA ASP A 89 -5.28 4.88 3.51
C ASP A 89 -4.82 4.11 2.29
N VAL A 90 -3.68 3.46 2.40
CA VAL A 90 -3.00 2.96 1.22
C VAL A 90 -2.50 1.56 1.49
N VAL A 91 -1.97 0.94 0.45
CA VAL A 91 -1.29 -0.33 0.60
C VAL A 91 0.18 0.03 0.80
N CYS A 92 0.73 -0.41 1.93
CA CYS A 92 2.06 -0.04 2.34
C CYS A 92 3.09 -0.77 1.50
N ALA A 93 4.36 -0.36 1.64
CA ALA A 93 5.45 -0.90 0.85
C ALA A 93 5.65 -2.40 1.01
N ASP A 94 5.40 -2.93 2.19
CA ASP A 94 5.56 -4.36 2.41
C ASP A 94 4.40 -5.17 1.84
N CYS A 95 3.21 -4.59 1.83
CA CYS A 95 2.01 -5.30 1.36
C CYS A 95 1.83 -5.29 -0.17
N GLU A 96 2.40 -4.27 -0.83
CA GLU A 96 2.52 -4.18 -2.29
C GLU A 96 3.07 -5.43 -2.97
N ARG A 97 4.05 -6.07 -2.33
CA ARG A 97 4.72 -7.22 -2.92
C ARG A 97 3.94 -8.51 -2.71
N SER A 98 3.35 -8.69 -1.53
CA SER A 98 2.62 -9.92 -1.23
C SER A 98 1.23 -9.98 -1.86
N VAL A 99 0.59 -8.87 -2.21
CA VAL A 99 -0.75 -8.91 -2.79
C VAL A 99 -0.73 -9.29 -4.26
N GLN A 100 0.01 -8.53 -5.08
CA GLN A 100 0.04 -8.75 -6.52
C GLN A 100 0.85 -9.95 -7.00
N LEU A 101 1.94 -10.39 -6.37
CA LEU A 101 2.70 -11.54 -6.85
C LEU A 101 2.03 -12.86 -6.44
N ASP A 102 1.71 -13.00 -5.16
CA ASP A 102 1.11 -14.23 -4.65
C ASP A 102 -0.22 -14.55 -5.29
N ASP A 103 -0.98 -13.57 -5.80
CA ASP A 103 -2.29 -13.85 -6.40
C ASP A 103 -2.19 -14.73 -7.64
N GLU A 104 -1.10 -14.59 -8.40
CA GLU A 104 -0.90 -15.38 -9.61
C GLU A 104 -0.36 -16.75 -9.18
N ILE A 105 0.75 -16.71 -8.45
CA ILE A 105 1.39 -17.97 -7.97
C ILE A 105 0.36 -18.85 -7.23
N ASP A 106 -0.43 -18.24 -6.35
CA ASP A 106 -1.43 -18.97 -5.54
C ASP A 106 -2.53 -19.58 -6.40
N ARG A 107 -3.05 -18.81 -7.34
CA ARG A 107 -4.08 -19.30 -8.28
C ARG A 107 -3.57 -20.44 -9.11
N GLU A 108 -2.32 -20.41 -9.50
CA GLU A 108 -1.76 -21.40 -10.40
C GLU A 108 -1.39 -22.65 -9.63
N HIS A 109 -0.94 -22.49 -8.40
CA HIS A 109 -0.85 -23.65 -7.51
C HIS A 109 -2.22 -24.31 -7.28
N GLN A 110 -3.27 -23.53 -7.08
CA GLN A 110 -4.61 -24.10 -6.92
C GLN A 110 -5.00 -24.95 -8.13
N GLU A 111 -4.80 -24.42 -9.31
CA GLU A 111 -5.11 -25.14 -10.59
C GLU A 111 -4.34 -26.42 -10.77
N ARG A 112 -3.07 -26.36 -10.41
CA ARG A 112 -2.20 -27.47 -10.66
C ARG A 112 -2.55 -28.57 -9.72
N ASN A 113 -2.77 -28.20 -8.47
CA ASN A 113 -3.13 -29.14 -7.44
C ASN A 113 -4.48 -29.82 -7.73
N ALA A 114 -5.40 -29.13 -8.40
CA ALA A 114 -6.61 -29.77 -8.87
C ALA A 114 -6.28 -30.87 -9.85
N GLU A 115 -5.32 -30.60 -10.73
CA GLU A 115 -4.93 -31.59 -11.71
C GLU A 115 -4.14 -32.74 -11.09
N ILE A 116 -3.37 -32.41 -10.07
CA ILE A 116 -2.67 -33.43 -9.32
C ILE A 116 -3.68 -34.32 -8.63
N SER A 117 -4.73 -33.72 -8.05
CA SER A 117 -5.77 -34.50 -7.38
C SER A 117 -6.34 -35.55 -8.30
N ALA A 118 -6.63 -35.11 -9.53
CA ALA A 118 -7.28 -35.90 -10.57
C ALA A 118 -6.38 -37.02 -11.01
N CYS A 119 -5.08 -36.74 -11.08
CA CYS A 119 -4.11 -37.74 -11.50
C CYS A 119 -3.98 -38.78 -10.46
N ASN A 120 -3.92 -38.38 -9.20
CA ASN A 120 -3.83 -39.34 -8.12
C ASN A 120 -5.05 -40.25 -8.06
N ALA A 121 -6.22 -39.67 -8.26
CA ALA A 121 -7.45 -40.46 -8.21
C ALA A 121 -7.51 -41.46 -9.32
N ARG A 122 -7.16 -41.00 -10.53
CA ARG A 122 -7.15 -41.86 -11.67
C ARG A 122 -6.18 -43.03 -11.49
N ALA A 123 -5.01 -42.76 -10.94
CA ALA A 123 -4.04 -43.78 -10.63
C ALA A 123 -4.55 -44.81 -9.62
N LEU A 124 -5.21 -44.36 -8.55
CA LEU A 124 -5.84 -45.28 -7.59
C LEU A 124 -6.91 -46.16 -8.28
N SER A 125 -7.54 -45.67 -9.35
CA SER A 125 -8.49 -46.52 -10.09
C SER A 125 -7.85 -47.46 -11.10
N GLU A 126 -6.58 -47.23 -11.43
CA GLU A 126 -5.86 -48.10 -12.37
C GLU A 126 -4.89 -49.05 -11.65
N GLY A 127 -4.84 -48.99 -10.33
CA GLY A 127 -3.98 -49.89 -9.54
C GLY A 127 -2.49 -49.53 -9.60
N ARG A 128 -2.17 -48.27 -9.90
CA ARG A 128 -0.82 -47.74 -9.76
C ARG A 128 -0.69 -46.93 -8.45
N PRO A 129 0.54 -46.81 -7.90
CA PRO A 129 0.59 -45.95 -6.73
C PRO A 129 0.27 -44.47 -7.10
N ALA A 130 -0.44 -43.82 -6.19
CA ALA A 130 -0.83 -42.44 -6.35
C ALA A 130 0.24 -41.63 -5.65
N SER A 131 1.26 -41.25 -6.38
CA SER A 131 2.51 -40.74 -5.83
C SER A 131 2.69 -39.21 -5.86
N LEU A 132 1.76 -38.48 -6.47
CA LEU A 132 1.92 -37.03 -6.61
C LEU A 132 1.55 -36.27 -5.36
N VAL A 133 2.16 -35.09 -5.21
CA VAL A 133 1.98 -34.26 -4.04
C VAL A 133 1.64 -32.84 -4.51
N TYR A 134 0.86 -32.15 -3.68
CA TYR A 134 0.42 -30.81 -3.96
C TYR A 134 1.64 -29.89 -3.91
N LEU A 135 1.60 -28.84 -4.71
CA LEU A 135 2.66 -27.83 -4.76
C LEU A 135 2.51 -26.76 -3.68
N SER A 136 3.64 -26.21 -3.26
CA SER A 136 3.76 -25.00 -2.47
C SER A 136 5.03 -24.29 -2.97
N ARG A 137 5.29 -23.11 -2.46
CA ARG A 137 6.49 -22.38 -2.90
C ARG A 137 7.82 -23.11 -2.60
N ASP A 138 7.77 -24.03 -1.66
CA ASP A 138 9.00 -24.66 -1.23
C ASP A 138 9.27 -25.92 -2.03
N ALA A 139 8.35 -26.25 -2.93
CA ALA A 139 8.43 -27.50 -3.67
C ALA A 139 7.43 -27.40 -4.81
N CYS A 140 7.93 -26.96 -5.96
CA CYS A 140 7.05 -26.58 -7.07
C CYS A 140 7.59 -27.12 -8.37
N ASP A 141 6.74 -27.64 -9.22
CA ASP A 141 7.23 -28.23 -10.49
C ASP A 141 6.69 -27.47 -11.70
N ILE A 142 6.22 -26.24 -11.47
CA ILE A 142 5.94 -25.31 -12.56
C ILE A 142 7.19 -24.51 -12.96
N PRO A 143 7.70 -24.72 -14.18
CA PRO A 143 9.02 -24.17 -14.53
C PRO A 143 9.10 -22.63 -14.52
N GLU A 144 7.99 -21.99 -14.88
CA GLU A 144 7.86 -20.53 -14.92
C GLU A 144 7.84 -19.88 -13.53
N HIS A 145 7.73 -20.70 -12.49
CA HIS A 145 7.71 -20.22 -11.12
C HIS A 145 9.12 -20.24 -10.53
N SER A 146 10.04 -20.93 -11.18
CA SER A 146 11.40 -21.07 -10.64
C SER A 146 11.95 -19.72 -10.17
N GLY A 147 12.44 -19.69 -8.94
CA GLY A 147 12.88 -18.44 -8.28
C GLY A 147 11.86 -17.96 -7.27
N ARG A 148 10.66 -17.65 -7.76
CA ARG A 148 9.60 -17.35 -6.83
C ARG A 148 9.31 -18.61 -6.03
N CYS A 149 9.37 -19.78 -6.67
CA CYS A 149 9.20 -21.04 -5.93
C CYS A 149 10.49 -21.81 -6.08
N ARG A 150 10.66 -22.81 -5.23
CA ARG A 150 11.75 -23.79 -5.39
C ARG A 150 11.37 -24.85 -6.43
N PHE A 151 12.02 -24.77 -7.59
CA PHE A 151 11.73 -25.60 -8.73
C PHE A 151 12.32 -26.96 -8.51
N VAL A 152 11.42 -27.94 -8.44
CA VAL A 152 11.78 -29.31 -8.27
C VAL A 152 11.20 -30.03 -9.46
N LYS A 153 12.10 -30.12 -10.59
CA LYS A 153 11.55 -30.53 -11.87
C LYS A 153 10.81 -31.87 -11.87
N TYR A 154 11.34 -32.81 -11.16
CA TYR A 154 10.81 -34.18 -11.21
C TYR A 154 10.04 -34.55 -9.99
N LEU A 155 9.49 -33.53 -9.32
CA LEU A 155 8.70 -33.71 -8.08
C LEU A 155 7.58 -34.70 -8.31
N ASN A 156 6.78 -34.48 -9.34
CA ASN A 156 5.66 -35.31 -9.69
C ASN A 156 5.87 -36.11 -10.95
N PHE A 157 7.12 -36.54 -11.20
CA PHE A 157 7.48 -37.35 -12.35
C PHE A 157 6.37 -38.27 -12.86
ZN ZN B . 0.72 -3.18 4.94
ZN ZN C . 5.10 -22.46 -7.75
N MET A 1 14.02 8.60 2.47
CA MET A 1 13.71 10.03 2.81
C MET A 1 12.99 10.71 1.65
N THR A 2 11.69 10.96 1.79
CA THR A 2 10.91 11.58 0.72
C THR A 2 10.13 12.77 1.28
N ARG A 3 10.19 13.92 0.58
CA ARG A 3 9.46 15.12 0.98
C ARG A 3 8.02 14.98 0.50
N LEU A 4 7.06 15.23 1.38
CA LEU A 4 5.66 15.36 0.97
C LEU A 4 5.25 16.79 1.15
N GLU A 5 5.01 17.50 0.06
CA GLU A 5 4.55 18.88 0.11
C GLU A 5 3.02 19.00 0.34
N VAL A 6 2.64 20.00 1.12
CA VAL A 6 1.24 20.24 1.43
C VAL A 6 0.92 21.71 1.14
N LEU A 7 0.02 21.95 0.18
CA LEU A 7 -0.42 23.33 -0.17
C LEU A 7 -1.69 23.62 0.58
N ILE A 8 -1.71 24.76 1.29
CA ILE A 8 -2.89 25.17 2.06
C ILE A 8 -3.37 26.54 1.51
N ARG A 9 -4.66 26.64 1.21
CA ARG A 9 -5.27 27.87 0.66
C ARG A 9 -6.53 28.17 1.46
N PRO A 10 -6.99 29.44 1.47
CA PRO A 10 -8.06 29.83 2.35
C PRO A 10 -9.38 29.17 1.94
N THR A 11 -10.19 28.85 2.92
CA THR A 11 -11.60 28.51 2.68
C THR A 11 -12.32 29.75 2.14
N GLU A 12 -13.49 29.56 1.53
CA GLU A 12 -14.31 30.69 1.04
C GLU A 12 -14.61 31.74 2.13
N GLN A 13 -14.79 31.31 3.35
CA GLN A 13 -15.20 32.18 4.44
C GLN A 13 -14.06 33.04 4.97
N THR A 14 -12.83 32.69 4.62
CA THR A 14 -11.66 33.46 5.07
C THR A 14 -10.90 34.04 3.89
N ALA A 15 -11.33 33.79 2.66
CA ALA A 15 -10.52 34.17 1.50
C ALA A 15 -10.38 35.69 1.35
N ALA A 16 -11.40 36.44 1.77
CA ALA A 16 -11.42 37.91 1.62
C ALA A 16 -10.36 38.52 2.53
N LYS A 17 -10.36 38.09 3.79
CA LYS A 17 -9.37 38.58 4.73
C LYS A 17 -7.93 38.23 4.28
N ALA A 18 -7.75 37.02 3.74
CA ALA A 18 -6.43 36.57 3.26
C ALA A 18 -5.96 37.44 2.11
N ASN A 19 -6.83 37.66 1.14
CA ASN A 19 -6.57 38.67 0.11
C ASN A 19 -6.22 40.07 0.65
N ALA A 20 -7.00 40.55 1.62
CA ALA A 20 -6.81 41.90 2.16
C ALA A 20 -5.40 42.13 2.65
N VAL A 21 -4.78 41.13 3.27
CA VAL A 21 -3.41 41.29 3.73
C VAL A 21 -2.40 40.77 2.73
N GLY A 22 -2.89 40.27 1.59
CA GLY A 22 -2.06 39.64 0.57
C GLY A 22 -1.39 38.28 0.84
N TYR A 23 -1.96 37.46 1.74
CA TYR A 23 -1.35 36.14 2.11
C TYR A 23 -2.28 35.03 1.66
N THR A 24 -2.04 34.52 0.46
CA THR A 24 -3.00 33.73 -0.29
C THR A 24 -2.81 32.20 -0.14
N HIS A 25 -1.69 31.78 0.45
CA HIS A 25 -1.44 30.35 0.60
C HIS A 25 -0.22 30.09 1.46
N ALA A 26 -0.18 28.87 2.00
CA ALA A 26 1.01 28.36 2.66
C ALA A 26 1.43 27.08 1.96
N LEU A 27 2.72 26.91 1.73
CA LEU A 27 3.25 25.68 1.18
C LEU A 27 4.14 25.10 2.25
N THR A 28 3.78 23.95 2.79
CA THR A 28 4.58 23.37 3.85
C THR A 28 5.00 21.97 3.43
N TRP A 29 5.81 21.32 4.24
CA TRP A 29 6.14 19.94 3.91
C TRP A 29 6.48 19.11 5.15
N VAL A 30 6.32 17.81 4.98
CA VAL A 30 6.77 16.83 5.96
C VAL A 30 7.58 15.81 5.19
N TRP A 31 8.12 14.85 5.91
CA TRP A 31 8.98 13.83 5.35
C TRP A 31 8.48 12.46 5.76
N HIS A 32 8.71 11.49 4.90
CA HIS A 32 8.44 10.12 5.23
C HIS A 32 9.46 9.17 4.64
N SER A 33 9.48 7.95 5.16
CA SER A 33 10.42 6.92 4.82
C SER A 33 9.98 6.18 3.59
N GLN A 34 10.80 5.19 3.24
CA GLN A 34 10.57 4.37 2.06
C GLN A 34 9.27 3.56 2.12
N THR A 35 8.86 3.22 3.33
CA THR A 35 7.66 2.43 3.54
C THR A 35 6.46 3.07 2.83
N TRP A 36 6.47 4.39 2.68
CA TRP A 36 5.31 5.12 2.15
C TRP A 36 5.54 5.71 0.78
N ASP A 37 6.66 5.32 0.14
CA ASP A 37 6.85 5.59 -1.29
C ASP A 37 5.98 4.69 -2.17
N VAL A 38 4.70 4.98 -2.22
CA VAL A 38 3.74 4.21 -3.02
C VAL A 38 2.92 5.21 -3.80
N ASP A 39 2.31 4.75 -4.91
CA ASP A 39 1.59 5.63 -5.87
C ASP A 39 0.49 6.46 -5.24
N SER A 40 -0.24 5.85 -4.32
CA SER A 40 -1.40 6.50 -3.70
C SER A 40 -1.03 7.58 -2.67
N VAL A 41 0.25 7.77 -2.36
CA VAL A 41 0.69 8.87 -1.49
C VAL A 41 1.14 10.04 -2.35
N ARG A 42 0.31 11.07 -2.43
CA ARG A 42 0.56 12.21 -3.29
C ARG A 42 0.44 13.50 -2.49
N ASP A 43 1.24 14.49 -2.85
CA ASP A 43 1.20 15.82 -2.28
C ASP A 43 -0.22 16.36 -2.21
N PRO A 44 -0.70 16.57 -0.91
CA PRO A 44 -2.07 17.09 -0.87
C PRO A 44 -2.28 18.60 -1.00
N SER A 45 -3.48 18.96 -1.40
CA SER A 45 -3.90 20.33 -1.48
C SER A 45 -5.16 20.55 -0.64
N LEU A 46 -5.06 21.41 0.35
CA LEU A 46 -6.07 21.62 1.37
C LEU A 46 -6.61 23.03 1.47
N ARG A 47 -7.80 23.15 2.02
CA ARG A 47 -8.41 24.42 2.35
C ARG A 47 -8.51 24.51 3.84
N ALA A 48 -8.08 25.63 4.40
CA ALA A 48 -8.18 25.86 5.82
C ALA A 48 -8.55 27.30 6.07
N ASP A 49 -8.90 27.62 7.30
CA ASP A 49 -9.32 28.96 7.67
C ASP A 49 -8.11 29.87 7.88
N PHE A 50 -7.97 30.85 7.01
CA PHE A 50 -6.94 31.87 7.24
C PHE A 50 -7.29 32.66 8.50
N ASN A 51 -6.33 32.82 9.37
CA ASN A 51 -6.50 33.66 10.53
C ASN A 51 -5.22 34.43 10.79
N PRO A 52 -5.31 35.76 10.87
CA PRO A 52 -4.06 36.56 10.96
C PRO A 52 -3.29 36.44 12.25
N GLU A 53 -3.88 35.86 13.28
CA GLU A 53 -3.21 35.77 14.60
C GLU A 53 -2.94 34.37 15.12
N LYS A 54 -3.17 33.33 14.32
CA LYS A 54 -2.95 31.95 14.79
C LYS A 54 -1.85 31.26 14.01
N VAL A 55 -1.33 30.19 14.63
CA VAL A 55 -0.48 29.21 14.02
C VAL A 55 -1.27 27.90 14.17
N GLY A 56 -1.44 27.15 13.08
CA GLY A 56 -2.16 25.86 13.14
C GLY A 56 -1.22 24.69 12.93
N TRP A 57 -1.67 23.49 13.34
CA TRP A 57 -0.97 22.24 13.00
C TRP A 57 -1.60 21.58 11.77
N VAL A 58 -0.75 21.13 10.86
CA VAL A 58 -1.16 20.17 9.84
C VAL A 58 -0.62 18.82 10.32
N SER A 59 -1.47 17.81 10.37
CA SER A 59 -1.03 16.47 10.75
C SER A 59 -1.23 15.53 9.57
N VAL A 60 -0.22 14.67 9.36
CA VAL A 60 -0.24 13.74 8.27
C VAL A 60 0.02 12.38 8.91
N SER A 61 -0.96 11.49 8.76
CA SER A 61 -0.94 10.15 9.27
C SER A 61 -0.84 9.19 8.10
N PHE A 62 -0.02 8.17 8.27
CA PHE A 62 0.09 7.08 7.31
C PHE A 62 -0.25 5.80 8.05
N ALA A 63 -1.05 4.96 7.42
CA ALA A 63 -1.30 3.64 8.00
C ALA A 63 -1.55 2.61 6.89
N CYS A 64 -0.90 1.45 6.98
CA CYS A 64 -1.10 0.39 6.00
C CYS A 64 -2.42 -0.32 6.27
N THR A 65 -3.18 -0.59 5.24
CA THR A 65 -4.44 -1.35 5.37
C THR A 65 -4.30 -2.88 5.53
N GLN A 66 -3.09 -3.38 5.35
CA GLN A 66 -2.82 -4.81 5.35
C GLN A 66 -1.94 -5.19 6.49
N CYS A 67 -1.14 -4.27 6.95
CA CYS A 67 -0.31 -4.56 8.06
C CYS A 67 -0.54 -3.43 9.01
N THR A 68 0.19 -3.36 10.07
CA THR A 68 -0.13 -2.31 10.97
C THR A 68 0.92 -1.25 10.92
N ALA A 69 1.72 -1.25 9.88
CA ALA A 69 2.69 -0.18 9.71
C ALA A 69 1.97 1.16 9.80
N HIS A 70 2.58 2.12 10.47
CA HIS A 70 1.93 3.42 10.60
C HIS A 70 2.97 4.50 10.89
N TYR A 71 2.63 5.75 10.61
CA TYR A 71 3.57 6.84 10.84
C TYR A 71 2.76 8.11 11.00
N TYR A 72 3.15 8.93 11.97
CA TYR A 72 2.46 10.20 12.24
C TYR A 72 3.52 11.29 12.24
N THR A 73 3.27 12.36 11.49
CA THR A 73 4.08 13.57 11.59
C THR A 73 3.17 14.76 11.55
N SER A 74 3.75 15.89 11.94
CA SER A 74 3.00 17.15 11.91
C SER A 74 3.98 18.34 11.74
N GLU A 75 3.42 19.47 11.33
CA GLU A 75 4.19 20.69 11.14
C GLU A 75 3.27 21.90 11.44
N GLN A 76 3.86 22.95 11.97
CA GLN A 76 3.14 24.23 12.25
C GLN A 76 3.02 25.08 11.02
N VAL A 77 1.88 25.71 10.83
CA VAL A 77 1.62 26.56 9.68
C VAL A 77 1.06 27.89 10.19
N LYS A 78 1.80 28.96 9.91
CA LYS A 78 1.40 30.29 10.34
C LYS A 78 0.17 30.74 9.59
N TYR A 79 -0.77 31.34 10.31
CA TYR A 79 -1.96 32.02 9.78
C TYR A 79 -3.01 31.14 9.15
N PHE A 80 -2.93 29.83 9.35
CA PHE A 80 -4.00 28.95 8.91
C PHE A 80 -4.35 28.06 10.10
N THR A 81 -5.64 27.79 10.25
CA THR A 81 -6.16 27.11 11.40
C THR A 81 -7.28 26.14 10.95
N ASN A 82 -7.66 25.19 11.79
CA ASN A 82 -8.63 24.16 11.37
C ASN A 82 -8.21 23.45 10.11
N ILE A 83 -6.93 23.08 10.06
CA ILE A 83 -6.43 22.49 8.85
C ILE A 83 -6.93 21.05 8.81
N PRO A 84 -7.57 20.61 7.71
CA PRO A 84 -8.04 19.22 7.67
C PRO A 84 -6.88 18.23 7.94
N PRO A 85 -7.12 17.20 8.77
CA PRO A 85 -6.14 16.14 8.95
C PRO A 85 -5.91 15.43 7.65
N VAL A 86 -4.67 15.07 7.35
CA VAL A 86 -4.38 14.32 6.15
C VAL A 86 -4.18 12.87 6.57
N HIS A 87 -4.86 11.94 5.89
CA HIS A 87 -4.75 10.50 6.18
C HIS A 87 -4.44 9.74 4.92
N PHE A 88 -3.37 8.97 4.97
CA PHE A 88 -3.02 8.08 3.88
C PHE A 88 -3.24 6.69 4.43
N ASP A 89 -4.40 6.13 4.09
CA ASP A 89 -4.72 4.74 4.41
C ASP A 89 -4.44 3.95 3.15
N VAL A 90 -3.25 3.35 3.10
CA VAL A 90 -2.76 2.82 1.83
C VAL A 90 -2.16 1.47 2.05
N VAL A 91 -1.79 0.83 0.97
CA VAL A 91 -1.04 -0.41 1.03
C VAL A 91 0.42 0.01 0.98
N CYS A 92 1.17 -0.36 2.01
CA CYS A 92 2.54 0.07 2.19
C CYS A 92 3.45 -0.65 1.20
N ALA A 93 4.70 -0.18 1.12
CA ALA A 93 5.68 -0.71 0.17
C ALA A 93 5.96 -2.19 0.34
N ASP A 94 5.93 -2.69 1.56
CA ASP A 94 6.20 -4.10 1.80
C ASP A 94 5.00 -4.98 1.45
N CYS A 95 3.79 -4.45 1.62
CA CYS A 95 2.58 -5.22 1.38
C CYS A 95 2.14 -5.27 -0.09
N GLU A 96 2.54 -4.27 -0.87
CA GLU A 96 2.41 -4.22 -2.33
C GLU A 96 2.90 -5.47 -3.05
N ARG A 97 3.97 -6.02 -2.49
CA ARG A 97 4.63 -7.19 -3.07
C ARG A 97 3.88 -8.48 -2.74
N SER A 98 3.40 -8.64 -1.51
CA SER A 98 2.70 -9.84 -1.11
C SER A 98 1.27 -9.96 -1.64
N VAL A 99 0.57 -8.84 -1.87
CA VAL A 99 -0.80 -8.90 -2.35
C VAL A 99 -0.87 -9.18 -3.85
N GLN A 100 0.01 -8.57 -4.63
CA GLN A 100 0.02 -8.72 -6.08
C GLN A 100 0.63 -10.01 -6.60
N LEU A 101 1.61 -10.64 -5.94
CA LEU A 101 2.21 -11.89 -6.42
C LEU A 101 1.29 -13.07 -6.08
N ASP A 102 0.43 -12.89 -5.08
CA ASP A 102 -0.49 -13.95 -4.66
C ASP A 102 -1.41 -14.41 -5.79
N ASP A 103 -1.82 -13.51 -6.70
CA ASP A 103 -2.70 -13.88 -7.80
C ASP A 103 -1.99 -14.74 -8.84
N GLU A 104 -0.67 -14.61 -8.94
CA GLU A 104 0.13 -15.38 -9.88
C GLU A 104 0.37 -16.76 -9.28
N ILE A 105 0.96 -16.79 -8.09
CA ILE A 105 1.22 -18.07 -7.40
C ILE A 105 -0.05 -18.93 -7.35
N ASP A 106 -1.17 -18.32 -6.97
CA ASP A 106 -2.46 -19.02 -6.82
C ASP A 106 -2.97 -19.56 -8.15
N ARG A 107 -2.92 -18.75 -9.20
CA ARG A 107 -3.32 -19.18 -10.54
C ARG A 107 -2.48 -20.32 -11.05
N GLU A 108 -1.21 -20.32 -10.72
CA GLU A 108 -0.28 -21.31 -11.24
C GLU A 108 -0.40 -22.60 -10.45
N HIS A 109 -0.64 -22.49 -9.15
CA HIS A 109 -1.06 -23.66 -8.40
C HIS A 109 -2.36 -24.28 -8.94
N GLN A 110 -3.35 -23.46 -9.28
CA GLN A 110 -4.58 -23.98 -9.86
C GLN A 110 -4.32 -24.80 -11.12
N GLU A 111 -3.51 -24.24 -12.01
CA GLU A 111 -3.15 -24.91 -13.30
C GLU A 111 -2.41 -26.22 -13.11
N ARG A 112 -1.51 -26.22 -12.14
CA ARG A 112 -0.66 -27.35 -11.95
C ARG A 112 -1.48 -28.47 -11.38
N ASN A 113 -2.31 -28.12 -10.41
CA ASN A 113 -3.16 -29.07 -9.76
C ASN A 113 -4.19 -29.68 -10.72
N ALA A 114 -4.61 -28.93 -11.75
CA ALA A 114 -5.41 -29.52 -12.79
C ALA A 114 -4.64 -30.60 -13.52
N GLU A 115 -3.36 -30.36 -13.76
CA GLU A 115 -2.54 -31.34 -14.44
C GLU A 115 -2.22 -32.52 -13.54
N ILE A 116 -2.08 -32.27 -12.26
CA ILE A 116 -1.89 -33.32 -11.30
C ILE A 116 -3.14 -34.19 -11.27
N SER A 117 -4.31 -33.57 -11.30
CA SER A 117 -5.57 -34.31 -11.30
C SER A 117 -5.61 -35.32 -12.42
N ALA A 118 -5.21 -34.83 -13.60
CA ALA A 118 -5.24 -35.57 -14.86
C ALA A 118 -4.26 -36.71 -14.82
N CYS A 119 -3.11 -36.49 -14.20
CA CYS A 119 -2.08 -37.51 -14.10
C CYS A 119 -2.53 -38.58 -13.17
N ASN A 120 -3.13 -38.22 -12.06
CA ASN A 120 -3.63 -39.21 -11.11
C ASN A 120 -4.73 -40.06 -11.74
N ALA A 121 -5.61 -39.43 -12.50
CA ALA A 121 -6.71 -40.17 -13.11
C ALA A 121 -6.20 -41.16 -14.15
N ARG A 122 -5.28 -40.67 -14.98
CA ARG A 122 -4.68 -41.51 -15.98
C ARG A 122 -3.99 -42.71 -15.38
N ALA A 123 -3.26 -42.50 -14.29
CA ALA A 123 -2.61 -43.57 -13.57
C ALA A 123 -3.60 -44.60 -13.02
N LEU A 124 -4.70 -44.15 -12.41
CA LEU A 124 -5.75 -45.07 -11.96
C LEU A 124 -6.33 -45.89 -13.13
N SER A 125 -6.31 -45.36 -14.36
CA SER A 125 -6.77 -46.15 -15.53
C SER A 125 -5.70 -47.07 -16.10
N GLU A 126 -4.45 -46.91 -15.71
CA GLU A 126 -3.38 -47.76 -16.18
C GLU A 126 -2.92 -48.77 -15.10
N GLY A 127 -3.57 -48.74 -13.94
CA GLY A 127 -3.26 -49.70 -12.87
C GLY A 127 -1.95 -49.41 -12.13
N ARG A 128 -1.50 -48.15 -12.17
CA ARG A 128 -0.39 -47.69 -11.34
C ARG A 128 -0.95 -46.91 -10.11
N PRO A 129 -0.17 -46.84 -9.00
CA PRO A 129 -0.71 -46.02 -7.93
C PRO A 129 -0.77 -44.53 -8.35
N ALA A 130 -1.83 -43.87 -7.91
CA ALA A 130 -2.06 -42.47 -8.20
C ALA A 130 -1.48 -41.73 -7.01
N SER A 131 -0.22 -41.36 -7.09
CA SER A 131 0.57 -40.92 -5.96
C SER A 131 0.77 -39.40 -5.82
N LEU A 132 0.31 -38.61 -6.79
CA LEU A 132 0.56 -37.18 -6.77
C LEU A 132 -0.39 -36.42 -5.86
N VAL A 133 0.08 -35.28 -5.36
CA VAL A 133 -0.66 -34.47 -4.42
C VAL A 133 -0.68 -33.03 -4.93
N TYR A 134 -1.76 -32.33 -4.60
CA TYR A 134 -1.97 -30.97 -5.01
C TYR A 134 -0.92 -30.10 -4.30
N LEU A 135 -0.53 -29.02 -4.96
CA LEU A 135 0.43 -28.06 -4.41
C LEU A 135 -0.24 -27.01 -3.52
N SER A 136 0.53 -26.52 -2.56
CA SER A 136 0.26 -25.34 -1.77
C SER A 136 1.61 -24.67 -1.51
N ARG A 137 1.60 -23.51 -0.88
CA ARG A 137 2.86 -22.81 -0.61
C ARG A 137 3.83 -23.60 0.30
N ASP A 138 3.29 -24.54 1.04
CA ASP A 138 4.09 -25.23 2.02
C ASP A 138 4.71 -26.49 1.41
N ALA A 139 4.39 -26.77 0.16
CA ALA A 139 4.80 -27.99 -0.49
C ALA A 139 4.54 -27.83 -1.97
N CYS A 140 5.58 -27.37 -2.69
CA CYS A 140 5.41 -26.92 -4.08
C CYS A 140 6.54 -27.47 -4.92
N ASP A 141 6.24 -27.93 -6.11
CA ASP A 141 7.29 -28.50 -6.98
C ASP A 141 7.48 -27.69 -8.25
N ILE A 142 6.99 -26.45 -8.24
CA ILE A 142 7.34 -25.48 -9.28
C ILE A 142 8.63 -24.72 -8.96
N PRO A 143 9.70 -24.93 -9.74
CA PRO A 143 11.01 -24.42 -9.33
C PRO A 143 11.10 -22.88 -9.21
N GLU A 144 10.36 -22.19 -10.06
CA GLU A 144 10.31 -20.73 -10.11
C GLU A 144 9.58 -20.12 -8.90
N HIS A 145 8.93 -20.96 -8.10
CA HIS A 145 8.22 -20.50 -6.92
C HIS A 145 9.10 -20.60 -5.69
N SER A 146 10.22 -21.31 -5.80
CA SER A 146 11.10 -21.53 -4.65
C SER A 146 11.35 -20.21 -3.90
N GLY A 147 11.14 -20.23 -2.59
CA GLY A 147 11.20 -19.02 -1.76
C GLY A 147 9.82 -18.52 -1.39
N ARG A 148 9.06 -18.14 -2.42
CA ARG A 148 7.68 -17.83 -2.15
C ARG A 148 6.98 -19.09 -1.67
N CYS A 149 7.34 -20.24 -2.24
CA CYS A 149 6.79 -21.52 -1.75
C CYS A 149 7.93 -22.34 -1.25
N ARG A 150 7.63 -23.37 -0.46
CA ARG A 150 8.63 -24.38 -0.09
C ARG A 150 8.81 -25.40 -1.22
N PHE A 151 9.97 -25.31 -1.87
CA PHE A 151 10.30 -26.10 -3.04
C PHE A 151 10.66 -27.50 -2.60
N VAL A 152 9.83 -28.43 -3.04
CA VAL A 152 10.02 -29.82 -2.76
C VAL A 152 10.12 -30.49 -4.11
N LYS A 153 11.47 -30.59 -4.63
CA LYS A 153 11.66 -30.94 -6.02
C LYS A 153 10.99 -32.24 -6.45
N TYR A 154 11.06 -33.24 -5.62
CA TYR A 154 10.61 -34.58 -5.99
C TYR A 154 9.29 -34.94 -5.36
N LEU A 155 8.51 -33.92 -5.02
CA LEU A 155 7.19 -34.09 -4.39
C LEU A 155 6.32 -35.04 -5.19
N ASN A 156 6.18 -34.76 -6.49
CA ASN A 156 5.39 -35.53 -7.39
C ASN A 156 6.20 -36.32 -8.40
N PHE A 157 7.40 -36.76 -8.03
CA PHE A 157 8.26 -37.51 -8.94
C PHE A 157 9.26 -38.35 -8.14
ZN ZN B . 1.79 -3.01 5.05
ZN ZN C . 4.18 -22.72 -5.48
N MET A 1 13.86 9.50 -0.14
CA MET A 1 13.56 10.91 0.26
C MET A 1 12.65 11.56 -0.76
N THR A 2 11.37 11.76 -0.42
CA THR A 2 10.41 12.36 -1.35
C THR A 2 9.69 13.53 -0.68
N ARG A 3 9.60 14.67 -1.37
CA ARG A 3 8.89 15.84 -0.84
C ARG A 3 7.41 15.65 -1.09
N LEU A 4 6.59 15.87 -0.08
CA LEU A 4 5.14 15.94 -0.27
C LEU A 4 4.70 17.36 -0.01
N GLU A 5 4.28 18.06 -1.05
CA GLU A 5 3.79 19.42 -0.91
C GLU A 5 2.31 19.50 -0.45
N VAL A 6 2.01 20.48 0.38
CA VAL A 6 0.67 20.66 0.92
C VAL A 6 0.26 22.13 0.68
N LEU A 7 -0.78 22.33 -0.12
CA LEU A 7 -1.32 23.69 -0.38
C LEU A 7 -2.47 23.93 0.56
N ILE A 8 -2.42 25.06 1.27
CA ILE A 8 -3.49 25.44 2.21
C ILE A 8 -4.09 26.78 1.76
N ARG A 9 -5.42 26.84 1.66
CA ARG A 9 -6.16 28.04 1.22
C ARG A 9 -7.28 28.30 2.21
N PRO A 10 -7.77 29.55 2.30
CA PRO A 10 -8.72 29.90 3.34
C PRO A 10 -10.06 29.19 3.13
N THR A 11 -10.70 28.85 4.23
CA THR A 11 -12.11 28.44 4.18
C THR A 11 -12.95 29.66 3.78
N GLU A 12 -14.19 29.43 3.36
CA GLU A 12 -15.13 30.53 3.01
C GLU A 12 -15.29 31.57 4.13
N GLN A 13 -15.27 31.11 5.37
CA GLN A 13 -15.53 31.97 6.52
C GLN A 13 -14.36 32.87 6.87
N THR A 14 -13.17 32.57 6.35
CA THR A 14 -11.99 33.38 6.62
C THR A 14 -11.43 34.00 5.34
N ALA A 15 -12.04 33.73 4.18
CA ALA A 15 -11.43 34.15 2.92
C ALA A 15 -11.36 35.68 2.76
N ALA A 16 -12.34 36.39 3.34
CA ALA A 16 -12.42 37.85 3.21
C ALA A 16 -11.28 38.49 3.96
N LYS A 17 -11.06 38.06 5.19
CA LYS A 17 -9.95 38.59 5.98
C LYS A 17 -8.59 38.28 5.32
N ALA A 18 -8.45 37.08 4.74
CA ALA A 18 -7.20 36.69 4.06
C ALA A 18 -6.95 37.59 2.86
N ASN A 19 -7.96 37.77 2.03
CA ASN A 19 -7.89 38.80 0.99
C ASN A 19 -7.52 40.21 1.49
N ALA A 20 -8.16 40.65 2.56
CA ALA A 20 -7.94 42.00 3.09
C ALA A 20 -6.47 42.28 3.36
N VAL A 21 -5.73 41.30 3.86
CA VAL A 21 -4.31 41.51 4.12
C VAL A 21 -3.46 41.04 2.96
N GLY A 22 -4.09 40.53 1.91
CA GLY A 22 -3.42 39.93 0.76
C GLY A 22 -2.66 38.60 0.92
N TYR A 23 -3.04 37.75 1.89
CA TYR A 23 -2.35 36.46 2.14
C TYR A 23 -3.30 35.31 1.83
N THR A 24 -3.22 34.83 0.60
CA THR A 24 -4.26 33.99 0.00
C THR A 24 -3.99 32.47 0.10
N HIS A 25 -2.79 32.09 0.50
CA HIS A 25 -2.46 30.67 0.61
C HIS A 25 -1.12 30.45 1.27
N ALA A 26 -0.95 29.24 1.78
CA ALA A 26 0.35 28.77 2.24
C ALA A 26 0.69 27.50 1.48
N LEU A 27 1.94 27.37 1.05
CA LEU A 27 2.42 26.17 0.41
C LEU A 27 3.48 25.62 1.32
N THR A 28 3.25 24.44 1.91
CA THR A 28 4.23 23.90 2.83
C THR A 28 4.63 22.51 2.33
N TRP A 29 5.58 21.89 3.00
CA TRP A 29 5.91 20.52 2.61
C TRP A 29 6.45 19.70 3.77
N VAL A 30 6.32 18.40 3.62
CA VAL A 30 6.95 17.43 4.50
C VAL A 30 7.66 16.44 3.61
N TRP A 31 8.34 15.51 4.24
CA TRP A 31 9.13 14.52 3.53
C TRP A 31 8.75 13.12 4.00
N HIS A 32 8.89 12.16 3.11
CA HIS A 32 8.71 10.78 3.47
C HIS A 32 9.68 9.88 2.71
N SER A 33 9.81 8.67 3.21
CA SER A 33 10.74 7.66 2.72
C SER A 33 10.14 6.92 1.57
N GLN A 34 10.93 5.97 1.09
CA GLN A 34 10.54 5.15 -0.06
C GLN A 34 9.30 4.28 0.19
N THR A 35 9.10 3.91 1.44
CA THR A 35 7.97 3.09 1.84
C THR A 35 6.64 3.69 1.32
N TRP A 36 6.58 5.01 1.18
CA TRP A 36 5.33 5.69 0.85
C TRP A 36 5.34 6.30 -0.53
N ASP A 37 6.35 5.96 -1.34
CA ASP A 37 6.32 6.23 -2.78
C ASP A 37 5.36 5.30 -3.53
N VAL A 38 4.06 5.55 -3.39
CA VAL A 38 3.03 4.76 -4.03
C VAL A 38 2.06 5.73 -4.67
N ASP A 39 1.31 5.25 -5.68
CA ASP A 39 0.43 6.10 -6.51
C ASP A 39 -0.60 6.89 -5.71
N SER A 40 -1.16 6.25 -4.69
CA SER A 40 -2.23 6.86 -3.90
C SER A 40 -1.75 7.94 -2.92
N VAL A 41 -0.44 8.17 -2.81
CA VAL A 41 0.08 9.29 -2.00
C VAL A 41 0.35 10.47 -2.92
N ARG A 42 -0.52 11.48 -2.86
CA ARG A 42 -0.44 12.63 -3.73
C ARG A 42 -0.48 13.91 -2.90
N ASP A 43 0.22 14.93 -3.38
CA ASP A 43 0.22 16.26 -2.80
C ASP A 43 -1.19 16.74 -2.50
N PRO A 44 -1.48 16.93 -1.15
CA PRO A 44 -2.85 17.40 -0.89
C PRO A 44 -3.12 18.90 -0.97
N SER A 45 -4.37 19.22 -1.18
CA SER A 45 -4.85 20.57 -1.18
C SER A 45 -5.98 20.74 -0.16
N LEU A 46 -5.76 21.60 0.82
CA LEU A 46 -6.60 21.78 1.98
C LEU A 46 -7.18 23.17 2.18
N ARG A 47 -8.27 23.24 2.90
CA ARG A 47 -8.87 24.48 3.34
C ARG A 47 -8.74 24.55 4.83
N ALA A 48 -8.27 25.69 5.31
CA ALA A 48 -8.16 25.90 6.74
C ALA A 48 -8.53 27.34 7.06
N ASP A 49 -8.70 27.64 8.34
CA ASP A 49 -9.12 28.96 8.78
C ASP A 49 -7.92 29.91 8.82
N PHE A 50 -7.94 30.91 7.95
CA PHE A 50 -6.94 31.95 8.02
C PHE A 50 -7.11 32.71 9.32
N ASN A 51 -6.03 32.92 10.05
CA ASN A 51 -6.05 33.74 11.23
C ASN A 51 -4.78 34.56 11.30
N PRO A 52 -4.91 35.88 11.41
CA PRO A 52 -3.69 36.73 11.30
C PRO A 52 -2.72 36.63 12.46
N GLU A 53 -3.12 36.02 13.57
CA GLU A 53 -2.26 35.95 14.77
C GLU A 53 -1.86 34.55 15.23
N LYS A 54 -2.18 33.52 14.46
CA LYS A 54 -1.84 32.14 14.88
C LYS A 54 -0.85 31.50 13.93
N VAL A 55 -0.20 30.45 14.45
CA VAL A 55 0.58 29.50 13.70
C VAL A 55 -0.13 28.16 13.96
N GLY A 56 -0.44 27.42 12.91
CA GLY A 56 -1.10 26.09 13.06
C GLY A 56 -0.16 24.95 12.70
N TRP A 57 -0.50 23.74 13.15
CA TRP A 57 0.19 22.52 12.70
C TRP A 57 -0.59 21.85 11.58
N VAL A 58 0.11 21.43 10.54
CA VAL A 58 -0.41 20.47 9.59
C VAL A 58 0.25 19.13 9.96
N SER A 59 -0.56 18.09 10.14
CA SER A 59 -0.02 16.76 10.43
C SER A 59 -0.35 15.82 9.28
N VAL A 60 0.63 15.00 8.92
CA VAL A 60 0.49 14.07 7.83
C VAL A 60 0.89 12.72 8.40
N SER A 61 -0.07 11.79 8.39
CA SER A 61 0.08 10.45 8.89
C SER A 61 0.02 9.51 7.71
N PHE A 62 0.90 8.52 7.74
CA PHE A 62 0.91 7.44 6.76
C PHE A 62 0.73 6.15 7.53
N ALA A 63 -0.13 5.28 7.03
CA ALA A 63 -0.25 3.94 7.61
C ALA A 63 -0.62 2.91 6.56
N CYS A 64 0.08 1.78 6.53
CA CYS A 64 -0.24 0.72 5.58
C CYS A 64 -1.48 -0.05 6.04
N THR A 65 -2.39 -0.34 5.12
CA THR A 65 -3.58 -1.14 5.45
C THR A 65 -3.35 -2.66 5.57
N GLN A 66 -2.17 -3.12 5.19
CA GLN A 66 -1.85 -4.54 5.14
C GLN A 66 -0.80 -4.89 6.13
N CYS A 67 0.02 -3.95 6.48
CA CYS A 67 1.03 -4.20 7.45
C CYS A 67 0.92 -3.09 8.43
N THR A 68 1.80 -3.01 9.37
CA THR A 68 1.57 -1.97 10.32
C THR A 68 2.57 -0.87 10.11
N ALA A 69 3.20 -0.84 8.96
CA ALA A 69 4.09 0.26 8.66
C ALA A 69 3.34 1.58 8.87
N HIS A 70 4.02 2.56 9.45
CA HIS A 70 3.36 3.83 9.69
C HIS A 70 4.39 4.94 9.83
N TYR A 71 3.96 6.19 9.62
CA TYR A 71 4.89 7.32 9.72
C TYR A 71 4.08 8.56 10.01
N TYR A 72 4.56 9.37 10.92
CA TYR A 72 3.89 10.62 11.30
C TYR A 72 4.90 11.75 11.15
N THR A 73 4.49 12.82 10.46
CA THR A 73 5.26 14.05 10.45
C THR A 73 4.33 15.21 10.56
N SER A 74 4.91 16.35 10.87
CA SER A 74 4.13 17.58 10.97
C SER A 74 5.02 18.81 10.66
N GLU A 75 4.37 19.92 10.35
CA GLU A 75 5.05 21.16 10.06
C GLU A 75 4.14 22.35 10.51
N GLN A 76 4.77 23.41 10.96
CA GLN A 76 4.06 24.66 11.36
C GLN A 76 3.73 25.51 10.17
N VAL A 77 2.54 26.10 10.16
CA VAL A 77 2.08 26.95 9.07
C VAL A 77 1.55 28.25 9.67
N LYS A 78 2.21 29.35 9.30
CA LYS A 78 1.83 30.66 9.80
C LYS A 78 0.50 31.07 9.24
N TYR A 79 -0.34 31.63 10.11
CA TYR A 79 -1.62 32.27 9.77
C TYR A 79 -2.74 31.36 9.30
N PHE A 80 -2.57 30.06 9.46
CA PHE A 80 -3.67 29.14 9.19
C PHE A 80 -3.80 28.23 10.41
N THR A 81 -5.05 27.92 10.75
CA THR A 81 -5.36 27.20 11.96
C THR A 81 -6.50 26.21 11.68
N ASN A 82 -6.71 25.23 12.56
CA ASN A 82 -7.70 24.17 12.29
C ASN A 82 -7.45 23.48 10.97
N ILE A 83 -6.18 23.16 10.71
CA ILE A 83 -5.84 22.60 9.43
C ILE A 83 -6.31 21.13 9.47
N PRO A 84 -7.09 20.68 8.47
CA PRO A 84 -7.51 19.27 8.49
C PRO A 84 -6.29 18.32 8.56
N PRO A 85 -6.35 17.29 9.41
CA PRO A 85 -5.32 16.25 9.43
C PRO A 85 -5.27 15.56 8.11
N VAL A 86 -4.08 15.26 7.61
CA VAL A 86 -3.95 14.51 6.37
C VAL A 86 -3.62 13.06 6.74
N HIS A 87 -4.37 12.12 6.17
CA HIS A 87 -4.17 10.68 6.42
C HIS A 87 -4.02 9.94 5.13
N PHE A 88 -2.93 9.21 4.99
CA PHE A 88 -2.73 8.34 3.86
C PHE A 88 -2.81 6.94 4.41
N ASP A 89 -3.99 6.34 4.26
CA ASP A 89 -4.21 4.94 4.61
C ASP A 89 -4.09 4.16 3.32
N VAL A 90 -2.92 3.61 3.07
CA VAL A 90 -2.60 3.11 1.75
C VAL A 90 -1.93 1.77 1.85
N VAL A 91 -1.71 1.14 0.71
CA VAL A 91 -0.91 -0.06 0.65
C VAL A 91 0.51 0.41 0.38
N CYS A 92 1.42 0.07 1.28
CA CYS A 92 2.79 0.55 1.25
C CYS A 92 3.56 -0.13 0.12
N ALA A 93 4.76 0.38 -0.14
CA ALA A 93 5.59 -0.11 -1.23
C ALA A 93 5.97 -1.58 -1.12
N ASP A 94 6.15 -2.08 0.09
CA ASP A 94 6.49 -3.48 0.27
C ASP A 94 5.28 -4.40 0.10
N CYS A 95 4.10 -3.92 0.45
CA CYS A 95 2.89 -4.73 0.40
C CYS A 95 2.24 -4.79 -0.99
N GLU A 96 2.47 -3.77 -1.81
CA GLU A 96 2.12 -3.72 -3.23
C GLU A 96 2.54 -4.95 -4.04
N ARG A 97 3.65 -5.50 -3.55
CA ARG A 97 4.26 -6.70 -4.10
C ARG A 97 3.43 -7.91 -3.69
N SER A 98 3.03 -7.96 -2.41
CA SER A 98 2.26 -9.05 -1.86
C SER A 98 0.99 -9.37 -2.64
N VAL A 99 0.24 -8.36 -3.09
CA VAL A 99 -0.99 -8.60 -3.84
C VAL A 99 -0.66 -9.27 -5.17
N GLN A 100 0.39 -8.77 -5.81
CA GLN A 100 0.87 -9.25 -7.10
C GLN A 100 1.69 -10.54 -7.00
N LEU A 101 2.27 -10.88 -5.85
CA LEU A 101 3.07 -12.08 -5.65
C LEU A 101 2.18 -13.31 -5.53
N ASP A 102 1.02 -13.20 -4.87
CA ASP A 102 0.12 -14.32 -4.70
C ASP A 102 -0.48 -14.77 -6.03
N ASP A 103 -0.47 -13.89 -7.03
CA ASP A 103 -0.99 -14.20 -8.36
C ASP A 103 -0.02 -15.11 -9.12
N GLU A 104 1.26 -15.07 -8.75
CA GLU A 104 2.30 -15.88 -9.36
C GLU A 104 2.17 -17.28 -8.76
N ILE A 105 2.28 -17.37 -7.44
CA ILE A 105 2.11 -18.66 -6.76
C ILE A 105 0.84 -19.39 -7.22
N ASP A 106 -0.26 -18.64 -7.31
CA ASP A 106 -1.57 -19.20 -7.70
C ASP A 106 -1.57 -19.70 -9.15
N ARG A 107 -1.02 -18.91 -10.06
CA ARG A 107 -0.90 -19.30 -11.47
C ARG A 107 -0.05 -20.55 -11.64
N GLU A 108 0.98 -20.68 -10.83
CA GLU A 108 1.92 -21.76 -10.98
C GLU A 108 1.37 -23.02 -10.33
N HIS A 109 0.64 -22.87 -9.24
CA HIS A 109 -0.16 -23.99 -8.75
C HIS A 109 -1.20 -24.45 -9.78
N GLN A 110 -1.88 -23.54 -10.45
CA GLN A 110 -2.82 -23.95 -11.50
C GLN A 110 -2.16 -24.79 -12.57
N GLU A 111 -1.01 -24.34 -13.06
CA GLU A 111 -0.24 -25.06 -14.11
C GLU A 111 0.21 -26.44 -13.68
N ARG A 112 0.65 -26.52 -12.44
CA ARG A 112 1.23 -27.75 -11.96
C ARG A 112 0.15 -28.75 -11.79
N ASN A 113 -0.96 -28.31 -11.22
CA ASN A 113 -2.10 -29.15 -10.99
C ASN A 113 -2.72 -29.65 -12.30
N ALA A 114 -2.61 -28.88 -13.39
CA ALA A 114 -3.00 -29.39 -14.69
C ALA A 114 -2.11 -30.56 -15.08
N GLU A 115 -0.83 -30.45 -14.79
CA GLU A 115 0.08 -31.53 -15.12
C GLU A 115 -0.10 -32.73 -14.20
N ILE A 116 -0.45 -32.47 -12.96
CA ILE A 116 -0.77 -33.53 -12.04
C ILE A 116 -2.02 -34.26 -12.53
N SER A 117 -3.01 -33.51 -13.01
CA SER A 117 -4.24 -34.11 -13.52
C SER A 117 -3.92 -35.12 -14.61
N ALA A 118 -3.05 -34.70 -15.51
CA ALA A 118 -2.66 -35.45 -16.70
C ALA A 118 -1.90 -36.69 -16.31
N CYS A 119 -1.07 -36.58 -15.28
CA CYS A 119 -0.28 -37.72 -14.82
C CYS A 119 -1.16 -38.72 -14.18
N ASN A 120 -2.12 -38.27 -13.38
CA ASN A 120 -3.06 -39.19 -12.74
C ASN A 120 -3.90 -39.93 -13.77
N ALA A 121 -4.34 -39.22 -14.81
CA ALA A 121 -5.17 -39.84 -15.83
C ALA A 121 -4.40 -40.88 -16.61
N ARG A 122 -3.18 -40.51 -16.98
CA ARG A 122 -2.33 -41.42 -17.69
C ARG A 122 -2.06 -42.69 -16.90
N ALA A 123 -1.80 -42.56 -15.61
CA ALA A 123 -1.61 -43.67 -14.72
C ALA A 123 -2.84 -44.58 -14.65
N LEU A 124 -4.04 -44.00 -14.51
CA LEU A 124 -5.27 -44.80 -14.55
C LEU A 124 -5.42 -45.57 -15.88
N SER A 125 -4.85 -45.05 -16.97
CA SER A 125 -4.89 -45.80 -18.24
C SER A 125 -3.80 -46.85 -18.38
N GLU A 126 -2.79 -46.81 -17.52
CA GLU A 126 -1.71 -47.80 -17.56
C GLU A 126 -1.83 -48.83 -16.43
N GLY A 127 -2.88 -48.71 -15.61
CA GLY A 127 -3.12 -49.68 -14.53
C GLY A 127 -2.20 -49.53 -13.33
N ARG A 128 -1.63 -48.32 -13.15
CA ARG A 128 -0.91 -47.97 -11.92
C ARG A 128 -1.82 -47.13 -11.00
N PRO A 129 -1.54 -47.12 -9.67
CA PRO A 129 -2.38 -46.24 -8.88
C PRO A 129 -2.10 -44.75 -9.24
N ALA A 130 -3.18 -43.98 -9.24
CA ALA A 130 -3.13 -42.56 -9.55
C ALA A 130 -3.00 -41.88 -8.21
N SER A 131 -1.77 -41.65 -7.76
CA SER A 131 -1.46 -41.29 -6.40
C SER A 131 -1.16 -39.79 -6.14
N LEU A 132 -1.11 -38.97 -7.20
CA LEU A 132 -0.74 -37.57 -7.04
C LEU A 132 -1.90 -36.71 -6.54
N VAL A 133 -1.55 -35.62 -5.88
CA VAL A 133 -2.51 -34.71 -5.28
C VAL A 133 -2.17 -33.28 -5.71
N TYR A 134 -3.22 -32.47 -5.81
CA TYR A 134 -3.10 -31.10 -6.22
C TYR A 134 -2.33 -30.34 -5.14
N LEU A 135 -1.60 -29.32 -5.54
CA LEU A 135 -0.85 -28.46 -4.64
C LEU A 135 -1.70 -27.33 -4.05
N SER A 136 -1.33 -26.92 -2.85
CA SER A 136 -1.77 -25.71 -2.20
C SER A 136 -0.56 -25.19 -1.40
N ARG A 137 -0.70 -24.03 -0.79
CA ARG A 137 0.41 -23.47 -0.02
C ARG A 137 0.85 -24.34 1.17
N ASP A 138 -0.04 -25.21 1.62
CA ASP A 138 0.24 -25.96 2.80
C ASP A 138 0.91 -27.29 2.46
N ALA A 139 1.08 -27.55 1.17
CA ALA A 139 1.59 -28.82 0.70
C ALA A 139 1.96 -28.65 -0.76
N CYS A 140 3.24 -28.32 -1.00
CA CYS A 140 3.68 -27.88 -2.31
C CYS A 140 4.99 -28.54 -2.66
N ASP A 141 5.14 -28.98 -3.89
CA ASP A 141 6.38 -29.69 -4.28
C ASP A 141 7.14 -28.92 -5.34
N ILE A 142 6.83 -27.63 -5.50
CA ILE A 142 7.67 -26.71 -6.29
C ILE A 142 8.78 -26.10 -5.45
N PRO A 143 10.05 -26.42 -5.75
CA PRO A 143 11.13 -26.05 -4.84
C PRO A 143 11.34 -24.55 -4.65
N GLU A 144 11.07 -23.79 -5.70
CA GLU A 144 11.19 -22.32 -5.72
C GLU A 144 10.11 -21.63 -4.88
N HIS A 145 9.11 -22.38 -4.42
CA HIS A 145 8.04 -21.84 -3.61
C HIS A 145 8.36 -22.01 -2.13
N SER A 146 9.34 -22.84 -1.81
CA SER A 146 9.66 -23.13 -0.41
C SER A 146 9.74 -21.84 0.41
N GLY A 147 9.02 -21.82 1.52
CA GLY A 147 8.86 -20.61 2.36
C GLY A 147 7.52 -19.95 2.15
N ARG A 148 7.27 -19.51 0.93
CA ARG A 148 5.94 -19.05 0.62
C ARG A 148 4.98 -20.23 0.76
N CYS A 149 5.41 -21.41 0.35
CA CYS A 149 4.58 -22.62 0.53
C CYS A 149 5.34 -23.55 1.42
N ARG A 150 4.64 -24.53 1.98
CA ARG A 150 5.29 -25.64 2.69
C ARG A 150 5.81 -26.68 1.71
N PHE A 151 7.14 -26.74 1.57
CA PHE A 151 7.80 -27.57 0.61
C PHE A 151 7.82 -28.99 1.09
N VAL A 152 7.15 -29.84 0.34
CA VAL A 152 7.05 -31.23 0.62
C VAL A 152 7.62 -31.93 -0.59
N LYS A 153 9.04 -32.19 -0.54
CA LYS A 153 9.72 -32.56 -1.75
C LYS A 153 9.15 -33.81 -2.46
N TYR A 154 8.78 -34.78 -1.69
CA TYR A 154 8.37 -36.07 -2.26
C TYR A 154 6.89 -36.28 -2.21
N LEU A 155 6.14 -35.18 -2.18
CA LEU A 155 4.67 -35.20 -2.12
C LEU A 155 4.11 -36.06 -3.24
N ASN A 156 4.52 -35.77 -4.47
CA ASN A 156 4.07 -36.46 -5.65
C ASN A 156 5.13 -37.35 -6.26
N PHE A 157 6.04 -37.89 -5.45
CA PHE A 157 7.14 -38.73 -5.93
C PHE A 157 8.06 -38.00 -6.89
ZN ZN B . 2.60 -2.57 4.17
ZN ZN C . 3.56 -23.57 -3.95
N MET A 1 13.95 8.61 2.23
CA MET A 1 13.64 10.03 2.57
C MET A 1 12.90 10.70 1.43
N THR A 2 11.61 10.95 1.59
CA THR A 2 10.79 11.56 0.54
C THR A 2 10.03 12.76 1.09
N ARG A 3 10.07 13.89 0.39
CA ARG A 3 9.35 15.09 0.80
C ARG A 3 7.90 14.96 0.36
N LEU A 4 6.95 15.21 1.25
CA LEU A 4 5.54 15.32 0.86
C LEU A 4 5.13 16.77 1.04
N GLU A 5 4.87 17.46 -0.05
CA GLU A 5 4.41 18.85 0.00
C GLU A 5 2.90 18.97 0.27
N VAL A 6 2.52 19.97 1.03
CA VAL A 6 1.13 20.22 1.39
C VAL A 6 0.79 21.67 1.08
N LEU A 7 -0.13 21.91 0.15
CA LEU A 7 -0.58 23.27 -0.20
C LEU A 7 -1.82 23.57 0.57
N ILE A 8 -1.84 24.71 1.28
CA ILE A 8 -3.00 25.13 2.06
C ILE A 8 -3.50 26.49 1.51
N ARG A 9 -4.80 26.58 1.24
CA ARG A 9 -5.42 27.81 0.70
C ARG A 9 -6.67 28.11 1.52
N PRO A 10 -7.12 29.37 1.53
CA PRO A 10 -8.19 29.77 2.43
C PRO A 10 -9.51 29.11 2.05
N THR A 11 -10.30 28.80 3.06
CA THR A 11 -11.71 28.44 2.84
C THR A 11 -12.44 29.68 2.31
N GLU A 12 -13.62 29.49 1.73
CA GLU A 12 -14.46 30.61 1.25
C GLU A 12 -14.73 31.67 2.32
N GLN A 13 -14.90 31.24 3.56
CA GLN A 13 -15.28 32.12 4.64
C GLN A 13 -14.13 32.98 5.15
N THR A 14 -12.91 32.63 4.78
CA THR A 14 -11.75 33.42 5.20
C THR A 14 -11.00 34.00 4.00
N ALA A 15 -11.46 33.73 2.78
CA ALA A 15 -10.67 34.10 1.61
C ALA A 15 -10.53 35.63 1.44
N ALA A 16 -11.55 36.38 1.87
CA ALA A 16 -11.57 37.84 1.71
C ALA A 16 -10.51 38.46 2.61
N LYS A 17 -10.47 38.04 3.86
CA LYS A 17 -9.46 38.54 4.78
C LYS A 17 -8.03 38.18 4.32
N ALA A 18 -7.87 36.97 3.77
CA ALA A 18 -6.55 36.52 3.26
C ALA A 18 -6.10 37.40 2.11
N ASN A 19 -6.99 37.60 1.15
CA ASN A 19 -6.75 38.61 0.10
C ASN A 19 -6.41 40.00 0.64
N ALA A 20 -7.16 40.49 1.61
CA ALA A 20 -6.97 41.84 2.14
C ALA A 20 -5.55 42.08 2.60
N VAL A 21 -4.91 41.08 3.22
CA VAL A 21 -3.53 41.26 3.65
C VAL A 21 -2.54 40.74 2.62
N GLY A 22 -3.05 40.23 1.51
CA GLY A 22 -2.24 39.59 0.48
C GLY A 22 -1.56 38.24 0.74
N TYR A 23 -2.10 37.41 1.66
CA TYR A 23 -1.49 36.11 2.02
C TYR A 23 -2.43 34.99 1.59
N THR A 24 -2.21 34.48 0.39
CA THR A 24 -3.17 33.67 -0.33
C THR A 24 -2.98 32.14 -0.18
N HIS A 25 -1.86 31.73 0.39
CA HIS A 25 -1.60 30.30 0.55
C HIS A 25 -0.37 30.04 1.38
N ALA A 26 -0.31 28.84 1.93
CA ALA A 26 0.90 28.33 2.56
C ALA A 26 1.30 27.05 1.87
N LEU A 27 2.60 26.88 1.62
CA LEU A 27 3.11 25.65 1.06
C LEU A 27 4.03 25.07 2.11
N THR A 28 3.68 23.92 2.67
CA THR A 28 4.51 23.35 3.73
C THR A 28 4.92 21.95 3.30
N TRP A 29 5.75 21.31 4.10
CA TRP A 29 6.08 19.92 3.77
C TRP A 29 6.43 19.11 5.00
N VAL A 30 6.29 17.80 4.84
CA VAL A 30 6.75 16.83 5.82
C VAL A 30 7.54 15.80 5.04
N TRP A 31 8.11 14.86 5.76
CA TRP A 31 8.96 13.84 5.18
C TRP A 31 8.46 12.46 5.61
N HIS A 32 8.68 11.48 4.75
CA HIS A 32 8.42 10.12 5.10
C HIS A 32 9.45 9.17 4.49
N SER A 33 9.47 7.96 5.03
CA SER A 33 10.41 6.92 4.67
C SER A 33 9.95 6.17 3.45
N GLN A 34 10.76 5.20 3.09
CA GLN A 34 10.50 4.36 1.91
C GLN A 34 9.22 3.55 2.01
N THR A 35 8.83 3.21 3.23
CA THR A 35 7.63 2.43 3.48
C THR A 35 6.42 3.05 2.78
N TRP A 36 6.42 4.38 2.62
CA TRP A 36 5.24 5.10 2.11
C TRP A 36 5.45 5.69 0.73
N ASP A 37 6.55 5.28 0.08
CA ASP A 37 6.72 5.54 -1.36
C ASP A 37 5.83 4.64 -2.21
N VAL A 38 4.55 4.92 -2.25
CA VAL A 38 3.58 4.16 -3.02
C VAL A 38 2.74 5.15 -3.80
N ASP A 39 2.11 4.68 -4.88
CA ASP A 39 1.37 5.55 -5.84
C ASP A 39 0.29 6.38 -5.20
N SER A 40 -0.43 5.77 -4.25
CA SER A 40 -1.58 6.43 -3.61
C SER A 40 -1.19 7.52 -2.59
N VAL A 41 0.09 7.71 -2.31
CA VAL A 41 0.54 8.81 -1.46
C VAL A 41 0.98 9.97 -2.34
N ARG A 42 0.15 11.01 -2.40
CA ARG A 42 0.37 12.14 -3.28
C ARG A 42 0.26 13.43 -2.47
N ASP A 43 1.05 14.42 -2.86
CA ASP A 43 1.03 15.77 -2.30
C ASP A 43 -0.40 16.30 -2.20
N PRO A 44 -0.86 16.52 -0.90
CA PRO A 44 -2.22 17.03 -0.83
C PRO A 44 -2.44 18.53 -0.96
N SER A 45 -3.64 18.90 -1.35
CA SER A 45 -4.08 20.26 -1.43
C SER A 45 -5.31 20.48 -0.56
N LEU A 46 -5.19 21.35 0.42
CA LEU A 46 -6.18 21.57 1.46
C LEU A 46 -6.73 22.98 1.55
N ARG A 47 -7.91 23.10 2.13
CA ARG A 47 -8.52 24.37 2.47
C ARG A 47 -8.59 24.46 3.96
N ALA A 48 -8.14 25.59 4.50
CA ALA A 48 -8.22 25.82 5.93
C ALA A 48 -8.58 27.28 6.17
N ASP A 49 -8.90 27.59 7.41
CA ASP A 49 -9.33 28.93 7.78
C ASP A 49 -8.12 29.85 7.96
N PHE A 50 -7.99 30.83 7.09
CA PHE A 50 -6.97 31.86 7.28
C PHE A 50 -7.29 32.64 8.54
N ASN A 51 -6.32 32.82 9.40
CA ASN A 51 -6.46 33.65 10.56
C ASN A 51 -5.19 34.43 10.79
N PRO A 52 -5.27 35.77 10.87
CA PRO A 52 -4.03 36.57 10.92
C PRO A 52 -3.23 36.45 12.19
N GLU A 53 -3.79 35.88 13.25
CA GLU A 53 -3.10 35.80 14.55
C GLU A 53 -2.82 34.40 15.08
N LYS A 54 -3.06 33.36 14.28
CA LYS A 54 -2.84 31.98 14.75
C LYS A 54 -1.74 31.29 13.95
N VAL A 55 -1.21 30.23 14.57
CA VAL A 55 -0.37 29.24 13.95
C VAL A 55 -1.15 27.93 14.12
N GLY A 56 -1.34 27.18 13.05
CA GLY A 56 -2.06 25.89 13.12
C GLY A 56 -1.12 24.71 12.91
N TRP A 57 -1.56 23.52 13.32
CA TRP A 57 -0.86 22.27 12.98
C TRP A 57 -1.51 21.60 11.77
N VAL A 58 -0.68 21.14 10.84
CA VAL A 58 -1.11 20.18 9.84
C VAL A 58 -0.56 18.83 10.31
N SER A 59 -1.41 17.82 10.39
CA SER A 59 -0.95 16.48 10.76
C SER A 59 -1.16 15.53 9.59
N VAL A 60 -0.17 14.68 9.37
CA VAL A 60 -0.20 13.73 8.29
C VAL A 60 0.07 12.38 8.93
N SER A 61 -0.92 11.49 8.80
CA SER A 61 -0.88 10.14 9.32
C SER A 61 -0.80 9.19 8.16
N PHE A 62 0.03 8.17 8.32
CA PHE A 62 0.12 7.08 7.36
C PHE A 62 -0.20 5.81 8.11
N ALA A 63 -1.01 4.95 7.51
CA ALA A 63 -1.24 3.63 8.09
C ALA A 63 -1.52 2.60 7.00
N CYS A 64 -0.86 1.44 7.09
CA CYS A 64 -1.08 0.37 6.11
C CYS A 64 -2.39 -0.34 6.42
N THR A 65 -3.18 -0.62 5.39
CA THR A 65 -4.42 -1.37 5.56
C THR A 65 -4.27 -2.89 5.73
N GLN A 66 -3.07 -3.41 5.52
CA GLN A 66 -2.79 -4.83 5.53
C GLN A 66 -1.89 -5.20 6.65
N CYS A 67 -1.09 -4.27 7.09
CA CYS A 67 -0.24 -4.56 8.19
C CYS A 67 -0.44 -3.42 9.14
N THR A 68 0.31 -3.35 10.18
CA THR A 68 -0.01 -2.30 11.08
C THR A 68 1.05 -1.23 10.99
N ALA A 69 1.83 -1.24 9.94
CA ALA A 69 2.80 -0.17 9.76
C ALA A 69 2.07 1.18 9.84
N HIS A 70 2.69 2.15 10.50
CA HIS A 70 2.04 3.44 10.64
C HIS A 70 3.09 4.51 10.90
N TYR A 71 2.74 5.77 10.62
CA TYR A 71 3.68 6.88 10.83
C TYR A 71 2.87 8.14 11.00
N TYR A 72 3.26 8.97 11.96
CA TYR A 72 2.59 10.23 12.22
C TYR A 72 3.65 11.33 12.19
N THR A 73 3.37 12.39 11.45
CA THR A 73 4.18 13.60 11.53
C THR A 73 3.28 14.79 11.50
N SER A 74 3.85 15.92 11.87
CA SER A 74 3.11 17.17 11.85
C SER A 74 4.07 18.37 11.64
N GLU A 75 3.50 19.50 11.24
CA GLU A 75 4.25 20.72 11.03
C GLU A 75 3.35 21.92 11.34
N GLN A 76 3.95 22.98 11.85
CA GLN A 76 3.22 24.26 12.14
C GLN A 76 3.08 25.10 10.91
N VAL A 77 1.93 25.74 10.74
CA VAL A 77 1.66 26.57 9.58
C VAL A 77 1.09 27.90 10.09
N LYS A 78 1.82 28.98 9.80
CA LYS A 78 1.43 30.31 10.24
C LYS A 78 0.19 30.75 9.49
N TYR A 79 -0.73 31.34 10.24
CA TYR A 79 -1.94 32.02 9.72
C TYR A 79 -3.00 31.14 9.12
N PHE A 80 -2.91 29.83 9.32
CA PHE A 80 -3.99 28.94 8.91
C PHE A 80 -4.31 28.06 10.11
N THR A 81 -5.60 27.79 10.28
CA THR A 81 -6.10 27.12 11.46
C THR A 81 -7.21 26.15 11.03
N ASN A 82 -7.58 25.18 11.89
CA ASN A 82 -8.56 24.16 11.50
C ASN A 82 -8.15 23.44 10.24
N ILE A 83 -6.88 23.08 10.16
CA ILE A 83 -6.40 22.48 8.94
C ILE A 83 -6.90 21.03 8.92
N PRO A 84 -7.56 20.59 7.84
CA PRO A 84 -8.04 19.19 7.82
C PRO A 84 -6.87 18.21 8.06
N PRO A 85 -7.07 17.19 8.90
CA PRO A 85 -6.09 16.13 9.07
C PRO A 85 -5.89 15.41 7.78
N VAL A 86 -4.66 15.06 7.44
CA VAL A 86 -4.39 14.29 6.25
C VAL A 86 -4.17 12.84 6.67
N HIS A 87 -4.87 11.92 6.02
CA HIS A 87 -4.74 10.48 6.32
C HIS A 87 -4.45 9.71 5.05
N PHE A 88 -3.38 8.94 5.09
CA PHE A 88 -3.06 8.05 3.99
C PHE A 88 -3.26 6.67 4.54
N ASP A 89 -4.43 6.10 4.24
CA ASP A 89 -4.73 4.71 4.58
C ASP A 89 -4.47 3.91 3.32
N VAL A 90 -3.29 3.31 3.23
CA VAL A 90 -2.83 2.78 1.97
C VAL A 90 -2.21 1.43 2.18
N VAL A 91 -1.86 0.78 1.09
CA VAL A 91 -1.11 -0.45 1.16
C VAL A 91 0.35 -0.03 1.07
N CYS A 92 1.12 -0.39 2.09
CA CYS A 92 2.49 0.04 2.22
C CYS A 92 3.38 -0.68 1.23
N ALA A 93 4.63 -0.21 1.13
CA ALA A 93 5.58 -0.74 0.16
C ALA A 93 5.89 -2.23 0.34
N ASP A 94 5.88 -2.71 1.56
CA ASP A 94 6.16 -4.12 1.79
C ASP A 94 4.95 -5.01 1.47
N CYS A 95 3.75 -4.48 1.67
CA CYS A 95 2.52 -5.25 1.46
C CYS A 95 2.06 -5.31 0.00
N GLU A 96 2.44 -4.31 -0.80
CA GLU A 96 2.28 -4.28 -2.25
C GLU A 96 2.77 -5.53 -2.98
N ARG A 97 3.84 -6.08 -2.43
CA ARG A 97 4.49 -7.26 -2.99
C ARG A 97 3.65 -8.51 -2.76
N SER A 98 2.94 -8.60 -1.64
CA SER A 98 2.12 -9.76 -1.35
C SER A 98 0.89 -9.85 -2.26
N VAL A 99 0.42 -8.72 -2.78
CA VAL A 99 -0.75 -8.70 -3.65
C VAL A 99 -0.38 -9.15 -5.06
N GLN A 100 0.70 -8.61 -5.60
CA GLN A 100 1.14 -8.90 -6.96
C GLN A 100 1.79 -10.27 -7.15
N LEU A 101 2.51 -10.86 -6.20
CA LEU A 101 3.14 -12.17 -6.37
C LEU A 101 2.11 -13.29 -6.20
N ASP A 102 1.14 -13.10 -5.31
CA ASP A 102 0.13 -14.11 -5.05
C ASP A 102 -0.73 -14.42 -6.28
N ASP A 103 -1.03 -13.45 -7.13
CA ASP A 103 -1.86 -13.69 -8.31
C ASP A 103 -1.16 -14.57 -9.33
N GLU A 104 0.18 -14.53 -9.35
CA GLU A 104 0.99 -15.32 -10.25
C GLU A 104 1.10 -16.70 -9.63
N ILE A 105 1.63 -16.74 -8.40
CA ILE A 105 1.78 -18.01 -7.68
C ILE A 105 0.47 -18.82 -7.67
N ASP A 106 -0.64 -18.14 -7.37
CA ASP A 106 -1.96 -18.78 -7.28
C ASP A 106 -2.43 -19.33 -8.63
N ARG A 107 -2.27 -18.54 -9.69
CA ARG A 107 -2.61 -18.99 -11.05
C ARG A 107 -1.81 -20.19 -11.48
N GLU A 108 -0.55 -20.24 -11.08
CA GLU A 108 0.35 -21.28 -11.52
C GLU A 108 0.13 -22.53 -10.71
N HIS A 109 -0.18 -22.39 -9.43
CA HIS A 109 -0.69 -23.52 -8.67
C HIS A 109 -1.99 -24.09 -9.28
N GLN A 110 -2.92 -23.24 -9.69
CA GLN A 110 -4.14 -23.72 -10.33
C GLN A 110 -3.84 -24.58 -11.55
N GLU A 111 -2.96 -24.07 -12.41
CA GLU A 111 -2.55 -24.80 -13.65
C GLU A 111 -1.89 -26.14 -13.39
N ARG A 112 -1.06 -26.14 -12.38
CA ARG A 112 -0.27 -27.32 -12.11
C ARG A 112 -1.17 -28.38 -11.56
N ASN A 113 -2.02 -27.97 -10.64
CA ASN A 113 -2.96 -28.86 -10.03
C ASN A 113 -3.96 -29.44 -11.02
N ALA A 114 -4.28 -28.71 -12.10
CA ALA A 114 -5.06 -29.28 -13.18
C ALA A 114 -4.30 -30.42 -13.83
N GLU A 115 -2.99 -30.24 -14.01
CA GLU A 115 -2.19 -31.27 -14.61
C GLU A 115 -1.97 -32.45 -13.67
N ILE A 116 -1.89 -32.16 -12.39
CA ILE A 116 -1.81 -33.20 -11.39
C ILE A 116 -3.09 -34.02 -11.42
N SER A 117 -4.24 -33.34 -11.52
CA SER A 117 -5.52 -34.03 -11.58
C SER A 117 -5.54 -35.06 -12.68
N ALA A 118 -5.06 -34.62 -13.85
CA ALA A 118 -5.06 -35.39 -15.08
C ALA A 118 -4.13 -36.58 -14.96
N CYS A 119 -3.01 -36.38 -14.28
CA CYS A 119 -2.04 -37.45 -14.10
C CYS A 119 -2.58 -38.48 -13.18
N ASN A 120 -3.23 -38.05 -12.11
CA ASN A 120 -3.83 -39.00 -11.18
C ASN A 120 -4.93 -39.82 -11.84
N ALA A 121 -5.74 -39.16 -12.66
CA ALA A 121 -6.83 -39.88 -13.32
C ALA A 121 -6.31 -40.90 -14.30
N ARG A 122 -5.32 -40.48 -15.08
CA ARG A 122 -4.71 -41.37 -16.03
C ARG A 122 -4.11 -42.59 -15.36
N ALA A 123 -3.43 -42.39 -14.24
CA ALA A 123 -2.87 -43.46 -13.46
C ALA A 123 -3.94 -44.43 -12.94
N LEU A 124 -5.05 -43.92 -12.41
CA LEU A 124 -6.17 -44.78 -12.00
C LEU A 124 -6.71 -45.61 -13.19
N SER A 125 -6.60 -45.11 -14.42
CA SER A 125 -7.03 -45.90 -15.59
C SER A 125 -5.98 -46.89 -16.08
N GLU A 126 -4.74 -46.77 -15.62
CA GLU A 126 -3.69 -47.69 -16.01
C GLU A 126 -3.34 -48.68 -14.89
N GLY A 127 -4.05 -48.60 -13.76
CA GLY A 127 -3.84 -49.54 -12.66
C GLY A 127 -2.57 -49.29 -11.85
N ARG A 128 -2.05 -48.05 -11.89
CA ARG A 128 -0.98 -47.61 -11.00
C ARG A 128 -1.57 -46.78 -9.83
N PRO A 129 -0.85 -46.72 -8.68
CA PRO A 129 -1.42 -45.85 -7.67
C PRO A 129 -1.38 -44.37 -8.12
N ALA A 130 -2.43 -43.65 -7.76
CA ALA A 130 -2.57 -42.25 -8.09
C ALA A 130 -2.04 -41.51 -6.89
N SER A 131 -0.75 -41.20 -6.91
CA SER A 131 -0.01 -40.77 -5.73
C SER A 131 0.26 -39.25 -5.63
N LEU A 132 -0.11 -38.47 -6.64
CA LEU A 132 0.20 -37.05 -6.65
C LEU A 132 -0.76 -36.23 -5.80
N VAL A 133 -0.27 -35.09 -5.31
CA VAL A 133 -1.02 -34.22 -4.44
C VAL A 133 -0.94 -32.80 -4.98
N TYR A 134 -2.01 -32.04 -4.73
CA TYR A 134 -2.13 -30.69 -5.18
C TYR A 134 -1.09 -29.85 -4.43
N LEU A 135 -0.61 -28.81 -5.08
CA LEU A 135 0.36 -27.87 -4.51
C LEU A 135 -0.31 -26.77 -3.69
N SER A 136 0.43 -26.29 -2.69
CA SER A 136 0.16 -25.08 -1.94
C SER A 136 1.53 -24.47 -1.62
N ARG A 137 1.54 -23.29 -1.03
CA ARG A 137 2.81 -22.65 -0.70
C ARG A 137 3.70 -23.45 0.29
N ASP A 138 3.07 -24.35 1.02
CA ASP A 138 3.79 -25.05 2.05
C ASP A 138 4.38 -26.35 1.52
N ALA A 139 4.12 -26.64 0.25
CA ALA A 139 4.51 -27.90 -0.35
C ALA A 139 4.35 -27.76 -1.84
N CYS A 140 5.43 -27.38 -2.52
CA CYS A 140 5.36 -26.95 -3.91
C CYS A 140 6.51 -27.57 -4.67
N ASP A 141 6.26 -28.04 -5.87
CA ASP A 141 7.33 -28.69 -6.66
C ASP A 141 7.62 -27.92 -7.93
N ILE A 142 7.20 -26.67 -8.00
CA ILE A 142 7.65 -25.73 -9.04
C ILE A 142 8.95 -25.03 -8.65
N PRO A 143 10.05 -25.30 -9.36
CA PRO A 143 11.37 -24.83 -8.89
C PRO A 143 11.52 -23.31 -8.80
N GLU A 144 10.86 -22.61 -9.71
CA GLU A 144 10.88 -21.14 -9.79
C GLU A 144 10.11 -20.47 -8.65
N HIS A 145 9.38 -21.26 -7.86
CA HIS A 145 8.62 -20.75 -6.74
C HIS A 145 9.43 -20.85 -5.46
N SER A 146 10.52 -21.62 -5.49
CA SER A 146 11.32 -21.84 -4.27
C SER A 146 11.60 -20.52 -3.55
N GLY A 147 11.31 -20.49 -2.26
CA GLY A 147 11.37 -19.26 -1.44
C GLY A 147 10.00 -18.68 -1.19
N ARG A 148 9.32 -18.31 -2.25
CA ARG A 148 7.93 -17.93 -2.07
C ARG A 148 7.16 -19.14 -1.60
N CYS A 149 7.49 -20.33 -2.12
CA CYS A 149 6.86 -21.55 -1.64
C CYS A 149 7.95 -22.42 -1.06
N ARG A 150 7.54 -23.42 -0.26
CA ARG A 150 8.46 -24.46 0.19
C ARG A 150 8.67 -25.50 -0.90
N PHE A 151 9.87 -25.49 -1.48
CA PHE A 151 10.21 -26.33 -2.61
C PHE A 151 10.49 -27.72 -2.12
N VAL A 152 9.65 -28.64 -2.59
CA VAL A 152 9.76 -30.02 -2.27
C VAL A 152 9.90 -30.72 -3.59
N LYS A 153 11.26 -30.91 -4.03
CA LYS A 153 11.53 -31.30 -5.40
C LYS A 153 10.82 -32.59 -5.83
N TYR A 154 10.79 -33.55 -4.98
CA TYR A 154 10.30 -34.89 -5.34
C TYR A 154 8.93 -35.18 -4.78
N LEU A 155 8.18 -34.11 -4.51
CA LEU A 155 6.83 -34.21 -3.95
C LEU A 155 5.96 -35.13 -4.79
N ASN A 156 5.91 -34.88 -6.09
CA ASN A 156 5.13 -35.63 -7.03
C ASN A 156 5.96 -36.48 -7.96
N PHE A 157 7.10 -37.02 -7.53
CA PHE A 157 7.91 -37.86 -8.40
C PHE A 157 7.35 -39.28 -8.41
ZN ZN B . 1.81 -3.02 5.13
ZN ZN C . 4.41 -22.74 -5.47
N MET A 1 13.55 7.72 5.14
CA MET A 1 13.24 9.12 5.54
C MET A 1 12.83 9.94 4.33
N THR A 2 11.54 10.27 4.22
CA THR A 2 11.05 11.02 3.07
C THR A 2 10.22 12.21 3.55
N ARG A 3 10.48 13.40 2.99
CA ARG A 3 9.73 14.60 3.35
C ARG A 3 8.42 14.61 2.56
N LEU A 4 7.31 14.84 3.24
CA LEU A 4 6.04 15.09 2.54
C LEU A 4 5.66 16.53 2.77
N GLU A 5 5.71 17.34 1.73
CA GLU A 5 5.31 18.74 1.82
C GLU A 5 3.78 18.94 1.72
N VAL A 6 3.27 19.89 2.48
CA VAL A 6 1.85 20.20 2.52
C VAL A 6 1.67 21.71 2.31
N LEU A 7 1.01 22.08 1.21
CA LEU A 7 0.72 23.50 0.90
C LEU A 7 -0.67 23.81 1.39
N ILE A 8 -0.80 24.88 2.18
CA ILE A 8 -2.10 25.31 2.72
C ILE A 8 -2.38 26.73 2.21
N ARG A 9 -3.58 26.95 1.65
CA ARG A 9 -4.00 28.26 1.11
C ARG A 9 -5.39 28.57 1.65
N PRO A 10 -5.78 29.85 1.68
CA PRO A 10 -7.00 30.24 2.33
C PRO A 10 -8.23 29.70 1.59
N THR A 11 -9.25 29.36 2.35
CA THR A 11 -10.58 29.13 1.76
C THR A 11 -11.10 30.45 1.21
N GLU A 12 -12.13 30.39 0.34
CA GLU A 12 -12.76 31.60 -0.20
C GLU A 12 -13.25 32.57 0.89
N GLN A 13 -13.72 32.05 2.01
CA GLN A 13 -14.32 32.85 3.06
C GLN A 13 -13.29 33.58 3.91
N THR A 14 -12.02 33.20 3.80
CA THR A 14 -10.96 33.85 4.57
C THR A 14 -9.93 34.48 3.63
N ALA A 15 -10.09 34.36 2.32
CA ALA A 15 -9.02 34.79 1.41
C ALA A 15 -8.78 36.31 1.44
N ALA A 16 -9.85 37.07 1.70
CA ALA A 16 -9.75 38.54 1.69
C ALA A 16 -8.92 39.00 2.87
N LYS A 17 -9.19 38.48 4.04
CA LYS A 17 -8.42 38.82 5.23
C LYS A 17 -6.94 38.40 5.07
N ALA A 18 -6.70 37.25 4.47
CA ALA A 18 -5.32 36.75 4.24
C ALA A 18 -4.57 37.70 3.32
N ASN A 19 -5.19 38.05 2.20
CA ASN A 19 -4.65 39.13 1.35
C ASN A 19 -4.39 40.45 2.10
N ALA A 20 -5.34 40.89 2.90
CA ALA A 20 -5.21 42.18 3.61
C ALA A 20 -3.94 42.27 4.42
N VAL A 21 -3.52 41.18 5.05
CA VAL A 21 -2.27 41.22 5.81
C VAL A 21 -1.10 40.72 5.01
N GLY A 22 -1.34 40.36 3.75
CA GLY A 22 -0.34 39.76 2.87
C GLY A 22 0.20 38.34 3.14
N TYR A 23 -0.58 37.49 3.82
CA TYR A 23 -0.13 36.10 4.18
C TYR A 23 -0.99 35.10 3.43
N THR A 24 -0.51 34.68 2.27
CA THR A 24 -1.31 34.01 1.26
C THR A 24 -1.23 32.47 1.28
N HIS A 25 -0.30 31.94 2.06
CA HIS A 25 -0.15 30.48 2.13
C HIS A 25 0.85 30.07 3.19
N ALA A 26 0.72 28.81 3.60
CA ALA A 26 1.71 28.17 4.46
C ALA A 26 2.21 26.93 3.74
N LEU A 27 3.51 26.69 3.78
CA LEU A 27 4.09 25.49 3.23
C LEU A 27 4.70 24.77 4.41
N THR A 28 4.19 23.59 4.75
CA THR A 28 4.71 22.88 5.90
C THR A 28 5.14 21.49 5.44
N TRP A 29 5.73 20.72 6.33
CA TRP A 29 6.07 19.36 5.96
C TRP A 29 6.08 18.41 7.14
N VAL A 30 5.91 17.15 6.82
CA VAL A 30 6.09 16.05 7.77
C VAL A 30 7.00 15.05 7.10
N TRP A 31 7.33 14.01 7.83
CA TRP A 31 8.24 12.98 7.36
C TRP A 31 7.60 11.62 7.52
N HIS A 32 7.98 10.71 6.64
CA HIS A 32 7.57 9.34 6.77
C HIS A 32 8.68 8.38 6.32
N SER A 33 8.52 7.13 6.71
CA SER A 33 9.47 6.06 6.48
C SER A 33 9.28 5.46 5.12
N GLN A 34 10.11 4.46 4.86
CA GLN A 34 10.10 3.76 3.58
C GLN A 34 8.80 3.03 3.28
N THR A 35 8.12 2.61 4.34
CA THR A 35 6.86 1.89 4.21
C THR A 35 5.88 2.66 3.33
N TRP A 36 5.98 3.99 3.30
CA TRP A 36 5.00 4.84 2.61
C TRP A 36 5.56 5.53 1.39
N ASP A 37 6.76 5.12 0.97
CA ASP A 37 7.28 5.50 -0.35
C ASP A 37 6.59 4.73 -1.48
N VAL A 38 5.36 5.11 -1.79
CA VAL A 38 4.58 4.48 -2.83
C VAL A 38 3.99 5.59 -3.69
N ASP A 39 3.62 5.27 -4.93
CA ASP A 39 3.18 6.27 -5.94
C ASP A 39 2.00 7.11 -5.47
N SER A 40 1.05 6.47 -4.80
CA SER A 40 -0.18 7.14 -4.39
C SER A 40 -0.02 8.10 -3.19
N VAL A 41 1.18 8.18 -2.60
CA VAL A 41 1.47 9.17 -1.55
C VAL A 41 2.14 10.37 -2.18
N ARG A 42 1.40 11.47 -2.34
CA ARG A 42 1.88 12.66 -3.00
C ARG A 42 1.63 13.87 -2.13
N ASP A 43 2.55 14.84 -2.21
CA ASP A 43 2.43 16.12 -1.54
C ASP A 43 1.06 16.74 -1.72
N PRO A 44 0.31 16.86 -0.54
CA PRO A 44 -1.01 17.47 -0.75
C PRO A 44 -1.12 18.99 -0.77
N SER A 45 -2.17 19.46 -1.39
CA SER A 45 -2.51 20.86 -1.42
C SER A 45 -3.92 21.08 -0.85
N LEU A 46 -4.00 21.85 0.22
CA LEU A 46 -5.19 22.04 1.01
C LEU A 46 -5.68 23.47 1.13
N ARG A 47 -6.97 23.62 1.41
CA ARG A 47 -7.58 24.89 1.73
C ARG A 47 -8.00 24.85 3.17
N ALA A 48 -7.65 25.89 3.91
CA ALA A 48 -8.06 25.99 5.30
C ALA A 48 -8.40 27.45 5.60
N ASP A 49 -9.00 27.66 6.76
CA ASP A 49 -9.44 28.99 7.14
C ASP A 49 -8.27 29.81 7.71
N PHE A 50 -7.90 30.85 6.99
CA PHE A 50 -6.91 31.78 7.53
C PHE A 50 -7.49 32.47 8.75
N ASN A 51 -6.73 32.50 9.84
CA ASN A 51 -7.12 33.24 11.01
C ASN A 51 -5.90 33.91 11.61
N PRO A 52 -5.95 35.23 11.80
CA PRO A 52 -4.72 35.93 12.23
C PRO A 52 -4.25 35.65 13.63
N GLU A 53 -5.07 35.02 14.46
CA GLU A 53 -4.72 34.78 15.88
C GLU A 53 -4.64 33.32 16.30
N LYS A 54 -4.73 32.37 15.36
CA LYS A 54 -4.69 30.94 15.73
C LYS A 54 -3.47 30.25 15.15
N VAL A 55 -3.15 29.12 15.76
CA VAL A 55 -2.22 28.14 15.25
C VAL A 55 -3.08 26.87 15.10
N GLY A 56 -3.05 26.23 13.94
CA GLY A 56 -3.81 24.99 13.71
C GLY A 56 -2.91 23.77 13.59
N TRP A 57 -3.48 22.58 13.77
CA TRP A 57 -2.77 21.33 13.47
C TRP A 57 -3.14 20.81 12.08
N VAL A 58 -2.14 20.39 11.32
CA VAL A 58 -2.35 19.56 10.17
C VAL A 58 -1.99 18.13 10.61
N SER A 59 -2.88 17.18 10.38
CA SER A 59 -2.59 15.78 10.71
C SER A 59 -2.56 14.96 9.43
N VAL A 60 -1.57 14.06 9.35
CA VAL A 60 -1.38 13.23 8.21
C VAL A 60 -1.34 11.81 8.74
N SER A 61 -2.30 11.00 8.29
CA SER A 61 -2.45 9.61 8.66
C SER A 61 -2.13 8.76 7.46
N PHE A 62 -1.41 7.68 7.70
CA PHE A 62 -1.14 6.68 6.69
C PHE A 62 -1.69 5.37 7.20
N ALA A 63 -2.38 4.63 6.34
CA ALA A 63 -2.80 3.28 6.71
C ALA A 63 -2.84 2.37 5.48
N CYS A 64 -2.28 1.17 5.61
CA CYS A 64 -2.30 0.20 4.49
C CYS A 64 -3.69 -0.44 4.41
N THR A 65 -4.21 -0.56 3.21
CA THR A 65 -5.49 -1.24 3.00
C THR A 65 -5.46 -2.79 3.04
N GLN A 66 -4.26 -3.36 3.06
CA GLN A 66 -4.06 -4.79 2.99
C GLN A 66 -3.48 -5.33 4.24
N CYS A 67 -2.75 -4.50 4.96
CA CYS A 67 -2.21 -4.93 6.18
C CYS A 67 -2.59 -3.88 7.18
N THR A 68 -2.11 -3.96 8.36
CA THR A 68 -2.58 -2.97 9.27
C THR A 68 -1.50 -1.98 9.55
N ALA A 69 -0.49 -1.94 8.71
CA ALA A 69 0.54 -0.93 8.86
C ALA A 69 -0.12 0.45 8.93
N HIS A 70 0.37 1.32 9.81
CA HIS A 70 -0.24 2.63 9.93
C HIS A 70 0.77 3.60 10.54
N TYR A 71 0.55 4.90 10.31
CA TYR A 71 1.46 5.92 10.85
C TYR A 71 0.69 7.22 10.95
N TYR A 72 0.88 7.92 12.06
CA TYR A 72 0.21 9.20 12.29
C TYR A 72 1.30 10.22 12.63
N THR A 73 1.25 11.36 11.95
CA THR A 73 2.07 12.50 12.35
C THR A 73 1.26 13.75 12.23
N SER A 74 1.77 14.80 12.84
CA SER A 74 1.11 16.09 12.77
C SER A 74 2.16 17.23 12.94
N GLU A 75 1.74 18.43 12.53
CA GLU A 75 2.59 19.61 12.63
C GLU A 75 1.68 20.84 12.84
N GLN A 76 2.19 21.81 13.58
CA GLN A 76 1.48 23.11 13.83
C GLN A 76 1.67 24.06 12.69
N VAL A 77 0.64 24.78 12.32
CA VAL A 77 0.67 25.74 11.24
C VAL A 77 0.07 27.05 11.73
N LYS A 78 0.89 28.09 11.73
CA LYS A 78 0.46 29.40 12.20
C LYS A 78 -0.54 29.99 11.23
N TYR A 79 -1.58 30.58 11.80
CA TYR A 79 -2.61 31.38 11.09
C TYR A 79 -3.52 30.64 10.17
N PHE A 80 -3.55 29.31 10.24
CA PHE A 80 -4.54 28.54 9.50
C PHE A 80 -5.18 27.57 10.50
N THR A 81 -6.47 27.38 10.33
CA THR A 81 -7.27 26.63 11.27
C THR A 81 -8.30 25.78 10.50
N ASN A 82 -8.90 24.77 11.14
CA ASN A 82 -9.80 23.86 10.43
C ASN A 82 -9.13 23.23 9.23
N ILE A 83 -7.90 22.80 9.41
CA ILE A 83 -7.16 22.28 8.29
C ILE A 83 -7.71 20.87 8.00
N PRO A 84 -8.11 20.58 6.75
CA PRO A 84 -8.63 19.23 6.47
C PRO A 84 -7.60 18.16 6.89
N PRO A 85 -8.05 17.08 7.54
CA PRO A 85 -7.18 15.93 7.82
C PRO A 85 -6.71 15.33 6.54
N VAL A 86 -5.44 14.92 6.48
CA VAL A 86 -4.93 14.25 5.31
C VAL A 86 -4.88 12.75 5.62
N HIS A 87 -5.44 11.94 4.72
CA HIS A 87 -5.46 10.47 4.88
C HIS A 87 -4.91 9.81 3.66
N PHE A 88 -3.91 8.97 3.85
CA PHE A 88 -3.38 8.17 2.79
C PHE A 88 -3.76 6.75 3.12
N ASP A 89 -4.85 6.29 2.50
CA ASP A 89 -5.29 4.91 2.61
C ASP A 89 -4.77 4.21 1.37
N VAL A 90 -3.64 3.54 1.51
CA VAL A 90 -2.90 3.09 0.33
C VAL A 90 -2.42 1.69 0.55
N VAL A 91 -1.85 1.12 -0.49
CA VAL A 91 -1.18 -0.16 -0.39
C VAL A 91 0.28 0.16 -0.08
N CYS A 92 0.76 -0.34 1.05
CA CYS A 92 2.08 -0.01 1.55
C CYS A 92 3.15 -0.69 0.71
N ALA A 93 4.40 -0.31 0.96
CA ALA A 93 5.54 -0.81 0.19
C ALA A 93 5.72 -2.32 0.28
N ASP A 94 5.40 -2.92 1.41
CA ASP A 94 5.55 -4.35 1.55
C ASP A 94 4.41 -5.12 0.88
N CYS A 95 3.22 -4.54 0.83
CA CYS A 95 2.05 -5.20 0.26
C CYS A 95 1.96 -5.10 -1.27
N GLU A 96 2.56 -4.05 -1.83
CA GLU A 96 2.76 -3.88 -3.28
C GLU A 96 3.34 -5.10 -4.01
N ARG A 97 4.33 -5.73 -3.39
CA ARG A 97 5.07 -6.81 -4.05
C ARG A 97 4.26 -8.11 -4.16
N SER A 98 3.50 -8.43 -3.11
CA SER A 98 2.74 -9.67 -3.15
C SER A 98 1.48 -9.59 -4.01
N VAL A 99 0.87 -8.44 -4.27
CA VAL A 99 -0.34 -8.42 -5.08
C VAL A 99 -0.11 -8.68 -6.56
N GLN A 100 0.90 -8.10 -7.21
CA GLN A 100 1.06 -8.31 -8.64
C GLN A 100 1.72 -9.61 -9.10
N LEU A 101 2.88 -10.06 -8.60
CA LEU A 101 3.50 -11.28 -9.04
C LEU A 101 2.92 -12.55 -8.44
N ASP A 102 2.85 -12.51 -7.11
CA ASP A 102 2.41 -13.64 -6.32
C ASP A 102 0.91 -13.89 -6.38
N ASP A 103 0.05 -12.95 -6.74
CA ASP A 103 -1.38 -13.26 -6.76
C ASP A 103 -1.73 -14.34 -7.79
N GLU A 104 -1.06 -14.35 -8.93
CA GLU A 104 -1.35 -15.36 -9.94
C GLU A 104 -0.63 -16.66 -9.61
N ILE A 105 0.69 -16.60 -9.50
CA ILE A 105 1.50 -17.82 -9.30
C ILE A 105 1.06 -18.56 -8.02
N ASP A 106 0.90 -17.81 -6.93
CA ASP A 106 0.54 -18.38 -5.63
C ASP A 106 -0.86 -19.01 -5.64
N ARG A 107 -1.82 -18.32 -6.23
CA ARG A 107 -3.19 -18.85 -6.36
C ARG A 107 -3.22 -20.11 -7.19
N GLU A 108 -2.39 -20.18 -8.21
CA GLU A 108 -2.42 -21.30 -9.13
C GLU A 108 -1.67 -22.48 -8.55
N HIS A 109 -0.61 -22.22 -7.81
CA HIS A 109 -0.03 -23.27 -6.98
C HIS A 109 -1.03 -23.81 -5.95
N GLN A 110 -1.80 -22.96 -5.30
CA GLN A 110 -2.81 -23.44 -4.36
C GLN A 110 -3.79 -24.39 -5.01
N GLU A 111 -4.30 -24.01 -6.17
CA GLU A 111 -5.27 -24.84 -6.95
C GLU A 111 -4.71 -26.18 -7.38
N ARG A 112 -3.46 -26.15 -7.79
CA ARG A 112 -2.85 -27.33 -8.36
C ARG A 112 -2.62 -28.30 -7.24
N ASN A 113 -2.10 -27.79 -6.13
CA ASN A 113 -1.82 -28.59 -4.98
C ASN A 113 -3.09 -29.20 -4.38
N ALA A 114 -4.24 -28.53 -4.51
CA ALA A 114 -5.49 -29.15 -4.14
C ALA A 114 -5.75 -30.37 -5.00
N GLU A 115 -5.46 -30.27 -6.29
CA GLU A 115 -5.67 -31.38 -7.19
C GLU A 115 -4.64 -32.48 -6.97
N ILE A 116 -3.44 -32.11 -6.60
CA ILE A 116 -2.43 -33.07 -6.24
C ILE A 116 -2.87 -33.83 -5.00
N SER A 117 -3.43 -33.11 -4.03
CA SER A 117 -3.91 -33.73 -2.80
C SER A 117 -4.88 -34.85 -3.11
N ALA A 118 -5.81 -34.53 -4.01
CA ALA A 118 -6.92 -35.38 -4.41
C ALA A 118 -6.40 -36.59 -5.13
N CYS A 119 -5.37 -36.40 -5.95
CA CYS A 119 -4.80 -37.50 -6.71
C CYS A 119 -4.08 -38.43 -5.80
N ASN A 120 -3.34 -37.89 -4.84
CA ASN A 120 -2.64 -38.74 -3.88
C ASN A 120 -3.62 -39.55 -3.04
N ALA A 121 -4.72 -38.93 -2.63
CA ALA A 121 -5.68 -39.63 -1.80
C ALA A 121 -6.35 -40.76 -2.57
N ARG A 122 -6.74 -40.45 -3.80
CA ARG A 122 -7.35 -41.43 -4.65
C ARG A 122 -6.43 -42.63 -4.89
N ALA A 123 -5.16 -42.36 -5.13
CA ALA A 123 -4.17 -43.40 -5.28
C ALA A 123 -4.03 -44.28 -4.03
N LEU A 124 -3.96 -43.68 -2.84
CA LEU A 124 -3.94 -44.45 -1.60
C LEU A 124 -5.20 -45.34 -1.46
N SER A 125 -6.33 -44.93 -2.05
CA SER A 125 -7.53 -45.80 -2.02
C SER A 125 -7.55 -46.88 -3.10
N GLU A 126 -6.69 -46.77 -4.10
CA GLU A 126 -6.61 -47.76 -5.16
C GLU A 126 -5.38 -48.69 -5.00
N GLY A 127 -4.60 -48.49 -3.93
CA GLY A 127 -3.44 -49.34 -3.66
C GLY A 127 -2.24 -49.09 -4.58
N ARG A 128 -2.16 -47.89 -5.16
CA ARG A 128 -0.97 -47.43 -5.87
C ARG A 128 -0.14 -46.49 -4.96
N PRO A 129 1.19 -46.37 -5.21
CA PRO A 129 1.88 -45.40 -4.38
C PRO A 129 1.39 -43.95 -4.68
N ALA A 130 1.29 -43.17 -3.62
CA ALA A 130 0.85 -41.79 -3.70
C ALA A 130 2.13 -40.98 -3.83
N SER A 131 2.57 -40.74 -5.05
CA SER A 131 3.91 -40.25 -5.35
C SER A 131 4.02 -38.74 -5.66
N LEU A 132 2.90 -38.02 -5.74
CA LEU A 132 2.94 -36.62 -6.13
C LEU A 132 3.32 -35.70 -4.99
N VAL A 133 3.89 -34.56 -5.34
CA VAL A 133 4.39 -33.58 -4.39
C VAL A 133 3.82 -32.21 -4.76
N TYR A 134 3.63 -31.39 -3.72
CA TYR A 134 3.09 -30.07 -3.88
C TYR A 134 4.12 -29.22 -4.63
N LEU A 135 3.63 -28.26 -5.39
CA LEU A 135 4.46 -27.33 -6.14
C LEU A 135 4.93 -26.14 -5.31
N SER A 136 6.10 -25.62 -5.66
CA SER A 136 6.62 -24.34 -5.23
C SER A 136 7.39 -23.76 -6.43
N ARG A 137 7.89 -22.56 -6.31
CA ARG A 137 8.62 -21.94 -7.42
C ARG A 137 9.90 -22.71 -7.82
N ASP A 138 10.40 -23.51 -6.92
CA ASP A 138 11.66 -24.16 -7.16
C ASP A 138 11.45 -25.53 -7.82
N ALA A 139 10.20 -25.91 -8.00
CA ALA A 139 9.86 -27.22 -8.50
C ALA A 139 8.39 -27.20 -8.90
N CYS A 140 8.15 -26.91 -10.17
CA CYS A 140 6.80 -26.59 -10.64
C CYS A 140 6.54 -27.31 -11.95
N ASP A 141 5.36 -27.86 -12.11
CA ASP A 141 5.06 -28.62 -13.34
C ASP A 141 3.93 -27.96 -14.13
N ILE A 142 3.66 -26.70 -13.84
CA ILE A 142 2.80 -25.88 -14.70
C ILE A 142 3.60 -25.20 -15.82
N PRO A 143 3.36 -25.57 -17.09
CA PRO A 143 4.25 -25.14 -18.17
C PRO A 143 4.30 -23.61 -18.39
N GLU A 144 3.17 -22.96 -18.16
CA GLU A 144 3.02 -21.51 -18.31
C GLU A 144 3.78 -20.72 -17.22
N HIS A 145 4.28 -21.40 -16.20
CA HIS A 145 5.02 -20.78 -15.13
C HIS A 145 6.51 -20.81 -15.42
N SER A 146 6.93 -21.63 -16.38
CA SER A 146 8.35 -21.79 -16.67
C SER A 146 9.05 -20.43 -16.76
N GLY A 147 10.14 -20.29 -16.03
CA GLY A 147 10.87 -19.00 -15.88
C GLY A 147 10.58 -18.35 -14.55
N ARG A 148 9.31 -18.03 -14.33
CA ARG A 148 8.95 -17.57 -13.01
C ARG A 148 9.17 -18.71 -12.02
N CYS A 149 8.87 -19.94 -12.45
CA CYS A 149 9.16 -21.11 -11.59
C CYS A 149 10.14 -21.97 -12.33
N ARG A 150 10.79 -22.88 -11.60
CA ARG A 150 11.60 -23.92 -12.22
C ARG A 150 10.73 -25.06 -12.73
N PHE A 151 10.63 -25.16 -14.06
CA PHE A 151 9.74 -26.08 -14.73
C PHE A 151 10.37 -27.45 -14.71
N VAL A 152 9.68 -28.36 -14.04
CA VAL A 152 10.10 -29.72 -13.92
C VAL A 152 8.96 -30.53 -14.49
N LYS A 153 9.06 -30.80 -15.90
CA LYS A 153 7.91 -31.31 -16.60
C LYS A 153 7.31 -32.60 -16.02
N TYR A 154 8.15 -33.49 -15.61
CA TYR A 154 7.71 -34.83 -15.20
C TYR A 154 7.75 -35.00 -13.71
N LEU A 155 7.66 -33.89 -12.99
CA LEU A 155 7.70 -33.88 -11.51
C LEU A 155 6.66 -34.83 -10.95
N ASN A 156 5.41 -34.67 -11.39
CA ASN A 156 4.30 -35.46 -10.93
C ASN A 156 3.78 -36.42 -12.00
N PHE A 157 4.61 -36.98 -12.87
CA PHE A 157 4.12 -37.94 -13.86
C PHE A 157 4.40 -39.34 -13.32
ZN ZN B . 0.57 -3.28 3.88
ZN ZN C . 4.76 -22.47 -10.63
N MET A 1 13.65 9.26 -0.48
CA MET A 1 13.36 10.66 -0.07
C MET A 1 12.45 11.34 -1.08
N THR A 2 11.19 11.56 -0.71
CA THR A 2 10.21 12.17 -1.62
C THR A 2 9.53 13.35 -0.92
N ARG A 3 9.44 14.50 -1.62
CA ARG A 3 8.77 15.67 -1.07
C ARG A 3 7.26 15.52 -1.29
N LEU A 4 6.47 15.73 -0.26
CA LEU A 4 5.02 15.83 -0.41
C LEU A 4 4.62 17.26 -0.15
N GLU A 5 4.18 17.97 -1.18
CA GLU A 5 3.71 19.34 -1.02
C GLU A 5 2.25 19.43 -0.53
N VAL A 6 1.97 20.41 0.31
CA VAL A 6 0.66 20.62 0.88
C VAL A 6 0.26 22.08 0.65
N LEU A 7 -0.80 22.32 -0.13
CA LEU A 7 -1.32 23.68 -0.38
C LEU A 7 -2.44 23.94 0.59
N ILE A 8 -2.36 25.06 1.30
CA ILE A 8 -3.40 25.46 2.26
C ILE A 8 -4.00 26.81 1.82
N ARG A 9 -5.32 26.89 1.75
CA ARG A 9 -6.05 28.11 1.33
C ARG A 9 -7.14 28.38 2.36
N PRO A 10 -7.62 29.63 2.45
CA PRO A 10 -8.53 29.99 3.50
C PRO A 10 -9.89 29.31 3.33
N THR A 11 -10.51 28.98 4.44
CA THR A 11 -11.93 28.60 4.44
C THR A 11 -12.75 29.83 4.05
N GLU A 12 -14.01 29.62 3.65
CA GLU A 12 -14.93 30.73 3.33
C GLU A 12 -15.05 31.76 4.46
N GLN A 13 -15.01 31.31 5.69
CA GLN A 13 -15.23 32.18 6.85
C GLN A 13 -14.04 33.05 7.18
N THR A 14 -12.88 32.74 6.62
CA THR A 14 -11.67 33.52 6.86
C THR A 14 -11.14 34.14 5.57
N ALA A 15 -11.78 33.88 4.43
CA ALA A 15 -11.19 34.29 3.16
C ALA A 15 -11.10 35.82 3.00
N ALA A 16 -12.05 36.55 3.60
CA ALA A 16 -12.12 38.01 3.47
C ALA A 16 -10.94 38.63 4.19
N LYS A 17 -10.70 38.20 5.42
CA LYS A 17 -9.56 38.70 6.19
C LYS A 17 -8.22 38.37 5.49
N ALA A 18 -8.13 37.18 4.91
CA ALA A 18 -6.89 36.76 4.20
C ALA A 18 -6.66 37.66 3.00
N ASN A 19 -7.68 37.86 2.19
CA ASN A 19 -7.62 38.88 1.14
C ASN A 19 -7.22 40.29 1.64
N ALA A 20 -7.82 40.74 2.73
CA ALA A 20 -7.57 42.09 3.24
C ALA A 20 -6.10 42.35 3.48
N VAL A 21 -5.36 41.35 3.97
CA VAL A 21 -3.93 41.54 4.20
C VAL A 21 -3.10 41.06 3.02
N GLY A 22 -3.78 40.56 1.99
CA GLY A 22 -3.13 39.95 0.82
C GLY A 22 -2.40 38.61 0.96
N TYR A 23 -2.76 37.77 1.94
CA TYR A 23 -2.09 36.46 2.17
C TYR A 23 -3.06 35.33 1.89
N THR A 24 -3.02 34.84 0.66
CA THR A 24 -4.09 34.02 0.08
C THR A 24 -3.84 32.50 0.17
N HIS A 25 -2.63 32.09 0.56
CA HIS A 25 -2.33 30.67 0.65
C HIS A 25 -0.98 30.43 1.26
N ALA A 26 -0.82 29.21 1.77
CA ALA A 26 0.49 28.72 2.21
C ALA A 26 0.80 27.45 1.44
N LEU A 27 2.03 27.31 0.99
CA LEU A 27 2.48 26.10 0.33
C LEU A 27 3.55 25.53 1.21
N THR A 28 3.32 24.36 1.81
CA THR A 28 4.31 23.80 2.70
C THR A 28 4.67 22.41 2.20
N TRP A 29 5.63 21.77 2.85
CA TRP A 29 5.93 20.40 2.44
C TRP A 29 6.48 19.57 3.60
N VAL A 30 6.33 18.27 3.44
CA VAL A 30 6.96 17.29 4.32
C VAL A 30 7.63 16.29 3.40
N TRP A 31 8.33 15.35 4.02
CA TRP A 31 9.08 14.34 3.29
C TRP A 31 8.69 12.95 3.77
N HIS A 32 8.79 12.00 2.88
CA HIS A 32 8.60 10.63 3.24
C HIS A 32 9.53 9.70 2.46
N SER A 33 9.67 8.48 2.96
CA SER A 33 10.55 7.47 2.44
C SER A 33 9.92 6.73 1.30
N GLN A 34 10.68 5.77 0.80
CA GLN A 34 10.26 4.95 -0.33
C GLN A 34 9.02 4.11 -0.05
N THR A 35 8.83 3.75 1.20
CA THR A 35 7.70 2.93 1.62
C THR A 35 6.38 3.55 1.14
N TRP A 36 6.33 4.87 0.99
CA TRP A 36 5.09 5.58 0.69
C TRP A 36 5.07 6.20 -0.69
N ASP A 37 6.05 5.83 -1.52
CA ASP A 37 6.00 6.11 -2.96
C ASP A 37 5.00 5.20 -3.68
N VAL A 38 3.72 5.47 -3.51
CA VAL A 38 2.66 4.68 -4.13
C VAL A 38 1.70 5.67 -4.76
N ASP A 39 0.91 5.21 -5.74
CA ASP A 39 0.02 6.08 -6.56
C ASP A 39 -0.97 6.88 -5.73
N SER A 40 -1.52 6.25 -4.70
CA SER A 40 -2.56 6.87 -3.88
C SER A 40 -2.05 7.94 -2.91
N VAL A 41 -0.73 8.15 -2.84
CA VAL A 41 -0.17 9.26 -2.03
C VAL A 41 0.10 10.45 -2.96
N ARG A 42 -0.75 11.46 -2.88
CA ARG A 42 -0.69 12.61 -3.75
C ARG A 42 -0.69 13.89 -2.93
N ASP A 43 0.02 14.90 -3.42
CA ASP A 43 0.05 16.23 -2.84
C ASP A 43 -1.34 16.73 -2.51
N PRO A 44 -1.60 16.92 -1.14
CA PRO A 44 -2.95 17.41 -0.86
C PRO A 44 -3.20 18.91 -0.93
N SER A 45 -4.45 19.25 -1.12
CA SER A 45 -4.92 20.61 -1.11
C SER A 45 -6.01 20.80 -0.05
N LEU A 46 -5.76 21.66 0.92
CA LEU A 46 -6.57 21.84 2.10
C LEU A 46 -7.12 23.25 2.30
N ARG A 47 -8.20 23.33 3.06
CA ARG A 47 -8.77 24.58 3.51
C ARG A 47 -8.60 24.65 5.00
N ALA A 48 -8.11 25.78 5.47
CA ALA A 48 -7.96 25.99 6.90
C ALA A 48 -8.30 27.43 7.23
N ASP A 49 -8.43 27.72 8.51
CA ASP A 49 -8.82 29.05 8.96
C ASP A 49 -7.61 29.99 8.97
N PHE A 50 -7.64 30.99 8.09
CA PHE A 50 -6.61 32.02 8.15
C PHE A 50 -6.75 32.79 9.46
N ASN A 51 -5.65 32.97 10.16
CA ASN A 51 -5.63 33.79 11.34
C ASN A 51 -4.34 34.59 11.38
N PRO A 52 -4.45 35.92 11.49
CA PRO A 52 -3.22 36.74 11.37
C PRO A 52 -2.23 36.63 12.49
N GLU A 53 -2.62 36.02 13.61
CA GLU A 53 -1.73 35.94 14.80
C GLU A 53 -1.34 34.53 15.24
N LYS A 54 -1.69 33.51 14.49
CA LYS A 54 -1.36 32.12 14.89
C LYS A 54 -0.40 31.46 13.92
N VAL A 55 0.24 30.41 14.43
CA VAL A 55 0.99 29.45 13.66
C VAL A 55 0.27 28.12 13.94
N GLY A 56 -0.08 27.38 12.89
CA GLY A 56 -0.75 26.07 13.06
C GLY A 56 0.15 24.91 12.68
N TRP A 57 -0.19 23.71 13.13
CA TRP A 57 0.47 22.49 12.66
C TRP A 57 -0.35 21.81 11.56
N VAL A 58 0.32 21.39 10.51
CA VAL A 58 -0.23 20.43 9.57
C VAL A 58 0.41 19.08 9.92
N SER A 59 -0.40 18.06 10.12
CA SER A 59 0.13 16.72 10.39
C SER A 59 -0.24 15.79 9.25
N VAL A 60 0.71 14.96 8.87
CA VAL A 60 0.53 14.03 7.78
C VAL A 60 0.91 12.68 8.35
N SER A 61 -0.06 11.76 8.36
CA SER A 61 0.08 10.41 8.84
C SER A 61 -0.01 9.47 7.66
N PHE A 62 0.85 8.47 7.67
CA PHE A 62 0.81 7.39 6.70
C PHE A 62 0.63 6.10 7.47
N ALA A 63 -0.24 5.24 6.98
CA ALA A 63 -0.36 3.91 7.58
C ALA A 63 -0.79 2.89 6.53
N CYS A 64 -0.10 1.74 6.49
CA CYS A 64 -0.46 0.68 5.54
C CYS A 64 -1.70 -0.06 6.03
N THR A 65 -2.62 -0.33 5.13
CA THR A 65 -3.82 -1.11 5.49
C THR A 65 -3.62 -2.65 5.60
N GLN A 66 -2.46 -3.13 5.20
CA GLN A 66 -2.15 -4.54 5.14
C GLN A 66 -1.08 -4.91 6.11
N CYS A 67 -0.24 -3.98 6.43
CA CYS A 67 0.78 -4.26 7.38
C CYS A 67 0.70 -3.15 8.37
N THR A 68 1.60 -3.08 9.28
CA THR A 68 1.41 -2.04 10.24
C THR A 68 2.43 -0.95 10.01
N ALA A 69 3.03 -0.93 8.85
CA ALA A 69 3.94 0.16 8.53
C ALA A 69 3.22 1.50 8.76
N HIS A 70 3.92 2.46 9.32
CA HIS A 70 3.28 3.75 9.58
C HIS A 70 4.33 4.84 9.70
N TYR A 71 3.92 6.08 9.50
CA TYR A 71 4.87 7.20 9.57
C TYR A 71 4.07 8.46 9.88
N TYR A 72 4.60 9.27 10.78
CA TYR A 72 3.95 10.51 11.18
C TYR A 72 4.97 11.64 11.00
N THR A 73 4.56 12.70 10.33
CA THR A 73 5.36 13.92 10.30
C THR A 73 4.45 15.11 10.43
N SER A 74 5.05 16.24 10.73
CA SER A 74 4.29 17.48 10.85
C SER A 74 5.19 18.70 10.52
N GLU A 75 4.56 19.81 10.23
CA GLU A 75 5.24 21.05 9.91
C GLU A 75 4.37 22.24 10.38
N GLN A 76 5.03 23.30 10.81
CA GLN A 76 4.34 24.56 11.24
C GLN A 76 3.99 25.41 10.05
N VAL A 77 2.82 26.03 10.07
CA VAL A 77 2.35 26.88 9.00
C VAL A 77 1.85 28.19 9.60
N LYS A 78 2.52 29.28 9.23
CA LYS A 78 2.17 30.59 9.73
C LYS A 78 0.83 31.02 9.21
N TYR A 79 0.02 31.59 10.10
CA TYR A 79 -1.26 32.25 9.79
C TYR A 79 -2.40 31.36 9.33
N PHE A 80 -2.25 30.05 9.50
CA PHE A 80 -3.37 29.15 9.24
C PHE A 80 -3.48 28.24 10.47
N THR A 81 -4.72 27.95 10.84
CA THR A 81 -5.02 27.24 12.06
C THR A 81 -6.18 26.27 11.79
N ASN A 82 -6.39 25.29 12.68
CA ASN A 82 -7.40 24.25 12.44
C ASN A 82 -7.19 23.55 11.11
N ILE A 83 -5.93 23.21 10.83
CA ILE A 83 -5.64 22.64 9.54
C ILE A 83 -6.12 21.18 9.57
N PRO A 84 -6.93 20.75 8.60
CA PRO A 84 -7.37 19.35 8.63
C PRO A 84 -6.17 18.39 8.67
N PRO A 85 -6.23 17.35 9.52
CA PRO A 85 -5.21 16.29 9.51
C PRO A 85 -5.20 15.60 8.18
N VAL A 86 -4.03 15.28 7.66
CA VAL A 86 -3.94 14.53 6.43
C VAL A 86 -3.63 13.08 6.79
N HIS A 87 -4.40 12.15 6.23
CA HIS A 87 -4.22 10.71 6.48
C HIS A 87 -4.11 9.97 5.19
N PHE A 88 -3.03 9.22 5.02
CA PHE A 88 -2.88 8.35 3.88
C PHE A 88 -2.96 6.95 4.44
N ASP A 89 -4.15 6.36 4.31
CA ASP A 89 -4.38 4.97 4.67
C ASP A 89 -4.30 4.19 3.37
N VAL A 90 -3.14 3.62 3.10
CA VAL A 90 -2.87 3.12 1.76
C VAL A 90 -2.21 1.77 1.86
N VAL A 91 -2.03 1.15 0.72
CA VAL A 91 -1.24 -0.07 0.63
C VAL A 91 0.17 0.38 0.33
N CYS A 92 1.10 0.02 1.22
CA CYS A 92 2.47 0.48 1.14
C CYS A 92 3.21 -0.22 0.01
N ALA A 93 4.41 0.28 -0.29
CA ALA A 93 5.22 -0.22 -1.40
C ALA A 93 5.56 -1.70 -1.29
N ASP A 94 5.76 -2.20 -0.09
CA ASP A 94 6.08 -3.62 0.08
C ASP A 94 4.87 -4.51 -0.07
N CYS A 95 3.69 -4.01 0.32
CA CYS A 95 2.46 -4.80 0.29
C CYS A 95 1.78 -4.85 -1.09
N GLU A 96 2.02 -3.83 -1.91
CA GLU A 96 1.63 -3.79 -3.32
C GLU A 96 2.01 -5.01 -4.15
N ARG A 97 3.15 -5.56 -3.72
CA ARG A 97 3.73 -6.74 -4.33
C ARG A 97 3.02 -7.99 -3.81
N SER A 98 2.75 -8.03 -2.51
CA SER A 98 2.09 -9.16 -1.87
C SER A 98 0.71 -9.44 -2.45
N VAL A 99 -0.07 -8.42 -2.79
CA VAL A 99 -1.39 -8.61 -3.36
C VAL A 99 -1.27 -9.25 -4.73
N GLN A 100 -0.24 -8.88 -5.47
CA GLN A 100 0.01 -9.39 -6.81
C GLN A 100 0.64 -10.77 -6.85
N LEU A 101 1.32 -11.30 -5.82
CA LEU A 101 1.92 -12.62 -5.84
C LEU A 101 0.85 -13.69 -5.62
N ASP A 102 -0.27 -13.37 -4.99
CA ASP A 102 -1.32 -14.34 -4.73
C ASP A 102 -1.89 -14.86 -6.05
N ASP A 103 -1.84 -14.01 -7.09
CA ASP A 103 -2.33 -14.37 -8.41
C ASP A 103 -1.31 -15.21 -9.15
N GLU A 104 -0.03 -15.07 -8.76
CA GLU A 104 1.07 -15.81 -9.36
C GLU A 104 1.05 -17.21 -8.76
N ILE A 105 1.14 -17.29 -7.42
CA ILE A 105 1.08 -18.60 -6.74
C ILE A 105 -0.12 -19.42 -7.22
N ASP A 106 -1.29 -18.77 -7.32
CA ASP A 106 -2.54 -19.43 -7.72
C ASP A 106 -2.48 -19.93 -9.16
N ARG A 107 -1.99 -19.10 -10.07
CA ARG A 107 -1.84 -19.48 -11.48
C ARG A 107 -0.89 -20.65 -11.64
N GLU A 108 0.16 -20.69 -10.83
CA GLU A 108 1.18 -21.70 -10.96
C GLU A 108 0.73 -22.99 -10.33
N HIS A 109 -0.01 -22.91 -9.24
CA HIS A 109 -0.72 -24.09 -8.75
C HIS A 109 -1.70 -24.64 -9.79
N GLN A 110 -2.46 -23.80 -10.47
CA GLN A 110 -3.37 -24.26 -11.51
C GLN A 110 -2.63 -25.05 -12.59
N GLU A 111 -1.52 -24.50 -13.06
CA GLU A 111 -0.68 -25.16 -14.11
C GLU A 111 -0.11 -26.49 -13.68
N ARG A 112 0.32 -26.55 -12.45
CA ARG A 112 1.00 -27.71 -11.96
C ARG A 112 -0.01 -28.81 -11.79
N ASN A 113 -1.14 -28.46 -11.22
CA ASN A 113 -2.20 -29.39 -11.01
C ASN A 113 -2.78 -29.95 -12.33
N ALA A 114 -2.73 -29.16 -13.41
CA ALA A 114 -3.06 -29.70 -14.71
C ALA A 114 -2.08 -30.80 -15.10
N GLU A 115 -0.81 -30.58 -14.81
CA GLU A 115 0.20 -31.57 -15.12
C GLU A 115 0.10 -32.79 -14.21
N ILE A 116 -0.28 -32.56 -12.98
CA ILE A 116 -0.52 -33.65 -12.05
C ILE A 116 -1.69 -34.48 -12.55
N SER A 117 -2.75 -33.82 -13.03
CA SER A 117 -3.90 -34.52 -13.56
C SER A 117 -3.51 -35.50 -14.64
N ALA A 118 -2.66 -35.00 -15.54
CA ALA A 118 -2.20 -35.71 -16.73
C ALA A 118 -1.35 -36.89 -16.33
N CYS A 119 -0.53 -36.70 -15.30
CA CYS A 119 0.34 -37.78 -14.82
C CYS A 119 -0.46 -38.85 -14.19
N ASN A 120 -1.46 -38.48 -13.40
CA ASN A 120 -2.32 -39.48 -12.78
C ASN A 120 -3.08 -40.28 -13.81
N ALA A 121 -3.57 -39.61 -14.84
CA ALA A 121 -4.34 -40.30 -15.86
C ALA A 121 -3.48 -41.28 -16.64
N ARG A 122 -2.29 -40.80 -17.01
CA ARG A 122 -1.37 -41.64 -17.73
C ARG A 122 -1.00 -42.88 -16.93
N ALA A 123 -0.76 -42.72 -15.64
CA ALA A 123 -0.48 -43.82 -14.74
C ALA A 123 -1.63 -44.83 -14.68
N LEU A 124 -2.88 -44.35 -14.55
CA LEU A 124 -4.04 -45.26 -14.59
C LEU A 124 -4.11 -46.03 -15.92
N SER A 125 -3.59 -45.47 -17.02
CA SER A 125 -3.55 -46.22 -18.28
C SER A 125 -2.37 -47.17 -18.42
N GLU A 126 -1.38 -47.04 -17.55
CA GLU A 126 -0.22 -47.93 -17.59
C GLU A 126 -0.26 -48.98 -16.45
N GLY A 127 -1.33 -48.95 -15.64
CA GLY A 127 -1.48 -49.94 -14.56
C GLY A 127 -0.58 -49.71 -13.35
N ARG A 128 -0.13 -48.46 -13.17
CA ARG A 128 0.56 -48.05 -11.94
C ARG A 128 -0.42 -47.29 -11.02
N PRO A 129 -0.15 -47.26 -9.69
CA PRO A 129 -1.07 -46.45 -8.91
C PRO A 129 -0.92 -44.94 -9.27
N ALA A 130 -2.05 -44.26 -9.27
CA ALA A 130 -2.11 -42.85 -9.57
C ALA A 130 -2.06 -42.15 -8.23
N SER A 131 -0.85 -41.82 -7.79
CA SER A 131 -0.58 -41.44 -6.42
C SER A 131 -0.41 -39.93 -6.16
N LEU A 132 -0.43 -39.10 -7.22
CA LEU A 132 -0.17 -37.68 -7.05
C LEU A 132 -1.40 -36.92 -6.57
N VAL A 133 -1.15 -35.79 -5.90
CA VAL A 133 -2.19 -34.98 -5.30
C VAL A 133 -1.96 -33.53 -5.73
N TYR A 134 -3.07 -32.80 -5.84
CA TYR A 134 -3.07 -31.43 -6.25
C TYR A 134 -2.38 -30.61 -5.16
N LEU A 135 -1.73 -29.53 -5.56
CA LEU A 135 -1.06 -28.61 -4.65
C LEU A 135 -2.00 -27.56 -4.06
N SER A 136 -1.68 -27.12 -2.86
CA SER A 136 -2.23 -25.95 -2.22
C SER A 136 -1.08 -25.32 -1.40
N ARG A 137 -1.30 -24.18 -0.80
CA ARG A 137 -0.25 -23.53 -0.02
C ARG A 137 0.25 -24.37 1.17
N ASP A 138 -0.57 -25.30 1.61
CA ASP A 138 -0.23 -26.04 2.80
C ASP A 138 0.55 -27.30 2.46
N ALA A 139 0.75 -27.54 1.17
CA ALA A 139 1.37 -28.77 0.71
C ALA A 139 1.74 -28.57 -0.75
N CYS A 140 2.97 -28.13 -0.98
CA CYS A 140 3.39 -27.64 -2.29
C CYS A 140 4.75 -28.21 -2.64
N ASP A 141 4.95 -28.62 -3.87
CA ASP A 141 6.24 -29.22 -4.25
C ASP A 141 6.95 -28.39 -5.31
N ILE A 142 6.52 -27.13 -5.47
CA ILE A 142 7.28 -26.15 -6.25
C ILE A 142 8.34 -25.45 -5.40
N PRO A 143 9.64 -25.67 -5.69
CA PRO A 143 10.69 -25.21 -4.78
C PRO A 143 10.75 -23.68 -4.58
N GLU A 144 10.43 -22.95 -5.64
CA GLU A 144 10.44 -21.48 -5.66
C GLU A 144 9.30 -20.88 -4.82
N HIS A 145 8.35 -21.71 -4.37
CA HIS A 145 7.24 -21.26 -3.56
C HIS A 145 7.56 -21.41 -2.09
N SER A 146 8.61 -22.16 -1.77
CA SER A 146 8.94 -22.43 -0.36
C SER A 146 8.90 -21.13 0.46
N GLY A 147 8.18 -21.17 1.58
CA GLY A 147 7.92 -19.97 2.41
C GLY A 147 6.53 -19.44 2.20
N ARG A 148 6.24 -19.01 0.97
CA ARG A 148 4.88 -18.66 0.66
C ARG A 148 4.03 -19.92 0.78
N CYS A 149 4.56 -21.07 0.37
CA CYS A 149 3.83 -22.34 0.56
C CYS A 149 4.66 -23.20 1.45
N ARG A 150 4.04 -24.24 2.01
CA ARG A 150 4.77 -25.29 2.72
C ARG A 150 5.38 -26.28 1.73
N PHE A 151 6.71 -26.23 1.61
CA PHE A 151 7.45 -27.00 0.63
C PHE A 151 7.59 -28.41 1.14
N VAL A 152 6.99 -29.31 0.37
CA VAL A 152 7.02 -30.72 0.66
C VAL A 152 7.65 -31.36 -0.56
N LYS A 153 9.07 -31.49 -0.49
CA LYS A 153 9.81 -31.82 -1.70
C LYS A 153 9.34 -33.10 -2.40
N TYR A 154 9.04 -34.10 -1.65
CA TYR A 154 8.75 -35.42 -2.21
C TYR A 154 7.29 -35.75 -2.18
N LEU A 155 6.46 -34.71 -2.15
CA LEU A 155 4.99 -34.86 -2.10
C LEU A 155 4.51 -35.76 -3.22
N ASN A 156 4.90 -35.45 -4.45
CA ASN A 156 4.52 -36.17 -5.63
C ASN A 156 5.66 -36.96 -6.24
N PHE A 157 6.58 -37.46 -5.41
CA PHE A 157 7.72 -38.24 -5.87
C PHE A 157 8.63 -37.46 -6.82
ZN ZN B . 2.30 -2.65 4.07
ZN ZN C . 2.92 -23.37 -3.93
N MET A 1 13.79 8.52 3.69
CA MET A 1 13.48 9.94 4.06
C MET A 1 12.91 10.68 2.86
N THR A 2 11.60 10.96 2.88
CA THR A 2 10.94 11.63 1.77
C THR A 2 10.14 12.83 2.28
N ARG A 3 10.30 13.99 1.64
CA ARG A 3 9.55 15.19 2.02
C ARG A 3 8.16 15.12 1.39
N LEU A 4 7.13 15.36 2.17
CA LEU A 4 5.78 15.53 1.62
C LEU A 4 5.38 16.97 1.82
N GLU A 5 5.27 17.72 0.75
CA GLU A 5 4.84 19.11 0.81
C GLU A 5 3.30 19.26 0.88
N VAL A 6 2.85 20.24 1.65
CA VAL A 6 1.44 20.51 1.84
C VAL A 6 1.18 21.98 1.57
N LEU A 7 0.39 22.29 0.54
CA LEU A 7 0.01 23.69 0.20
C LEU A 7 -1.32 23.98 0.82
N ILE A 8 -1.39 25.07 1.57
CA ILE A 8 -2.64 25.50 2.23
C ILE A 8 -3.03 26.90 1.70
N ARG A 9 -4.28 27.04 1.26
CA ARG A 9 -4.81 28.30 0.70
C ARG A 9 -6.13 28.60 1.39
N PRO A 10 -6.56 29.88 1.40
CA PRO A 10 -7.71 30.26 2.18
C PRO A 10 -9.00 29.65 1.61
N THR A 11 -9.92 29.32 2.49
CA THR A 11 -11.30 29.02 2.08
C THR A 11 -11.93 30.30 1.52
N GLU A 12 -13.04 30.16 0.79
CA GLU A 12 -13.78 31.32 0.26
C GLU A 12 -14.17 32.34 1.35
N GLN A 13 -14.49 31.86 2.54
CA GLN A 13 -14.99 32.71 3.62
C GLN A 13 -13.90 33.50 4.30
N THR A 14 -12.64 33.14 4.06
CA THR A 14 -11.52 33.86 4.67
C THR A 14 -10.62 34.48 3.59
N ALA A 15 -10.93 34.29 2.31
CA ALA A 15 -9.99 34.69 1.27
C ALA A 15 -9.80 36.22 1.20
N ALA A 16 -10.85 36.97 1.54
CA ALA A 16 -10.81 38.44 1.45
C ALA A 16 -9.85 38.99 2.49
N LYS A 17 -9.98 38.51 3.72
CA LYS A 17 -9.09 38.94 4.78
C LYS A 17 -7.63 38.57 4.48
N ALA A 18 -7.41 37.38 3.90
CA ALA A 18 -6.05 36.91 3.55
C ALA A 18 -5.45 37.83 2.50
N ASN A 19 -6.21 38.10 1.44
CA ASN A 19 -5.82 39.15 0.49
C ASN A 19 -5.50 40.51 1.13
N ALA A 20 -6.37 40.98 2.03
CA ALA A 20 -6.22 42.30 2.64
C ALA A 20 -4.86 42.47 3.29
N VAL A 21 -4.32 41.43 3.92
CA VAL A 21 -3.00 41.54 4.54
C VAL A 21 -1.91 41.04 3.62
N GLY A 22 -2.29 40.60 2.42
CA GLY A 22 -1.36 39.99 1.46
C GLY A 22 -0.76 38.61 1.74
N TYR A 23 -1.43 37.77 2.56
CA TYR A 23 -0.89 36.42 2.92
C TYR A 23 -1.79 35.35 2.32
N THR A 24 -1.44 34.89 1.14
CA THR A 24 -2.32 34.13 0.26
C THR A 24 -2.19 32.61 0.36
N HIS A 25 -1.15 32.13 1.05
CA HIS A 25 -0.94 30.69 1.17
C HIS A 25 0.18 30.37 2.13
N ALA A 26 0.14 29.13 2.61
CA ALA A 26 1.24 28.56 3.37
C ALA A 26 1.70 27.31 2.67
N LEU A 27 3.01 27.11 2.57
CA LEU A 27 3.57 25.89 2.02
C LEU A 27 4.33 25.25 3.15
N THR A 28 3.89 24.08 3.61
CA THR A 28 4.57 23.44 4.72
C THR A 28 4.99 22.05 4.28
N TRP A 29 5.71 21.35 5.14
CA TRP A 29 6.04 19.98 4.80
C TRP A 29 6.22 19.09 6.02
N VAL A 30 6.07 17.80 5.78
CA VAL A 30 6.39 16.76 6.76
C VAL A 30 7.25 15.76 6.04
N TRP A 31 7.70 14.77 6.78
CA TRP A 31 8.59 13.74 6.25
C TRP A 31 8.02 12.37 6.55
N HIS A 32 8.32 11.43 5.68
CA HIS A 32 7.98 10.05 5.92
C HIS A 32 9.06 9.10 5.40
N SER A 33 8.99 7.87 5.87
CA SER A 33 9.94 6.82 5.58
C SER A 33 9.62 6.15 4.29
N GLN A 34 10.45 5.17 3.98
CA GLN A 34 10.33 4.39 2.74
C GLN A 34 9.02 3.61 2.64
N THR A 35 8.48 3.22 3.78
CA THR A 35 7.24 2.47 3.84
C THR A 35 6.13 3.16 3.03
N TRP A 36 6.19 4.49 2.93
CA TRP A 36 5.10 5.26 2.32
C TRP A 36 5.50 5.91 1.01
N ASP A 37 6.66 5.51 0.48
CA ASP A 37 7.01 5.83 -0.91
C ASP A 37 6.22 4.99 -1.92
N VAL A 38 4.95 5.31 -2.09
CA VAL A 38 4.08 4.60 -3.02
C VAL A 38 3.36 5.65 -3.84
N ASP A 39 2.86 5.26 -5.03
CA ASP A 39 2.27 6.19 -6.02
C ASP A 39 1.12 7.02 -5.47
N SER A 40 0.29 6.39 -4.66
CA SER A 40 -0.91 7.04 -4.14
C SER A 40 -0.65 8.08 -3.03
N VAL A 41 0.60 8.22 -2.58
CA VAL A 41 0.97 9.27 -1.61
C VAL A 41 1.53 10.46 -2.39
N ARG A 42 0.74 11.52 -2.50
CA ARG A 42 1.10 12.69 -3.27
C ARG A 42 0.91 13.94 -2.44
N ASP A 43 1.77 14.92 -2.68
CA ASP A 43 1.70 16.23 -2.06
C ASP A 43 0.29 16.80 -2.11
N PRO A 44 -0.32 16.97 -0.86
CA PRO A 44 -1.68 17.53 -0.94
C PRO A 44 -1.84 19.04 -1.02
N SER A 45 -2.98 19.44 -1.54
CA SER A 45 -3.36 20.82 -1.61
C SER A 45 -4.70 21.04 -0.88
N LEU A 46 -4.69 21.86 0.15
CA LEU A 46 -5.79 22.06 1.06
C LEU A 46 -6.31 23.48 1.16
N ARG A 47 -7.56 23.60 1.59
CA ARG A 47 -8.18 24.87 1.91
C ARG A 47 -8.42 24.89 3.38
N ALA A 48 -8.03 25.99 4.02
CA ALA A 48 -8.29 26.15 5.44
C ALA A 48 -8.64 27.61 5.71
N ASP A 49 -9.11 27.87 6.92
CA ASP A 49 -9.55 29.21 7.29
C ASP A 49 -8.35 30.07 7.67
N PHE A 50 -8.10 31.10 6.86
CA PHE A 50 -7.08 32.08 7.24
C PHE A 50 -7.54 32.82 8.49
N ASN A 51 -6.67 32.93 9.47
CA ASN A 51 -6.95 33.71 10.64
C ASN A 51 -5.70 34.44 11.07
N PRO A 52 -5.76 35.78 11.20
CA PRO A 52 -4.52 36.54 11.44
C PRO A 52 -3.89 36.35 12.80
N GLU A 53 -4.59 35.74 13.74
CA GLU A 53 -4.08 35.58 15.12
C GLU A 53 -3.89 34.14 15.61
N LYS A 54 -4.04 33.15 14.74
CA LYS A 54 -3.92 31.75 15.16
C LYS A 54 -2.75 31.06 14.48
N VAL A 55 -2.32 29.96 15.10
CA VAL A 55 -1.43 28.99 14.53
C VAL A 55 -2.24 27.69 14.55
N GLY A 56 -2.33 26.99 13.42
CA GLY A 56 -3.07 25.72 13.34
C GLY A 56 -2.14 24.52 13.19
N TRP A 57 -2.65 23.33 13.49
CA TRP A 57 -1.94 22.08 13.18
C TRP A 57 -2.45 21.48 11.86
N VAL A 58 -1.53 21.05 11.02
CA VAL A 58 -1.84 20.15 9.94
C VAL A 58 -1.38 18.76 10.40
N SER A 59 -2.26 17.77 10.32
CA SER A 59 -1.88 16.40 10.69
C SER A 59 -1.97 15.52 9.45
N VAL A 60 -0.97 14.65 9.31
CA VAL A 60 -0.88 13.76 8.19
C VAL A 60 -0.72 12.37 8.79
N SER A 61 -1.71 11.50 8.49
CA SER A 61 -1.76 10.14 8.95
C SER A 61 -1.56 9.23 7.76
N PHE A 62 -0.78 8.19 7.97
CA PHE A 62 -0.59 7.14 6.99
C PHE A 62 -1.04 5.84 7.62
N ALA A 63 -1.78 5.04 6.88
CA ALA A 63 -2.11 3.71 7.37
C ALA A 63 -2.26 2.73 6.20
N CYS A 64 -1.66 1.56 6.31
CA CYS A 64 -1.77 0.53 5.27
C CYS A 64 -3.14 -0.15 5.37
N THR A 65 -3.78 -0.35 4.24
CA THR A 65 -5.06 -1.09 4.21
C THR A 65 -4.96 -2.62 4.33
N GLN A 66 -3.76 -3.16 4.24
CA GLN A 66 -3.51 -4.59 4.21
C GLN A 66 -2.77 -5.03 5.42
N CYS A 67 -2.01 -4.15 6.00
CA CYS A 67 -1.31 -4.51 7.18
C CYS A 67 -1.61 -3.41 8.15
N THR A 68 -0.99 -3.41 9.28
CA THR A 68 -1.39 -2.39 10.19
C THR A 68 -0.31 -1.35 10.29
N ALA A 69 0.58 -1.33 9.34
CA ALA A 69 1.60 -0.28 9.33
C ALA A 69 0.90 1.09 9.40
N HIS A 70 1.45 2.00 10.16
CA HIS A 70 0.82 3.30 10.29
C HIS A 70 1.84 4.33 10.73
N TYR A 71 1.55 5.61 10.47
CA TYR A 71 2.50 6.68 10.85
C TYR A 71 1.70 7.96 10.97
N TYR A 72 1.99 8.73 12.01
CA TYR A 72 1.31 9.99 12.26
C TYR A 72 2.39 11.07 12.42
N THR A 73 2.22 12.16 11.69
CA THR A 73 3.05 13.35 11.94
C THR A 73 2.18 14.57 11.85
N SER A 74 2.73 15.66 12.35
CA SER A 74 2.02 16.93 12.30
C SER A 74 3.03 18.11 12.27
N GLU A 75 2.55 19.28 11.86
CA GLU A 75 3.35 20.47 11.80
C GLU A 75 2.43 21.69 12.05
N GLN A 76 2.98 22.71 12.69
CA GLN A 76 2.26 24.00 12.95
C GLN A 76 2.29 24.89 11.75
N VAL A 77 1.19 25.56 11.47
CA VAL A 77 1.06 26.46 10.34
C VAL A 77 0.48 27.78 10.83
N LYS A 78 1.26 28.84 10.69
CA LYS A 78 0.85 30.16 11.13
C LYS A 78 -0.27 30.67 10.28
N TYR A 79 -1.27 31.27 10.93
CA TYR A 79 -2.39 31.99 10.29
C TYR A 79 -3.39 31.17 9.52
N PHE A 80 -3.36 29.85 9.66
CA PHE A 80 -4.39 29.02 9.09
C PHE A 80 -4.88 28.09 10.19
N THR A 81 -6.19 27.85 10.19
CA THR A 81 -6.84 27.13 11.26
C THR A 81 -7.92 26.22 10.64
N ASN A 82 -8.41 25.23 11.40
CA ASN A 82 -9.35 24.25 10.84
C ASN A 82 -8.81 23.58 9.61
N ILE A 83 -7.55 23.18 9.67
CA ILE A 83 -6.92 22.64 8.49
C ILE A 83 -7.46 21.20 8.34
N PRO A 84 -7.99 20.83 7.16
CA PRO A 84 -8.47 19.44 7.02
C PRO A 84 -7.38 18.42 7.35
N PRO A 85 -7.71 17.37 8.12
CA PRO A 85 -6.78 16.27 8.35
C PRO A 85 -6.43 15.61 7.05
N VAL A 86 -5.17 15.24 6.87
CA VAL A 86 -4.77 14.53 5.68
C VAL A 86 -4.64 13.05 6.05
N HIS A 87 -5.26 12.18 5.27
CA HIS A 87 -5.22 10.72 5.50
C HIS A 87 -4.79 9.99 4.26
N PHE A 88 -3.74 9.20 4.38
CA PHE A 88 -3.30 8.35 3.30
C PHE A 88 -3.60 6.95 3.75
N ASP A 89 -4.73 6.42 3.28
CA ASP A 89 -5.12 5.04 3.50
C ASP A 89 -4.71 4.30 2.24
N VAL A 90 -3.55 3.66 2.29
CA VAL A 90 -2.93 3.19 1.06
C VAL A 90 -2.39 1.80 1.28
N VAL A 91 -1.92 1.20 0.21
CA VAL A 91 -1.19 -0.06 0.30
C VAL A 91 0.27 0.32 0.42
N CYS A 92 0.89 -0.10 1.51
CA CYS A 92 2.25 0.28 1.84
C CYS A 92 3.24 -0.41 0.93
N ALA A 93 4.50 0.03 1.00
CA ALA A 93 5.56 -0.49 0.13
C ALA A 93 5.80 -1.98 0.27
N ASP A 94 5.63 -2.52 1.46
CA ASP A 94 5.84 -3.95 1.66
C ASP A 94 4.67 -4.78 1.16
N CYS A 95 3.46 -4.23 1.22
CA CYS A 95 2.26 -4.96 0.82
C CYS A 95 1.99 -4.94 -0.69
N GLU A 96 2.49 -3.92 -1.38
CA GLU A 96 2.50 -3.81 -2.84
C GLU A 96 3.05 -5.04 -3.57
N ARG A 97 4.06 -5.62 -2.93
CA ARG A 97 4.79 -6.76 -3.48
C ARG A 97 4.03 -8.06 -3.23
N SER A 98 3.45 -8.21 -2.05
CA SER A 98 2.73 -9.43 -1.70
C SER A 98 1.49 -9.66 -2.56
N VAL A 99 0.86 -8.61 -3.09
CA VAL A 99 -0.33 -8.78 -3.91
C VAL A 99 -0.01 -9.36 -5.29
N GLN A 100 0.91 -8.73 -6.02
CA GLN A 100 1.25 -9.17 -7.36
C GLN A 100 2.17 -10.39 -7.45
N LEU A 101 2.97 -10.78 -6.45
CA LEU A 101 3.81 -11.95 -6.53
C LEU A 101 3.00 -13.22 -6.26
N ASP A 102 2.30 -13.24 -5.13
CA ASP A 102 1.51 -14.38 -4.71
C ASP A 102 0.38 -14.71 -5.68
N ASP A 103 -0.11 -13.75 -6.45
CA ASP A 103 -1.20 -13.99 -7.39
C ASP A 103 -0.75 -14.86 -8.55
N GLU A 104 0.55 -14.83 -8.87
CA GLU A 104 1.11 -15.63 -9.95
C GLU A 104 1.33 -17.03 -9.39
N ILE A 105 2.13 -17.09 -8.32
CA ILE A 105 2.43 -18.39 -7.67
C ILE A 105 1.14 -19.15 -7.35
N ASP A 106 0.15 -18.45 -6.79
CA ASP A 106 -1.13 -19.06 -6.39
C ASP A 106 -1.92 -19.59 -7.59
N ARG A 107 -2.01 -18.79 -8.64
CA ARG A 107 -2.69 -19.20 -9.88
C ARG A 107 -2.04 -20.41 -10.50
N GLU A 108 -0.72 -20.50 -10.42
CA GLU A 108 0.02 -21.56 -11.08
C GLU A 108 -0.03 -22.82 -10.24
N HIS A 109 -0.02 -22.68 -8.92
CA HIS A 109 -0.36 -23.81 -8.08
C HIS A 109 -1.79 -24.34 -8.35
N GLN A 110 -2.76 -23.46 -8.51
CA GLN A 110 -4.11 -23.91 -8.84
C GLN A 110 -4.15 -24.74 -10.11
N GLU A 111 -3.49 -24.26 -11.16
CA GLU A 111 -3.41 -24.97 -12.47
C GLU A 111 -2.74 -26.33 -12.38
N ARG A 112 -1.68 -26.37 -11.60
CA ARG A 112 -0.89 -27.57 -11.54
C ARG A 112 -1.65 -28.61 -10.80
N ASN A 113 -2.26 -28.19 -9.70
CA ASN A 113 -3.03 -29.08 -8.87
C ASN A 113 -4.26 -29.62 -9.61
N ALA A 114 -4.82 -28.86 -10.57
CA ALA A 114 -5.85 -29.40 -11.43
C ALA A 114 -5.30 -30.55 -12.25
N GLU A 115 -4.08 -30.40 -12.74
CA GLU A 115 -3.46 -31.44 -13.52
C GLU A 115 -3.06 -32.64 -12.68
N ILE A 116 -2.66 -32.37 -11.46
CA ILE A 116 -2.37 -33.42 -10.52
C ILE A 116 -3.64 -34.21 -10.23
N SER A 117 -4.76 -33.50 -10.04
CA SER A 117 -6.04 -34.15 -9.80
C SER A 117 -6.35 -35.17 -10.87
N ALA A 118 -6.15 -34.73 -12.10
CA ALA A 118 -6.47 -35.48 -13.31
C ALA A 118 -5.58 -36.69 -13.43
N CYS A 119 -4.32 -36.53 -13.05
CA CYS A 119 -3.36 -37.63 -13.12
C CYS A 119 -3.70 -38.66 -12.10
N ASN A 120 -4.05 -38.22 -10.90
CA ASN A 120 -4.44 -39.18 -9.85
C ASN A 120 -5.68 -39.95 -10.24
N ALA A 121 -6.65 -39.27 -10.84
CA ALA A 121 -7.88 -39.95 -11.21
C ALA A 121 -7.65 -40.97 -12.30
N ARG A 122 -6.87 -40.56 -13.29
CA ARG A 122 -6.53 -41.46 -14.37
C ARG A 122 -5.81 -42.70 -13.87
N ALA A 123 -4.88 -42.53 -12.96
CA ALA A 123 -4.17 -43.63 -12.34
C ALA A 123 -5.11 -44.58 -11.59
N LEU A 124 -6.05 -44.04 -10.79
CA LEU A 124 -7.06 -44.89 -10.13
C LEU A 124 -7.90 -45.68 -11.16
N SER A 125 -8.07 -45.17 -12.38
CA SER A 125 -8.79 -45.93 -13.41
C SER A 125 -7.92 -46.94 -14.15
N GLU A 126 -6.61 -46.85 -14.00
CA GLU A 126 -5.70 -47.79 -14.66
C GLU A 126 -5.12 -48.82 -13.65
N GLY A 127 -5.53 -48.73 -12.38
CA GLY A 127 -5.09 -49.69 -11.37
C GLY A 127 -3.65 -49.48 -10.89
N ARG A 128 -3.13 -48.26 -11.05
CA ARG A 128 -1.86 -47.85 -10.46
C ARG A 128 -2.12 -47.03 -9.17
N PRO A 129 -1.15 -47.00 -8.23
CA PRO A 129 -1.42 -46.13 -7.09
C PRO A 129 -1.46 -44.64 -7.54
N ALA A 130 -2.37 -43.90 -6.92
CA ALA A 130 -2.56 -42.50 -7.20
C ALA A 130 -1.71 -41.78 -6.16
N SER A 131 -0.47 -41.51 -6.48
CA SER A 131 0.55 -41.11 -5.53
C SER A 131 0.88 -39.60 -5.47
N LEU A 132 0.29 -38.80 -6.37
CA LEU A 132 0.64 -37.38 -6.44
C LEU A 132 -0.07 -36.55 -5.37
N VAL A 133 0.55 -35.43 -5.01
CA VAL A 133 0.06 -34.57 -3.97
C VAL A 133 0.04 -33.13 -4.51
N TYR A 134 -0.91 -32.36 -4.00
CA TYR A 134 -1.09 -30.98 -4.39
C TYR A 134 0.12 -30.19 -3.92
N LEU A 135 0.45 -29.15 -4.66
CA LEU A 135 1.55 -28.25 -4.32
C LEU A 135 1.14 -27.14 -3.35
N SER A 136 2.10 -26.69 -2.57
CA SER A 136 2.07 -25.49 -1.77
C SER A 136 3.49 -24.91 -1.78
N ARG A 137 3.68 -23.74 -1.20
CA ARG A 137 5.00 -23.14 -1.19
C ARG A 137 6.08 -23.98 -0.45
N ASP A 138 5.62 -24.88 0.40
CA ASP A 138 6.55 -25.60 1.22
C ASP A 138 6.96 -26.90 0.55
N ALA A 139 6.38 -27.17 -0.61
CA ALA A 139 6.60 -28.43 -1.30
C ALA A 139 6.07 -28.28 -2.72
N CYS A 140 6.97 -27.90 -3.62
CA CYS A 140 6.58 -27.46 -4.96
C CYS A 140 7.48 -28.09 -5.99
N ASP A 141 6.94 -28.54 -7.09
CA ASP A 141 7.76 -29.20 -8.11
C ASP A 141 7.76 -28.42 -9.42
N ILE A 142 7.37 -27.15 -9.36
CA ILE A 142 7.58 -26.22 -10.47
C ILE A 142 8.95 -25.56 -10.41
N PRO A 143 9.84 -25.84 -11.38
CA PRO A 143 11.24 -25.41 -11.24
C PRO A 143 11.45 -23.90 -11.17
N GLU A 144 10.61 -23.17 -11.89
CA GLU A 144 10.64 -21.70 -11.97
C GLU A 144 10.20 -21.03 -10.66
N HIS A 145 9.66 -21.80 -9.73
CA HIS A 145 9.21 -21.29 -8.44
C HIS A 145 10.31 -21.43 -7.41
N SER A 146 11.34 -22.23 -7.70
CA SER A 146 12.40 -22.48 -6.73
C SER A 146 12.88 -21.18 -6.09
N GLY A 147 12.91 -21.17 -4.76
CA GLY A 147 13.22 -19.94 -3.97
C GLY A 147 11.95 -19.34 -3.38
N ARG A 148 11.04 -18.93 -4.25
CA ARG A 148 9.76 -18.52 -3.74
C ARG A 148 9.09 -19.72 -3.10
N CYS A 149 9.26 -20.91 -3.70
CA CYS A 149 8.73 -22.13 -3.08
C CYS A 149 9.89 -23.02 -2.78
N ARG A 150 9.67 -24.02 -1.93
CA ARG A 150 10.65 -25.10 -1.72
C ARG A 150 10.55 -26.13 -2.84
N PHE A 151 11.58 -26.14 -3.69
CA PHE A 151 11.61 -26.96 -4.88
C PHE A 151 11.95 -28.38 -4.48
N VAL A 152 11.01 -29.26 -4.74
CA VAL A 152 11.15 -30.65 -4.46
C VAL A 152 10.95 -31.34 -5.79
N LYS A 153 12.16 -31.55 -6.54
CA LYS A 153 12.07 -31.92 -7.94
C LYS A 153 11.24 -33.20 -8.20
N TYR A 154 11.39 -34.17 -7.38
CA TYR A 154 10.80 -35.49 -7.62
C TYR A 154 9.61 -35.75 -6.74
N LEU A 155 8.97 -34.66 -6.29
CA LEU A 155 7.79 -34.74 -5.42
C LEU A 155 6.72 -35.63 -6.02
N ASN A 156 6.36 -35.36 -7.27
CA ASN A 156 5.35 -36.08 -7.99
C ASN A 156 5.92 -36.93 -9.11
N PHE A 157 7.12 -37.47 -8.93
CA PHE A 157 7.77 -38.32 -9.92
C PHE A 157 7.89 -37.62 -11.28
ZN ZN B . 1.14 -2.89 4.49
ZN ZN C . 5.39 -23.20 -6.22
N MET A 1 13.96 9.35 1.07
CA MET A 1 13.65 10.77 1.46
C MET A 1 12.83 11.44 0.36
N THR A 2 11.54 11.66 0.61
CA THR A 2 10.66 12.27 -0.39
C THR A 2 9.90 13.44 0.22
N ARG A 3 9.88 14.58 -0.46
CA ARG A 3 9.16 15.76 0.01
C ARG A 3 7.68 15.60 -0.35
N LEU A 4 6.80 15.83 0.60
CA LEU A 4 5.36 15.92 0.29
C LEU A 4 4.93 17.35 0.53
N GLU A 5 4.59 18.06 -0.53
CA GLU A 5 4.11 19.43 -0.42
C GLU A 5 2.61 19.51 -0.09
N VAL A 6 2.26 20.49 0.72
CA VAL A 6 0.89 20.71 1.16
C VAL A 6 0.51 22.16 0.90
N LEU A 7 -0.47 22.40 0.02
CA LEU A 7 -0.96 23.75 -0.28
C LEU A 7 -2.17 24.02 0.57
N ILE A 8 -2.17 25.14 1.29
CA ILE A 8 -3.29 25.54 2.16
C ILE A 8 -3.84 26.89 1.65
N ARG A 9 -5.15 26.96 1.46
CA ARG A 9 -5.83 28.18 0.97
C ARG A 9 -7.03 28.44 1.87
N PRO A 10 -7.51 29.70 1.92
CA PRO A 10 -8.53 30.05 2.89
C PRO A 10 -9.86 29.37 2.58
N THR A 11 -10.59 29.03 3.62
CA THR A 11 -11.99 28.65 3.47
C THR A 11 -12.79 29.89 3.02
N GLU A 12 -13.99 29.68 2.50
CA GLU A 12 -14.88 30.79 2.08
C GLU A 12 -15.11 31.82 3.19
N GLN A 13 -15.19 31.37 4.43
CA GLN A 13 -15.53 32.24 5.56
C GLN A 13 -14.37 33.11 6.00
N THR A 14 -13.16 32.79 5.56
CA THR A 14 -11.99 33.59 5.93
C THR A 14 -11.33 34.20 4.69
N ALA A 15 -11.86 33.94 3.50
CA ALA A 15 -11.14 34.36 2.28
C ALA A 15 -11.04 35.88 2.14
N ALA A 16 -12.04 36.60 2.64
CA ALA A 16 -12.11 38.06 2.50
C ALA A 16 -11.01 38.69 3.34
N LYS A 17 -10.89 38.26 4.59
CA LYS A 17 -9.84 38.76 5.46
C LYS A 17 -8.43 38.44 4.91
N ALA A 18 -8.27 37.24 4.33
CA ALA A 18 -6.97 36.83 3.74
C ALA A 18 -6.62 37.73 2.58
N ASN A 19 -7.56 37.93 1.67
CA ASN A 19 -7.40 38.96 0.64
C ASN A 19 -7.04 40.36 1.17
N ALA A 20 -7.76 40.81 2.20
CA ALA A 20 -7.56 42.16 2.73
C ALA A 20 -6.12 42.42 3.12
N VAL A 21 -5.43 41.42 3.68
CA VAL A 21 -4.03 41.61 4.04
C VAL A 21 -3.10 41.13 2.95
N GLY A 22 -3.66 40.63 1.86
CA GLY A 22 -2.90 40.03 0.76
C GLY A 22 -2.18 38.68 0.97
N TYR A 23 -2.65 37.84 1.91
CA TYR A 23 -1.99 36.53 2.21
C TYR A 23 -2.93 35.40 1.82
N THR A 24 -2.77 34.91 0.59
CA THR A 24 -3.77 34.09 -0.09
C THR A 24 -3.53 32.57 0.03
N HIS A 25 -2.37 32.17 0.52
CA HIS A 25 -2.08 30.75 0.65
C HIS A 25 -0.79 30.51 1.40
N ALA A 26 -0.68 29.29 1.92
CA ALA A 26 0.57 28.80 2.48
C ALA A 26 0.96 27.53 1.74
N LEU A 27 2.24 27.39 1.41
CA LEU A 27 2.75 26.19 0.80
C LEU A 27 3.73 25.62 1.79
N THR A 28 3.44 24.45 2.35
CA THR A 28 4.34 23.88 3.34
C THR A 28 4.75 22.49 2.87
N TRP A 29 5.64 21.85 3.61
CA TRP A 29 5.98 20.48 3.24
C TRP A 29 6.42 19.66 4.44
N VAL A 30 6.28 18.35 4.27
CA VAL A 30 6.82 17.37 5.20
C VAL A 30 7.59 16.38 4.36
N TRP A 31 8.22 15.43 5.03
CA TRP A 31 9.04 14.43 4.39
C TRP A 31 8.61 13.04 4.83
N HIS A 32 8.79 12.09 3.94
CA HIS A 32 8.57 10.70 4.28
C HIS A 32 9.59 9.79 3.59
N SER A 33 9.66 8.57 4.11
CA SER A 33 10.59 7.56 3.68
C SER A 33 10.08 6.83 2.48
N GLN A 34 10.89 5.86 2.05
CA GLN A 34 10.57 5.04 0.88
C GLN A 34 9.32 4.20 1.04
N THR A 35 9.01 3.84 2.28
CA THR A 35 7.85 3.02 2.58
C THR A 35 6.57 3.64 1.96
N TRP A 36 6.55 4.96 1.82
CA TRP A 36 5.33 5.67 1.40
C TRP A 36 5.46 6.28 0.02
N ASP A 37 6.52 5.92 -0.71
CA ASP A 37 6.59 6.20 -2.14
C ASP A 37 5.68 5.29 -2.97
N VAL A 38 4.38 5.55 -2.92
CA VAL A 38 3.40 4.77 -3.65
C VAL A 38 2.48 5.76 -4.36
N ASP A 39 1.81 5.30 -5.41
CA ASP A 39 1.00 6.17 -6.31
C ASP A 39 -0.07 6.96 -5.59
N SER A 40 -0.71 6.33 -4.62
CA SER A 40 -1.83 6.95 -3.91
C SER A 40 -1.42 8.02 -2.89
N VAL A 41 -0.12 8.24 -2.68
CA VAL A 41 0.36 9.34 -1.84
C VAL A 41 0.72 10.53 -2.72
N ARG A 42 -0.14 11.54 -2.73
CA ARG A 42 0.02 12.70 -3.59
C ARG A 42 -0.08 13.97 -2.76
N ASP A 43 0.68 14.98 -3.17
CA ASP A 43 0.66 16.31 -2.59
C ASP A 43 -0.77 16.82 -2.41
N PRO A 44 -1.15 17.00 -1.07
CA PRO A 44 -2.52 17.49 -0.92
C PRO A 44 -2.77 18.99 -1.02
N SER A 45 -4.00 19.34 -1.32
CA SER A 45 -4.46 20.69 -1.36
C SER A 45 -5.66 20.87 -0.41
N LEU A 46 -5.50 21.73 0.58
CA LEU A 46 -6.42 21.91 1.67
C LEU A 46 -7.00 23.31 1.82
N ARG A 47 -8.15 23.40 2.47
CA ARG A 47 -8.76 24.65 2.86
C ARG A 47 -8.74 24.71 4.36
N ALA A 48 -8.29 25.85 4.89
CA ALA A 48 -8.29 26.06 6.33
C ALA A 48 -8.66 27.50 6.60
N ASP A 49 -8.92 27.79 7.87
CA ASP A 49 -9.35 29.12 8.29
C ASP A 49 -8.15 30.05 8.41
N PHE A 50 -8.09 31.05 7.55
CA PHE A 50 -7.08 32.09 7.70
C PHE A 50 -7.34 32.85 8.99
N ASN A 51 -6.32 33.03 9.79
CA ASN A 51 -6.41 33.85 10.98
C ASN A 51 -5.14 34.65 11.14
N PRO A 52 -5.26 35.98 11.25
CA PRO A 52 -4.03 36.80 11.24
C PRO A 52 -3.15 36.69 12.45
N GLU A 53 -3.64 36.09 13.54
CA GLU A 53 -2.87 36.00 14.80
C GLU A 53 -2.53 34.59 15.28
N LYS A 54 -2.80 33.56 14.49
CA LYS A 54 -2.52 32.19 14.92
C LYS A 54 -1.46 31.53 14.05
N VAL A 55 -0.87 30.47 14.62
CA VAL A 55 -0.05 29.51 13.93
C VAL A 55 -0.79 28.18 14.12
N GLY A 56 -1.04 27.44 13.05
CA GLY A 56 -1.72 26.13 13.15
C GLY A 56 -0.78 24.98 12.86
N TRP A 57 -1.16 23.77 13.28
CA TRP A 57 -0.46 22.55 12.87
C TRP A 57 -1.16 21.88 11.70
N VAL A 58 -0.39 21.45 10.71
CA VAL A 58 -0.85 20.50 9.73
C VAL A 58 -0.24 19.15 10.14
N SER A 59 -1.08 18.13 10.25
CA SER A 59 -0.57 16.79 10.58
C SER A 59 -0.83 15.86 9.41
N VAL A 60 0.17 15.02 9.11
CA VAL A 60 0.09 14.10 8.01
C VAL A 60 0.42 12.74 8.62
N SER A 61 -0.55 11.83 8.53
CA SER A 61 -0.46 10.49 9.03
C SER A 61 -0.43 9.53 7.84
N PHE A 62 0.42 8.54 7.94
CA PHE A 62 0.49 7.47 6.96
C PHE A 62 0.24 6.17 7.71
N ALA A 63 -0.60 5.31 7.14
CA ALA A 63 -0.77 3.99 7.71
C ALA A 63 -1.08 2.97 6.63
N CYS A 64 -0.40 1.82 6.66
CA CYS A 64 -0.65 0.75 5.68
C CYS A 64 -1.94 0.01 6.04
N THR A 65 -2.77 -0.26 5.06
CA THR A 65 -4.00 -1.04 5.29
C THR A 65 -3.81 -2.57 5.42
N GLN A 66 -2.61 -3.05 5.14
CA GLN A 66 -2.30 -4.47 5.10
C GLN A 66 -1.33 -4.84 6.17
N CYS A 67 -0.52 -3.90 6.58
CA CYS A 67 0.40 -4.19 7.62
C CYS A 67 0.23 -3.07 8.59
N THR A 68 1.04 -3.00 9.59
CA THR A 68 0.75 -1.97 10.53
C THR A 68 1.78 -0.88 10.41
N ALA A 69 2.49 -0.86 9.30
CA ALA A 69 3.43 0.23 9.08
C ALA A 69 2.68 1.58 9.23
N HIS A 70 3.32 2.54 9.87
CA HIS A 70 2.66 3.82 10.06
C HIS A 70 3.70 4.91 10.28
N TYR A 71 3.31 6.16 10.04
CA TYR A 71 4.24 7.27 10.21
C TYR A 71 3.42 8.53 10.44
N TYR A 72 3.85 9.34 11.40
CA TYR A 72 3.16 10.59 11.72
C TYR A 72 4.21 11.71 11.65
N THR A 73 3.86 12.77 10.94
CA THR A 73 4.65 14.00 11.00
C THR A 73 3.72 15.18 11.03
N SER A 74 4.30 16.31 11.39
CA SER A 74 3.52 17.55 11.44
C SER A 74 4.46 18.77 11.19
N GLU A 75 3.85 19.89 10.85
CA GLU A 75 4.57 21.12 10.61
C GLU A 75 3.65 22.31 10.99
N GLN A 76 4.26 23.37 11.49
CA GLN A 76 3.53 24.64 11.84
C GLN A 76 3.30 25.49 10.62
N VAL A 77 2.13 26.10 10.54
CA VAL A 77 1.77 26.95 9.42
C VAL A 77 1.21 28.25 9.97
N LYS A 78 1.91 29.35 9.66
CA LYS A 78 1.51 30.67 10.14
C LYS A 78 0.23 31.09 9.49
N TYR A 79 -0.66 31.66 10.28
CA TYR A 79 -1.91 32.32 9.85
C TYR A 79 -2.99 31.43 9.29
N PHE A 80 -2.87 30.12 9.46
CA PHE A 80 -3.95 29.21 9.11
C PHE A 80 -4.19 28.31 10.31
N THR A 81 -5.46 28.02 10.55
CA THR A 81 -5.87 27.30 11.75
C THR A 81 -7.00 26.32 11.36
N ASN A 82 -7.29 25.33 12.23
CA ASN A 82 -8.27 24.30 11.87
C ASN A 82 -7.93 23.61 10.58
N ILE A 83 -6.65 23.28 10.42
CA ILE A 83 -6.23 22.71 9.17
C ILE A 83 -6.71 21.25 9.15
N PRO A 84 -7.42 20.81 8.10
CA PRO A 84 -7.86 19.40 8.09
C PRO A 84 -6.67 18.44 8.24
N PRO A 85 -6.81 17.41 9.09
CA PRO A 85 -5.79 16.36 9.18
C PRO A 85 -5.65 15.66 7.85
N VAL A 86 -4.43 15.34 7.46
CA VAL A 86 -4.22 14.60 6.24
C VAL A 86 -3.95 13.15 6.62
N HIS A 87 -4.66 12.22 5.99
CA HIS A 87 -4.50 10.78 6.25
C HIS A 87 -4.27 10.03 4.97
N PHE A 88 -3.18 9.29 4.92
CA PHE A 88 -2.91 8.42 3.80
C PHE A 88 -3.05 7.02 4.33
N ASP A 89 -4.21 6.44 4.09
CA ASP A 89 -4.48 5.05 4.42
C ASP A 89 -4.28 4.27 3.13
N VAL A 90 -3.09 3.69 2.98
CA VAL A 90 -2.69 3.20 1.68
C VAL A 90 -2.04 1.85 1.83
N VAL A 91 -1.75 1.22 0.72
CA VAL A 91 -0.96 0.00 0.71
C VAL A 91 0.49 0.45 0.54
N CYS A 92 1.32 0.10 1.52
CA CYS A 92 2.68 0.55 1.58
C CYS A 92 3.53 -0.13 0.53
N ALA A 93 4.76 0.37 0.35
CA ALA A 93 5.67 -0.13 -0.68
C ALA A 93 6.01 -1.61 -0.54
N ASP A 94 6.09 -2.11 0.67
CA ASP A 94 6.40 -3.53 0.88
C ASP A 94 5.20 -4.43 0.60
N CYS A 95 4.00 -3.92 0.88
CA CYS A 95 2.77 -4.72 0.73
C CYS A 95 2.24 -4.76 -0.70
N GLU A 96 2.55 -3.74 -1.50
CA GLU A 96 2.30 -3.69 -2.94
C GLU A 96 2.76 -4.93 -3.72
N ARG A 97 3.88 -5.47 -3.25
CA ARG A 97 4.50 -6.64 -3.88
C ARG A 97 3.82 -7.91 -3.35
N SER A 98 3.51 -7.93 -2.06
CA SER A 98 2.87 -9.08 -1.43
C SER A 98 1.55 -9.48 -2.10
N VAL A 99 0.73 -8.51 -2.52
CA VAL A 99 -0.54 -8.82 -3.17
C VAL A 99 -0.29 -9.34 -4.58
N GLN A 100 0.67 -8.73 -5.25
CA GLN A 100 1.04 -9.06 -6.62
C GLN A 100 1.93 -10.30 -6.72
N LEU A 101 2.64 -10.73 -5.68
CA LEU A 101 3.51 -11.90 -5.73
C LEU A 101 2.70 -13.20 -5.63
N ASP A 102 1.63 -13.21 -4.84
CA ASP A 102 0.82 -14.41 -4.65
C ASP A 102 0.09 -14.85 -5.91
N ASP A 103 -0.11 -13.95 -6.88
CA ASP A 103 -0.80 -14.30 -8.12
C ASP A 103 0.05 -15.23 -8.99
N GLU A 104 1.37 -15.15 -8.82
CA GLU A 104 2.31 -15.99 -9.57
C GLU A 104 2.25 -17.38 -8.97
N ILE A 105 2.54 -17.48 -7.66
CA ILE A 105 2.47 -18.78 -6.97
C ILE A 105 1.13 -19.48 -7.24
N ASP A 106 0.03 -18.73 -7.14
CA ASP A 106 -1.32 -19.27 -7.32
C ASP A 106 -1.56 -19.77 -8.75
N ARG A 107 -1.15 -18.96 -9.73
CA ARG A 107 -1.26 -19.35 -11.15
C ARG A 107 -0.46 -20.59 -11.46
N GLU A 108 0.68 -20.75 -10.83
CA GLU A 108 1.58 -21.84 -11.14
C GLU A 108 1.12 -23.10 -10.42
N HIS A 109 0.59 -22.96 -9.22
CA HIS A 109 -0.13 -24.07 -8.62
C HIS A 109 -1.32 -24.52 -9.47
N GLN A 110 -2.10 -23.60 -10.02
CA GLN A 110 -3.21 -23.98 -10.90
C GLN A 110 -2.73 -24.82 -12.07
N GLU A 111 -1.67 -24.37 -12.73
CA GLU A 111 -1.09 -25.09 -13.90
C GLU A 111 -0.58 -26.47 -13.57
N ARG A 112 0.05 -26.57 -12.42
CA ARG A 112 0.69 -27.80 -12.05
C ARG A 112 -0.37 -28.80 -11.71
N ASN A 113 -1.36 -28.35 -10.96
CA ASN A 113 -2.46 -29.19 -10.56
C ASN A 113 -3.28 -29.69 -11.76
N ALA A 114 -3.34 -28.90 -12.85
CA ALA A 114 -3.93 -29.39 -14.07
C ALA A 114 -3.14 -30.57 -14.60
N GLU A 115 -1.82 -30.47 -14.53
CA GLU A 115 -0.98 -31.55 -15.00
C GLU A 115 -1.02 -32.76 -14.08
N ILE A 116 -1.16 -32.51 -12.80
CA ILE A 116 -1.35 -33.58 -11.85
C ILE A 116 -2.66 -34.29 -12.14
N SER A 117 -3.71 -33.54 -12.44
CA SER A 117 -5.01 -34.12 -12.76
C SER A 117 -4.89 -35.13 -13.88
N ALA A 118 -4.16 -34.70 -14.91
CA ALA A 118 -3.97 -35.44 -16.15
C ALA A 118 -3.17 -36.69 -15.91
N CYS A 119 -2.18 -36.59 -15.02
CA CYS A 119 -1.34 -37.74 -14.70
C CYS A 119 -2.12 -38.73 -13.94
N ASN A 120 -2.93 -38.29 -12.99
CA ASN A 120 -3.76 -39.22 -12.22
C ASN A 120 -4.75 -39.94 -13.11
N ALA A 121 -5.36 -39.22 -14.05
CA ALA A 121 -6.34 -39.83 -14.93
C ALA A 121 -5.72 -40.86 -15.84
N ARG A 122 -4.58 -40.50 -16.39
CA ARG A 122 -3.85 -41.40 -17.24
C ARG A 122 -3.47 -42.68 -16.52
N ALA A 123 -3.00 -42.56 -15.28
CA ALA A 123 -2.68 -43.69 -14.45
C ALA A 123 -3.88 -44.59 -14.18
N LEU A 124 -5.04 -44.00 -13.84
CA LEU A 124 -6.28 -44.79 -13.69
C LEU A 124 -6.64 -45.55 -14.99
N SER A 125 -6.26 -45.02 -16.16
CA SER A 125 -6.50 -45.76 -17.41
C SER A 125 -5.45 -46.82 -17.73
N GLU A 126 -4.32 -46.79 -17.05
CA GLU A 126 -3.27 -47.77 -17.26
C GLU A 126 -3.21 -48.83 -16.13
N GLY A 127 -4.11 -48.71 -15.16
CA GLY A 127 -4.19 -49.69 -14.07
C GLY A 127 -3.08 -49.56 -13.02
N ARG A 128 -2.49 -48.35 -12.92
CA ARG A 128 -1.57 -48.01 -11.83
C ARG A 128 -2.31 -47.18 -10.77
N PRO A 129 -1.83 -47.19 -9.50
CA PRO A 129 -2.51 -46.30 -8.57
C PRO A 129 -2.29 -44.81 -8.97
N ALA A 130 -3.35 -44.04 -8.78
CA ALA A 130 -3.33 -42.62 -9.08
C ALA A 130 -2.99 -41.94 -7.77
N SER A 131 -1.70 -41.73 -7.54
CA SER A 131 -1.17 -41.38 -6.24
C SER A 131 -0.83 -39.89 -6.02
N LEU A 132 -0.94 -39.06 -7.05
CA LEU A 132 -0.54 -37.67 -6.94
C LEU A 132 -1.59 -36.80 -6.27
N VAL A 133 -1.13 -35.72 -5.66
CA VAL A 133 -1.97 -34.82 -4.91
C VAL A 133 -1.70 -33.38 -5.38
N TYR A 134 -2.74 -32.56 -5.30
CA TYR A 134 -2.68 -31.19 -5.72
C TYR A 134 -1.74 -30.44 -4.76
N LEU A 135 -1.08 -29.42 -5.27
CA LEU A 135 -0.19 -28.58 -4.49
C LEU A 135 -0.92 -27.45 -3.76
N SER A 136 -0.36 -27.05 -2.63
CA SER A 136 -0.68 -25.84 -1.90
C SER A 136 0.64 -25.33 -1.31
N ARG A 137 0.62 -24.18 -0.68
CA ARG A 137 1.84 -23.63 -0.10
C ARG A 137 2.46 -24.53 1.02
N ASP A 138 1.65 -25.39 1.58
CA ASP A 138 2.12 -26.16 2.70
C ASP A 138 2.71 -27.49 2.24
N ALA A 139 2.67 -27.73 0.94
CA ALA A 139 3.08 -29.00 0.39
C ALA A 139 3.22 -28.82 -1.11
N CYS A 140 4.43 -28.49 -1.55
CA CYS A 140 4.66 -28.05 -2.92
C CYS A 140 5.89 -28.71 -3.48
N ASP A 141 5.84 -29.14 -4.72
CA ASP A 141 6.99 -29.85 -5.32
C ASP A 141 7.59 -29.07 -6.49
N ILE A 142 7.25 -27.78 -6.57
CA ILE A 142 7.96 -26.86 -7.48
C ILE A 142 9.21 -26.27 -6.83
N PRO A 143 10.40 -26.60 -7.33
CA PRO A 143 11.63 -26.24 -6.60
C PRO A 143 11.87 -24.73 -6.43
N GLU A 144 11.44 -23.96 -7.43
CA GLU A 144 11.57 -22.51 -7.45
C GLU A 144 10.65 -21.81 -6.44
N HIS A 145 9.73 -22.55 -5.83
CA HIS A 145 8.81 -22.02 -4.86
C HIS A 145 9.35 -22.21 -3.46
N SER A 146 10.38 -23.05 -3.31
CA SER A 146 10.91 -23.35 -1.97
C SER A 146 11.13 -22.07 -1.17
N GLY A 147 10.60 -22.06 0.05
CA GLY A 147 10.60 -20.85 0.92
C GLY A 147 9.23 -20.19 0.93
N ARG A 148 8.80 -19.74 -0.24
CA ARG A 148 7.44 -19.26 -0.31
C ARG A 148 6.50 -20.43 -0.04
N CYS A 149 6.85 -21.62 -0.52
CA CYS A 149 6.06 -22.81 -0.22
C CYS A 149 6.94 -23.76 0.53
N ARG A 150 6.33 -24.75 1.20
CA ARG A 150 7.08 -25.87 1.78
C ARG A 150 7.42 -26.90 0.71
N PHE A 151 8.71 -26.97 0.36
CA PHE A 151 9.21 -27.80 -0.71
C PHE A 151 9.29 -29.22 -0.24
N VAL A 152 8.50 -30.05 -0.88
CA VAL A 152 8.44 -31.44 -0.60
C VAL A 152 8.80 -32.14 -1.90
N LYS A 153 10.21 -32.40 -2.07
CA LYS A 153 10.69 -32.77 -3.38
C LYS A 153 10.00 -34.00 -3.99
N TYR A 154 9.74 -34.99 -3.19
CA TYR A 154 9.24 -36.27 -3.69
C TYR A 154 7.78 -36.47 -3.41
N LEU A 155 7.06 -35.36 -3.24
CA LEU A 155 5.62 -35.37 -2.95
C LEU A 155 4.87 -36.21 -3.97
N ASN A 156 5.08 -35.92 -5.25
CA ASN A 156 4.45 -36.60 -6.34
C ASN A 156 5.39 -37.48 -7.13
N PHE A 157 6.39 -38.03 -6.45
CA PHE A 157 7.41 -38.90 -7.03
C PHE A 157 7.86 -38.48 -8.43
ZN ZN B . 2.24 -2.57 4.47
ZN ZN C . 4.31 -23.72 -4.49
N MET A 1 13.91 8.67 3.02
CA MET A 1 13.60 10.09 3.37
C MET A 1 12.94 10.79 2.19
N THR A 2 11.64 11.04 2.27
CA THR A 2 10.90 11.68 1.18
C THR A 2 10.11 12.88 1.71
N ARG A 3 10.20 14.02 1.03
CA ARG A 3 9.47 15.22 1.42
C ARG A 3 8.04 15.11 0.88
N LEU A 4 7.05 15.36 1.73
CA LEU A 4 5.67 15.49 1.26
C LEU A 4 5.26 16.94 1.44
N GLU A 5 5.07 17.65 0.35
CA GLU A 5 4.62 19.04 0.40
C GLU A 5 3.09 19.17 0.57
N VAL A 6 2.67 20.17 1.33
CA VAL A 6 1.27 20.41 1.60
C VAL A 6 0.97 21.89 1.30
N LEU A 7 0.11 22.14 0.32
CA LEU A 7 -0.31 23.52 -0.03
C LEU A 7 -1.60 23.81 0.67
N ILE A 8 -1.64 24.94 1.38
CA ILE A 8 -2.85 25.37 2.11
C ILE A 8 -3.29 26.73 1.55
N ARG A 9 -4.57 26.84 1.20
CA ARG A 9 -5.16 28.08 0.65
C ARG A 9 -6.44 28.39 1.40
N PRO A 10 -6.89 29.66 1.40
CA PRO A 10 -8.00 30.05 2.24
C PRO A 10 -9.31 29.40 1.78
N THR A 11 -10.16 29.09 2.72
CA THR A 11 -11.56 28.75 2.41
C THR A 11 -12.25 30.00 1.87
N GLU A 12 -13.39 29.82 1.21
CA GLU A 12 -14.19 30.97 0.69
C GLU A 12 -14.52 32.01 1.77
N GLN A 13 -14.75 31.56 2.99
CA GLN A 13 -15.20 32.43 4.07
C GLN A 13 -14.08 33.27 4.66
N THR A 14 -12.83 32.92 4.35
CA THR A 14 -11.69 33.68 4.86
C THR A 14 -10.87 34.27 3.72
N ALA A 15 -11.26 34.03 2.46
CA ALA A 15 -10.40 34.42 1.35
C ALA A 15 -10.23 35.94 1.22
N ALA A 16 -11.27 36.70 1.60
CA ALA A 16 -11.26 38.16 1.46
C ALA A 16 -10.25 38.75 2.42
N LYS A 17 -10.30 38.31 3.68
CA LYS A 17 -9.34 38.78 4.66
C LYS A 17 -7.88 38.42 4.28
N ALA A 18 -7.70 37.22 3.73
CA ALA A 18 -6.35 36.77 3.29
C ALA A 18 -5.84 37.65 2.18
N ASN A 19 -6.67 37.89 1.17
CA ASN A 19 -6.35 38.91 0.16
C ASN A 19 -6.02 40.29 0.74
N ALA A 20 -6.83 40.76 1.68
CA ALA A 20 -6.66 42.10 2.23
C ALA A 20 -5.27 42.33 2.79
N VAL A 21 -4.68 41.31 3.42
CA VAL A 21 -3.33 41.46 3.94
C VAL A 21 -2.28 40.95 2.97
N GLY A 22 -2.73 40.46 1.81
CA GLY A 22 -1.86 39.84 0.82
C GLY A 22 -1.22 38.47 1.09
N TYR A 23 -1.82 37.64 1.98
CA TYR A 23 -1.24 36.32 2.34
C TYR A 23 -2.16 35.22 1.85
N THR A 24 -1.86 34.72 0.65
CA THR A 24 -2.81 33.94 -0.14
C THR A 24 -2.63 32.40 -0.01
N HIS A 25 -1.55 31.97 0.62
CA HIS A 25 -1.31 30.54 0.78
C HIS A 25 -0.13 30.26 1.67
N ALA A 26 -0.11 29.04 2.20
CA ALA A 26 1.05 28.52 2.90
C ALA A 26 1.48 27.24 2.20
N LEU A 27 2.78 27.05 2.03
CA LEU A 27 3.33 25.83 1.48
C LEU A 27 4.16 25.24 2.58
N THR A 28 3.77 24.08 3.10
CA THR A 28 4.53 23.49 4.18
C THR A 28 4.96 22.08 3.76
N TRP A 29 5.73 21.42 4.59
CA TRP A 29 6.07 20.04 4.27
C TRP A 29 6.35 19.20 5.51
N VAL A 30 6.19 17.91 5.31
CA VAL A 30 6.59 16.90 6.30
C VAL A 30 7.41 15.89 5.56
N TRP A 31 7.93 14.92 6.30
CA TRP A 31 8.80 13.90 5.75
C TRP A 31 8.27 12.52 6.13
N HIS A 32 8.53 11.56 5.26
CA HIS A 32 8.23 10.19 5.58
C HIS A 32 9.29 9.24 5.01
N SER A 33 9.27 8.02 5.53
CA SER A 33 10.22 6.98 5.20
C SER A 33 9.83 6.26 3.95
N GLN A 34 10.65 5.28 3.62
CA GLN A 34 10.46 4.47 2.42
C GLN A 34 9.16 3.66 2.42
N THR A 35 8.70 3.30 3.61
CA THR A 35 7.48 2.53 3.78
C THR A 35 6.31 3.18 3.02
N TRP A 36 6.34 4.51 2.88
CA TRP A 36 5.20 5.25 2.32
C TRP A 36 5.51 5.86 0.96
N ASP A 37 6.64 5.46 0.37
CA ASP A 37 6.89 5.74 -1.05
C ASP A 37 6.05 4.86 -1.98
N VAL A 38 4.77 5.16 -2.09
CA VAL A 38 3.85 4.41 -2.92
C VAL A 38 3.06 5.42 -3.74
N ASP A 39 2.50 4.98 -4.87
CA ASP A 39 1.83 5.87 -5.85
C ASP A 39 0.71 6.71 -5.25
N SER A 40 -0.07 6.08 -4.37
CA SER A 40 -1.25 6.73 -3.79
C SER A 40 -0.92 7.80 -2.72
N VAL A 41 0.36 7.99 -2.37
CA VAL A 41 0.76 9.07 -1.46
C VAL A 41 1.25 10.24 -2.31
N ARG A 42 0.44 11.28 -2.40
CA ARG A 42 0.73 12.44 -3.24
C ARG A 42 0.57 13.70 -2.43
N ASP A 43 1.40 14.70 -2.75
CA ASP A 43 1.35 16.03 -2.17
C ASP A 43 -0.07 16.57 -2.15
N PRO A 44 -0.60 16.77 -0.86
CA PRO A 44 -1.97 17.30 -0.88
C PRO A 44 -2.16 18.81 -1.00
N SER A 45 -3.33 19.19 -1.44
CA SER A 45 -3.75 20.55 -1.53
C SER A 45 -5.04 20.77 -0.72
N LEU A 46 -4.97 21.63 0.28
CA LEU A 46 -6.01 21.84 1.26
C LEU A 46 -6.56 23.26 1.34
N ARG A 47 -7.77 23.38 1.85
CA ARG A 47 -8.38 24.65 2.17
C ARG A 47 -8.54 24.72 3.65
N ALA A 48 -8.13 25.82 4.24
CA ALA A 48 -8.28 26.04 5.66
C ALA A 48 -8.64 27.49 5.90
N ASP A 49 -9.04 27.79 7.13
CA ASP A 49 -9.48 29.12 7.50
C ASP A 49 -8.28 30.03 7.77
N PHE A 50 -8.08 31.02 6.92
CA PHE A 50 -7.06 32.03 7.19
C PHE A 50 -7.46 32.81 8.45
N ASN A 51 -6.52 32.95 9.36
CA ASN A 51 -6.73 33.78 10.53
C ASN A 51 -5.48 34.54 10.85
N PRO A 52 -5.56 35.87 10.94
CA PRO A 52 -4.31 36.66 11.08
C PRO A 52 -3.59 36.51 12.39
N GLU A 53 -4.22 35.93 13.40
CA GLU A 53 -3.61 35.82 14.75
C GLU A 53 -3.37 34.40 15.26
N LYS A 54 -3.57 33.39 14.44
CA LYS A 54 -3.38 32.00 14.90
C LYS A 54 -2.25 31.31 14.16
N VAL A 55 -1.77 30.24 14.79
CA VAL A 55 -0.89 29.25 14.20
C VAL A 55 -1.69 27.94 14.31
N GLY A 56 -1.83 27.21 13.20
CA GLY A 56 -2.57 25.92 13.21
C GLY A 56 -1.63 24.74 13.04
N TRP A 57 -2.10 23.55 13.41
CA TRP A 57 -1.39 22.30 13.08
C TRP A 57 -1.97 21.65 11.83
N VAL A 58 -1.10 21.20 10.94
CA VAL A 58 -1.48 20.26 9.91
C VAL A 58 -0.96 18.90 10.39
N SER A 59 -1.82 17.90 10.40
CA SER A 59 -1.40 16.55 10.77
C SER A 59 -1.55 15.63 9.57
N VAL A 60 -0.55 14.76 9.40
CA VAL A 60 -0.52 13.84 8.30
C VAL A 60 -0.31 12.47 8.93
N SER A 61 -1.29 11.59 8.73
CA SER A 61 -1.30 10.24 9.22
C SER A 61 -1.16 9.29 8.05
N PHE A 62 -0.35 8.27 8.24
CA PHE A 62 -0.21 7.20 7.28
C PHE A 62 -0.58 5.91 7.99
N ALA A 63 -1.36 5.08 7.32
CA ALA A 63 -1.64 3.75 7.87
C ALA A 63 -1.86 2.74 6.75
N CYS A 64 -1.22 1.58 6.85
CA CYS A 64 -1.39 0.52 5.85
C CYS A 64 -2.73 -0.19 6.05
N THR A 65 -3.45 -0.43 4.99
CA THR A 65 -4.70 -1.19 5.07
C THR A 65 -4.58 -2.71 5.22
N GLN A 66 -3.37 -3.23 5.07
CA GLN A 66 -3.11 -4.65 5.07
C GLN A 66 -2.29 -5.05 6.24
N CYS A 67 -1.49 -4.14 6.74
CA CYS A 67 -0.72 -4.45 7.88
C CYS A 67 -0.97 -3.33 8.84
N THR A 68 -0.28 -3.29 9.92
CA THR A 68 -0.64 -2.24 10.83
C THR A 68 0.43 -1.18 10.83
N ALA A 69 1.26 -1.18 9.82
CA ALA A 69 2.25 -0.11 9.70
C ALA A 69 1.53 1.24 9.77
N HIS A 70 2.12 2.19 10.47
CA HIS A 70 1.48 3.49 10.60
C HIS A 70 2.52 4.54 10.94
N TYR A 71 2.20 5.80 10.67
CA TYR A 71 3.13 6.90 10.95
C TYR A 71 2.33 8.17 11.09
N TYR A 72 2.66 8.97 12.08
CA TYR A 72 1.98 10.24 12.33
C TYR A 72 3.06 11.33 12.39
N THR A 73 2.83 12.40 11.64
CA THR A 73 3.65 13.61 11.79
C THR A 73 2.76 14.81 11.72
N SER A 74 3.32 15.92 12.15
CA SER A 74 2.59 17.19 12.10
C SER A 74 3.58 18.38 11.98
N GLU A 75 3.04 19.51 11.57
CA GLU A 75 3.82 20.72 11.42
C GLU A 75 2.90 21.93 11.69
N GLN A 76 3.48 22.98 12.26
CA GLN A 76 2.76 24.26 12.53
C GLN A 76 2.70 25.13 11.30
N VAL A 77 1.56 25.77 11.07
CA VAL A 77 1.36 26.64 9.93
C VAL A 77 0.78 27.96 10.41
N LYS A 78 1.54 29.03 10.19
CA LYS A 78 1.13 30.35 10.62
C LYS A 78 -0.05 30.82 9.81
N TYR A 79 -1.01 31.42 10.51
CA TYR A 79 -2.18 32.11 9.93
C TYR A 79 -3.22 31.26 9.25
N PHE A 80 -3.15 29.94 9.43
CA PHE A 80 -4.22 29.07 8.94
C PHE A 80 -4.61 28.17 10.12
N THR A 81 -5.91 27.91 10.20
CA THR A 81 -6.49 27.21 11.34
C THR A 81 -7.59 26.26 10.82
N ASN A 82 -8.01 25.30 11.64
CA ASN A 82 -8.97 24.28 11.18
C ASN A 82 -8.50 23.59 9.93
N ILE A 83 -7.22 23.21 9.92
CA ILE A 83 -6.67 22.63 8.72
C ILE A 83 -7.19 21.19 8.64
N PRO A 84 -7.79 20.77 7.52
CA PRO A 84 -8.27 19.38 7.45
C PRO A 84 -7.13 18.39 7.74
N PRO A 85 -7.40 17.35 8.55
CA PRO A 85 -6.43 16.27 8.77
C PRO A 85 -6.16 15.58 7.47
N VAL A 86 -4.91 15.22 7.21
CA VAL A 86 -4.59 14.47 6.02
C VAL A 86 -4.40 13.01 6.43
N HIS A 87 -5.06 12.10 5.72
CA HIS A 87 -4.97 10.65 5.99
C HIS A 87 -4.61 9.91 4.75
N PHE A 88 -3.55 9.13 4.82
CA PHE A 88 -3.17 8.25 3.74
C PHE A 88 -3.42 6.86 4.26
N ASP A 89 -4.56 6.31 3.87
CA ASP A 89 -4.91 4.92 4.16
C ASP A 89 -4.58 4.14 2.91
N VAL A 90 -3.40 3.52 2.89
CA VAL A 90 -2.86 3.01 1.64
C VAL A 90 -2.28 1.65 1.88
N VAL A 91 -1.87 1.01 0.79
CA VAL A 91 -1.12 -0.22 0.88
C VAL A 91 0.34 0.19 0.89
N CYS A 92 1.04 -0.20 1.95
CA CYS A 92 2.41 0.22 2.17
C CYS A 92 3.36 -0.49 1.22
N ALA A 93 4.60 -0.03 1.20
CA ALA A 93 5.61 -0.56 0.28
C ALA A 93 5.89 -2.05 0.45
N ASP A 94 5.81 -2.55 1.66
CA ASP A 94 6.05 -3.97 1.89
C ASP A 94 4.86 -4.83 1.49
N CYS A 95 3.65 -4.30 1.61
CA CYS A 95 2.44 -5.06 1.32
C CYS A 95 2.06 -5.09 -0.17
N GLU A 96 2.51 -4.08 -0.92
CA GLU A 96 2.43 -4.03 -2.38
C GLU A 96 2.94 -5.27 -3.11
N ARG A 97 4.01 -5.80 -2.51
CA ARG A 97 4.72 -6.95 -3.05
C ARG A 97 3.96 -8.26 -2.82
N SER A 98 3.21 -8.36 -1.73
CA SER A 98 2.48 -9.56 -1.41
C SER A 98 1.28 -9.83 -2.33
N VAL A 99 0.50 -8.82 -2.71
CA VAL A 99 -0.65 -9.02 -3.56
C VAL A 99 -0.27 -9.36 -5.00
N GLN A 100 0.82 -8.78 -5.49
CA GLN A 100 1.27 -8.99 -6.87
C GLN A 100 2.01 -10.30 -7.12
N LEU A 101 2.82 -10.83 -6.19
CA LEU A 101 3.54 -12.08 -6.38
C LEU A 101 2.61 -13.28 -6.17
N ASP A 102 1.90 -13.29 -5.05
CA ASP A 102 1.00 -14.38 -4.71
C ASP A 102 -0.03 -14.66 -5.81
N ASP A 103 -0.40 -13.69 -6.63
CA ASP A 103 -1.37 -13.91 -7.69
C ASP A 103 -0.83 -14.80 -8.80
N GLU A 104 0.49 -14.77 -8.99
CA GLU A 104 1.16 -15.57 -10.01
C GLU A 104 1.32 -16.96 -9.42
N ILE A 105 1.99 -17.03 -8.27
CA ILE A 105 2.21 -18.32 -7.58
C ILE A 105 0.89 -19.10 -7.42
N ASP A 106 -0.16 -18.40 -6.99
CA ASP A 106 -1.47 -19.02 -6.75
C ASP A 106 -2.11 -19.54 -8.04
N ARG A 107 -2.07 -18.73 -9.09
CA ARG A 107 -2.59 -19.15 -10.41
C ARG A 107 -1.87 -20.36 -10.95
N GLU A 108 -0.57 -20.43 -10.70
CA GLU A 108 0.25 -21.48 -11.27
C GLU A 108 0.10 -22.76 -10.45
N HIS A 109 -0.05 -22.62 -9.16
CA HIS A 109 -0.48 -23.76 -8.36
C HIS A 109 -1.86 -24.29 -8.80
N GLN A 110 -2.81 -23.41 -9.09
CA GLN A 110 -4.11 -23.86 -9.58
C GLN A 110 -3.98 -24.69 -10.85
N GLU A 111 -3.20 -24.21 -11.80
CA GLU A 111 -2.97 -24.91 -13.09
C GLU A 111 -2.31 -26.26 -12.93
N ARG A 112 -1.35 -26.31 -12.03
CA ARG A 112 -0.56 -27.50 -11.87
C ARG A 112 -1.41 -28.55 -11.23
N ASN A 113 -2.14 -28.14 -10.21
CA ASN A 113 -3.01 -29.02 -9.50
C ASN A 113 -4.15 -29.57 -10.38
N ALA A 114 -4.59 -28.81 -11.40
CA ALA A 114 -5.49 -29.35 -12.37
C ALA A 114 -4.84 -30.50 -13.14
N GLU A 115 -3.57 -30.33 -13.47
CA GLU A 115 -2.86 -31.37 -14.18
C GLU A 115 -2.55 -32.57 -13.29
N ILE A 116 -2.31 -32.31 -12.02
CA ILE A 116 -2.14 -33.37 -11.07
C ILE A 116 -3.43 -34.15 -10.94
N SER A 117 -4.56 -33.46 -10.90
CA SER A 117 -5.86 -34.11 -10.81
C SER A 117 -6.03 -35.12 -11.91
N ALA A 118 -5.69 -34.67 -13.12
CA ALA A 118 -5.85 -35.42 -14.36
C ALA A 118 -4.95 -36.63 -14.36
N CYS A 119 -3.75 -36.46 -13.83
CA CYS A 119 -2.79 -37.57 -13.79
C CYS A 119 -3.23 -38.60 -12.83
N ASN A 120 -3.74 -38.18 -11.68
CA ASN A 120 -4.24 -39.13 -10.68
C ASN A 120 -5.42 -39.92 -11.23
N ALA A 121 -6.32 -39.23 -11.93
CA ALA A 121 -7.50 -39.90 -12.46
C ALA A 121 -7.13 -40.92 -13.52
N ARG A 122 -6.23 -40.51 -14.41
CA ARG A 122 -5.75 -41.39 -15.44
C ARG A 122 -5.11 -42.64 -14.86
N ALA A 123 -4.28 -42.46 -13.83
CA ALA A 123 -3.66 -43.56 -13.14
C ALA A 123 -4.68 -44.52 -12.51
N LEU A 124 -5.71 -43.99 -11.84
CA LEU A 124 -6.79 -44.84 -11.31
C LEU A 124 -7.49 -45.63 -12.43
N SER A 125 -7.51 -45.11 -13.66
CA SER A 125 -8.10 -45.88 -14.78
C SER A 125 -7.15 -46.89 -15.41
N GLU A 126 -5.86 -46.79 -15.12
CA GLU A 126 -4.87 -47.73 -15.65
C GLU A 126 -4.42 -48.75 -14.58
N GLY A 127 -4.98 -48.67 -13.37
CA GLY A 127 -4.66 -49.63 -12.31
C GLY A 127 -3.30 -49.43 -11.67
N ARG A 128 -2.77 -48.20 -11.76
CA ARG A 128 -1.58 -47.79 -10.99
C ARG A 128 -2.00 -46.97 -9.75
N PRO A 129 -1.16 -46.95 -8.70
CA PRO A 129 -1.56 -46.09 -7.61
C PRO A 129 -1.55 -44.59 -8.04
N ALA A 130 -2.54 -43.86 -7.54
CA ALA A 130 -2.69 -42.46 -7.83
C ALA A 130 -2.00 -41.74 -6.69
N SER A 131 -0.72 -41.46 -6.86
CA SER A 131 0.17 -41.07 -5.78
C SER A 131 0.48 -39.56 -5.69
N LEU A 132 0.01 -38.75 -6.64
CA LEU A 132 0.35 -37.33 -6.65
C LEU A 132 -0.48 -36.51 -5.69
N VAL A 133 0.08 -35.40 -5.24
CA VAL A 133 -0.52 -34.53 -4.27
C VAL A 133 -0.49 -33.10 -4.79
N TYR A 134 -1.50 -32.32 -4.40
CA TYR A 134 -1.65 -30.96 -4.81
C TYR A 134 -0.50 -30.14 -4.19
N LEU A 135 -0.08 -29.11 -4.88
CA LEU A 135 0.97 -28.20 -4.42
C LEU A 135 0.43 -27.11 -3.49
N SER A 136 1.29 -26.66 -2.59
CA SER A 136 1.15 -25.46 -1.80
C SER A 136 2.56 -24.88 -1.64
N ARG A 137 2.67 -23.71 -1.04
CA ARG A 137 3.98 -23.10 -0.85
C ARG A 137 4.96 -23.94 0.01
N ASP A 138 4.41 -24.84 0.80
CA ASP A 138 5.23 -25.57 1.72
C ASP A 138 5.72 -26.87 1.10
N ALA A 139 5.30 -27.13 -0.13
CA ALA A 139 5.59 -28.39 -0.79
C ALA A 139 5.25 -28.22 -2.26
N CYS A 140 6.26 -27.84 -3.04
CA CYS A 140 6.03 -27.40 -4.41
C CYS A 140 7.06 -28.02 -5.32
N ASP A 141 6.65 -28.46 -6.49
CA ASP A 141 7.60 -29.12 -7.40
C ASP A 141 7.76 -28.34 -8.70
N ILE A 142 7.36 -27.07 -8.69
CA ILE A 142 7.70 -26.13 -9.76
C ILE A 142 9.05 -25.45 -9.52
N PRO A 143 10.05 -25.73 -10.37
CA PRO A 143 11.42 -25.31 -10.05
C PRO A 143 11.62 -23.79 -9.96
N GLU A 144 10.87 -23.06 -10.78
CA GLU A 144 10.90 -21.59 -10.84
C GLU A 144 10.30 -20.93 -9.60
N HIS A 145 9.66 -21.71 -8.74
CA HIS A 145 9.06 -21.20 -7.52
C HIS A 145 10.02 -21.35 -6.36
N SER A 146 11.07 -22.13 -6.52
CA SER A 146 12.00 -22.38 -5.43
C SER A 146 12.40 -21.09 -4.72
N GLY A 147 12.27 -21.08 -3.40
CA GLY A 147 12.46 -19.87 -2.58
C GLY A 147 11.14 -19.27 -2.15
N ARG A 148 10.34 -18.85 -3.12
CA ARG A 148 9.00 -18.45 -2.78
C ARG A 148 8.26 -19.66 -2.22
N CYS A 149 8.51 -20.84 -2.80
CA CYS A 149 7.90 -22.07 -2.27
C CYS A 149 9.03 -22.96 -1.82
N ARG A 150 8.70 -23.96 -1.01
CA ARG A 150 9.65 -25.03 -0.68
C ARG A 150 9.70 -26.06 -1.81
N PHE A 151 10.82 -26.07 -2.53
CA PHE A 151 11.01 -26.89 -3.71
C PHE A 151 11.31 -28.30 -3.28
N VAL A 152 10.40 -29.19 -3.65
CA VAL A 152 10.51 -30.57 -3.37
C VAL A 152 10.49 -31.27 -4.71
N LYS A 153 11.79 -31.46 -5.31
CA LYS A 153 11.87 -31.83 -6.71
C LYS A 153 11.08 -33.10 -7.08
N TYR A 154 11.14 -34.08 -6.24
CA TYR A 154 10.57 -35.40 -6.57
C TYR A 154 9.29 -35.66 -5.84
N LEU A 155 8.59 -34.59 -5.46
CA LEU A 155 7.31 -34.67 -4.75
C LEU A 155 6.34 -35.56 -5.49
N ASN A 156 6.13 -35.29 -6.77
CA ASN A 156 5.23 -36.01 -7.61
C ASN A 156 5.93 -36.86 -8.65
N PHE A 157 7.09 -37.44 -8.37
CA PHE A 157 7.77 -38.27 -9.35
C PHE A 157 6.95 -39.52 -9.67
ZN ZN B . 1.53 -2.89 4.98
ZN ZN C . 4.98 -23.13 -5.79
N MET A 1 13.32 8.35 1.69
CA MET A 1 13.08 9.77 2.06
C MET A 1 12.34 10.49 0.94
N THR A 2 11.05 10.78 1.13
CA THR A 2 10.24 11.44 0.11
C THR A 2 9.54 12.65 0.70
N ARG A 3 9.59 13.79 0.00
CA ARG A 3 8.93 15.01 0.46
C ARG A 3 7.46 14.94 0.05
N LEU A 4 6.55 15.21 0.97
CA LEU A 4 5.14 15.38 0.62
C LEU A 4 4.78 16.83 0.84
N GLU A 5 4.52 17.55 -0.25
CA GLU A 5 4.11 18.94 -0.16
C GLU A 5 2.61 19.12 0.14
N VAL A 6 2.28 20.12 0.93
CA VAL A 6 0.92 20.41 1.32
C VAL A 6 0.63 21.89 1.04
N LEU A 7 -0.31 22.16 0.13
CA LEU A 7 -0.72 23.55 -0.18
C LEU A 7 -1.94 23.89 0.62
N ILE A 8 -1.89 25.00 1.34
CA ILE A 8 -3.02 25.47 2.16
C ILE A 8 -3.48 26.85 1.63
N ARG A 9 -4.77 26.99 1.40
CA ARG A 9 -5.37 28.25 0.89
C ARG A 9 -6.59 28.58 1.75
N PRO A 10 -6.99 29.86 1.78
CA PRO A 10 -8.02 30.28 2.71
C PRO A 10 -9.38 29.68 2.36
N THR A 11 -10.15 29.38 3.39
CA THR A 11 -11.58 29.09 3.20
C THR A 11 -12.28 30.36 2.70
N GLU A 12 -13.48 30.20 2.15
CA GLU A 12 -14.28 31.36 1.70
C GLU A 12 -14.50 32.41 2.80
N GLN A 13 -14.64 31.97 4.04
CA GLN A 13 -14.96 32.86 5.15
C GLN A 13 -13.78 33.67 5.63
N THR A 14 -12.57 33.28 5.22
CA THR A 14 -11.38 34.01 5.62
C THR A 14 -10.64 34.58 4.41
N ALA A 15 -11.14 34.36 3.20
CA ALA A 15 -10.37 34.71 2.01
C ALA A 15 -10.17 36.23 1.86
N ALA A 16 -11.16 37.01 2.33
CA ALA A 16 -11.13 38.48 2.18
C ALA A 16 -10.02 39.04 3.05
N LYS A 17 -9.96 38.61 4.31
CA LYS A 17 -8.91 39.06 5.20
C LYS A 17 -7.51 38.66 4.69
N ALA A 18 -7.41 37.45 4.13
CA ALA A 18 -6.12 36.96 3.59
C ALA A 18 -5.68 37.84 2.43
N ASN A 19 -6.57 38.07 1.50
CA ASN A 19 -6.32 39.09 0.46
C ASN A 19 -5.91 40.47 1.00
N ALA A 20 -6.63 40.97 2.00
CA ALA A 20 -6.38 42.30 2.54
C ALA A 20 -4.94 42.49 2.97
N VAL A 21 -4.32 41.46 3.55
CA VAL A 21 -2.92 41.58 3.95
C VAL A 21 -1.98 41.03 2.90
N GLY A 22 -2.54 40.56 1.79
CA GLY A 22 -1.78 39.91 0.72
C GLY A 22 -1.14 38.53 0.95
N TYR A 23 -1.69 37.72 1.88
CA TYR A 23 -1.11 36.37 2.21
C TYR A 23 -2.10 35.31 1.79
N THR A 24 -1.93 34.80 0.58
CA THR A 24 -2.95 34.03 -0.12
C THR A 24 -2.80 32.50 0.00
N HIS A 25 -1.68 32.04 0.53
CA HIS A 25 -1.47 30.60 0.67
C HIS A 25 -0.23 30.30 1.47
N ALA A 26 -0.19 29.08 1.99
CA ALA A 26 1.01 28.52 2.60
C ALA A 26 1.35 27.23 1.88
N LEU A 27 2.63 27.02 1.59
CA LEU A 27 3.09 25.77 1.00
C LEU A 27 4.00 25.16 2.02
N THR A 28 3.63 24.01 2.58
CA THR A 28 4.46 23.40 3.60
C THR A 28 4.82 21.98 3.15
N TRP A 29 5.64 21.31 3.91
CA TRP A 29 5.91 19.92 3.57
C TRP A 29 6.28 19.08 4.78
N VAL A 30 6.07 17.78 4.60
CA VAL A 30 6.53 16.78 5.56
C VAL A 30 7.26 15.73 4.75
N TRP A 31 7.81 14.76 5.45
CA TRP A 31 8.61 13.71 4.83
C TRP A 31 8.07 12.35 5.25
N HIS A 32 8.24 11.38 4.39
CA HIS A 32 7.93 10.02 4.72
C HIS A 32 8.91 9.04 4.08
N SER A 33 8.91 7.83 4.59
CA SER A 33 9.80 6.76 4.20
C SER A 33 9.28 6.05 2.99
N GLN A 34 10.04 5.04 2.59
CA GLN A 34 9.72 4.24 1.41
C GLN A 34 8.41 3.47 1.53
N THR A 35 8.05 3.12 2.76
CA THR A 35 6.83 2.38 3.03
C THR A 35 5.61 3.06 2.37
N TRP A 36 5.66 4.38 2.23
CA TRP A 36 4.50 5.16 1.76
C TRP A 36 4.70 5.75 0.38
N ASP A 37 5.77 5.33 -0.31
CA ASP A 37 5.90 5.60 -1.74
C ASP A 37 4.97 4.73 -2.59
N VAL A 38 3.69 5.07 -2.59
CA VAL A 38 2.69 4.34 -3.34
C VAL A 38 1.85 5.36 -4.09
N ASP A 39 1.18 4.94 -5.16
CA ASP A 39 0.45 5.84 -6.08
C ASP A 39 -0.59 6.71 -5.40
N SER A 40 -1.30 6.11 -4.45
CA SER A 40 -2.41 6.80 -3.78
C SER A 40 -1.96 7.85 -2.75
N VAL A 41 -0.66 8.00 -2.50
CA VAL A 41 -0.15 9.07 -1.64
C VAL A 41 0.30 10.23 -2.52
N ARG A 42 -0.49 11.30 -2.56
CA ARG A 42 -0.25 12.44 -3.42
C ARG A 42 -0.29 13.72 -2.60
N ASP A 43 0.53 14.68 -3.00
CA ASP A 43 0.56 16.02 -2.42
C ASP A 43 -0.84 16.60 -2.28
N PRO A 44 -1.25 16.81 -0.96
CA PRO A 44 -2.60 17.38 -0.85
C PRO A 44 -2.77 18.89 -0.97
N SER A 45 -3.97 19.30 -1.31
CA SER A 45 -4.35 20.68 -1.36
C SER A 45 -5.56 20.93 -0.45
N LEU A 46 -5.39 21.79 0.53
CA LEU A 46 -6.34 22.03 1.59
C LEU A 46 -6.83 23.46 1.73
N ARG A 47 -7.99 23.61 2.33
CA ARG A 47 -8.54 24.89 2.70
C ARG A 47 -8.57 24.97 4.18
N ALA A 48 -8.07 26.08 4.73
CA ALA A 48 -8.11 26.29 6.17
C ALA A 48 -8.41 27.76 6.43
N ASP A 49 -8.69 28.07 7.69
CA ASP A 49 -9.06 29.42 8.08
C ASP A 49 -7.81 30.29 8.24
N PHE A 50 -7.67 31.28 7.38
CA PHE A 50 -6.61 32.26 7.55
C PHE A 50 -6.87 33.04 8.84
N ASN A 51 -5.86 33.17 9.67
CA ASN A 51 -5.95 34.00 10.85
C ASN A 51 -4.64 34.72 11.05
N PRO A 52 -4.69 36.07 11.15
CA PRO A 52 -3.41 36.82 11.16
C PRO A 52 -2.58 36.66 12.42
N GLU A 53 -3.14 36.09 13.48
CA GLU A 53 -2.42 35.97 14.76
C GLU A 53 -2.17 34.55 15.27
N LYS A 54 -2.46 33.53 14.47
CA LYS A 54 -2.28 32.14 14.92
C LYS A 54 -1.24 31.43 14.09
N VAL A 55 -0.73 30.34 14.68
CA VAL A 55 0.06 29.34 14.01
C VAL A 55 -0.75 28.05 14.19
N GLY A 56 -1.00 27.31 13.12
CA GLY A 56 -1.76 26.05 13.20
C GLY A 56 -0.88 24.84 12.95
N TRP A 57 -1.34 23.65 13.35
CA TRP A 57 -0.69 22.40 12.98
C TRP A 57 -1.40 21.76 11.78
N VAL A 58 -0.62 21.29 10.83
CA VAL A 58 -1.11 20.35 9.82
C VAL A 58 -0.59 18.97 10.27
N SER A 59 -1.47 18.00 10.35
CA SER A 59 -1.05 16.63 10.70
C SER A 59 -1.33 15.72 9.53
N VAL A 60 -0.37 14.83 9.26
CA VAL A 60 -0.46 13.90 8.17
C VAL A 60 -0.23 12.53 8.79
N SER A 61 -1.25 11.67 8.68
CA SER A 61 -1.24 10.33 9.18
C SER A 61 -1.23 9.37 8.00
N PHE A 62 -0.44 8.33 8.13
CA PHE A 62 -0.40 7.25 7.15
C PHE A 62 -0.76 5.98 7.90
N ALA A 63 -1.61 5.16 7.31
CA ALA A 63 -1.87 3.85 7.89
C ALA A 63 -2.21 2.84 6.79
N CYS A 64 -1.59 1.66 6.84
CA CYS A 64 -1.88 0.61 5.86
C CYS A 64 -3.22 -0.07 6.19
N THR A 65 -4.02 -0.30 5.18
CA THR A 65 -5.30 -1.01 5.38
C THR A 65 -5.20 -2.54 5.52
N GLN A 66 -4.01 -3.10 5.28
CA GLN A 66 -3.80 -4.53 5.26
C GLN A 66 -2.88 -4.95 6.36
N CYS A 67 -2.03 -4.05 6.78
CA CYS A 67 -1.16 -4.37 7.86
C CYS A 67 -1.30 -3.25 8.83
N THR A 68 -0.52 -3.22 9.85
CA THR A 68 -0.77 -2.16 10.77
C THR A 68 0.31 -1.13 10.67
N ALA A 69 1.06 -1.15 9.60
CA ALA A 69 2.07 -0.12 9.40
C ALA A 69 1.38 1.26 9.53
N HIS A 70 2.06 2.19 10.17
CA HIS A 70 1.47 3.51 10.34
C HIS A 70 2.55 4.53 10.59
N TYR A 71 2.24 5.80 10.34
CA TYR A 71 3.22 6.87 10.53
C TYR A 71 2.47 8.16 10.73
N TYR A 72 2.92 8.96 11.69
CA TYR A 72 2.30 10.25 11.99
C TYR A 72 3.39 11.31 11.95
N THR A 73 3.12 12.39 11.22
CA THR A 73 3.98 13.57 11.29
C THR A 73 3.13 14.79 11.30
N SER A 74 3.75 15.90 11.67
CA SER A 74 3.05 17.17 11.69
C SER A 74 4.06 18.34 11.48
N GLU A 75 3.52 19.49 11.10
CA GLU A 75 4.31 20.68 10.87
C GLU A 75 3.45 21.92 11.22
N GLN A 76 4.10 22.94 11.74
CA GLN A 76 3.43 24.24 12.06
C GLN A 76 3.29 25.11 10.83
N VAL A 77 2.16 25.78 10.71
CA VAL A 77 1.88 26.64 9.57
C VAL A 77 1.38 27.98 10.11
N LYS A 78 2.14 29.03 9.81
CA LYS A 78 1.81 30.37 10.27
C LYS A 78 0.57 30.87 9.57
N TYR A 79 -0.31 31.49 10.34
CA TYR A 79 -1.50 32.22 9.87
C TYR A 79 -2.62 31.38 9.28
N PHE A 80 -2.57 30.06 9.47
CA PHE A 80 -3.69 29.23 9.07
C PHE A 80 -4.01 28.34 10.28
N THR A 81 -5.30 28.11 10.47
CA THR A 81 -5.80 27.44 11.66
C THR A 81 -6.97 26.51 11.24
N ASN A 82 -7.33 25.56 12.11
CA ASN A 82 -8.36 24.58 11.72
C ASN A 82 -8.01 23.86 10.44
N ILE A 83 -6.76 23.45 10.33
CA ILE A 83 -6.32 22.86 9.08
C ILE A 83 -6.89 21.42 9.07
N PRO A 84 -7.58 21.03 8.00
CA PRO A 84 -8.10 19.64 7.97
C PRO A 84 -6.98 18.62 8.17
N PRO A 85 -7.20 17.59 9.01
CA PRO A 85 -6.25 16.49 9.14
C PRO A 85 -6.10 15.78 7.83
N VAL A 86 -4.89 15.40 7.47
CA VAL A 86 -4.68 14.64 6.25
C VAL A 86 -4.51 13.17 6.65
N HIS A 87 -5.25 12.28 6.00
CA HIS A 87 -5.18 10.82 6.27
C HIS A 87 -4.94 10.06 5.01
N PHE A 88 -3.90 9.26 4.99
CA PHE A 88 -3.64 8.38 3.89
C PHE A 88 -3.87 6.99 4.42
N ASP A 89 -5.07 6.47 4.15
CA ASP A 89 -5.42 5.10 4.47
C ASP A 89 -5.21 4.30 3.19
N VAL A 90 -4.06 3.65 3.08
CA VAL A 90 -3.64 3.13 1.80
C VAL A 90 -3.09 1.75 1.98
N VAL A 91 -2.78 1.10 0.87
CA VAL A 91 -2.07 -0.16 0.89
C VAL A 91 -0.59 0.22 0.78
N CYS A 92 0.19 -0.19 1.77
CA CYS A 92 1.58 0.20 1.88
C CYS A 92 2.42 -0.54 0.85
N ALA A 93 3.68 -0.12 0.73
CA ALA A 93 4.58 -0.67 -0.28
C ALA A 93 4.83 -2.16 -0.12
N ASP A 94 4.84 -2.67 1.09
CA ASP A 94 5.07 -4.09 1.30
C ASP A 94 3.83 -4.92 1.01
N CYS A 95 2.66 -4.35 1.24
CA CYS A 95 1.40 -5.08 1.05
C CYS A 95 0.90 -5.10 -0.40
N GLU A 96 1.30 -4.11 -1.18
CA GLU A 96 1.10 -4.06 -2.63
C GLU A 96 1.51 -5.32 -3.40
N ARG A 97 2.62 -5.83 -2.88
CA ARG A 97 3.32 -6.98 -3.44
C ARG A 97 2.55 -8.27 -3.15
N SER A 98 1.90 -8.38 -1.99
CA SER A 98 1.17 -9.59 -1.65
C SER A 98 0.10 -9.89 -2.70
N VAL A 99 -0.38 -8.85 -3.39
CA VAL A 99 -1.39 -9.01 -4.41
C VAL A 99 -0.76 -9.54 -5.70
N GLN A 100 0.26 -8.83 -6.19
CA GLN A 100 0.95 -9.17 -7.43
C GLN A 100 1.97 -10.30 -7.32
N LEU A 101 2.53 -10.63 -6.15
CA LEU A 101 3.50 -11.70 -6.02
C LEU A 101 2.79 -13.05 -5.97
N ASP A 102 1.83 -13.16 -5.06
CA ASP A 102 1.07 -14.39 -4.87
C ASP A 102 0.25 -14.75 -6.11
N ASP A 103 -0.02 -13.79 -6.99
CA ASP A 103 -0.80 -14.04 -8.20
C ASP A 103 -0.03 -14.92 -9.19
N GLU A 104 1.30 -14.90 -9.13
CA GLU A 104 2.13 -15.70 -10.00
C GLU A 104 2.16 -17.11 -9.40
N ILE A 105 2.63 -17.18 -8.16
CA ILE A 105 2.70 -18.46 -7.45
C ILE A 105 1.35 -19.21 -7.49
N ASP A 106 0.27 -18.48 -7.23
CA ASP A 106 -1.09 -19.06 -7.20
C ASP A 106 -1.53 -19.59 -8.57
N ARG A 107 -1.29 -18.78 -9.61
CA ARG A 107 -1.62 -19.20 -10.99
C ARG A 107 -0.84 -20.43 -11.39
N GLU A 108 0.40 -20.54 -10.95
CA GLU A 108 1.27 -21.62 -11.37
C GLU A 108 0.96 -22.87 -10.58
N HIS A 109 0.61 -22.73 -9.32
CA HIS A 109 0.01 -23.84 -8.59
C HIS A 109 -1.28 -24.34 -9.25
N GLN A 110 -2.16 -23.44 -9.68
CA GLN A 110 -3.37 -23.87 -10.38
C GLN A 110 -3.07 -24.72 -11.60
N GLU A 111 -2.14 -24.26 -12.41
CA GLU A 111 -1.71 -24.98 -13.65
C GLU A 111 -1.13 -26.35 -13.38
N ARG A 112 -0.33 -26.41 -12.35
CA ARG A 112 0.40 -27.62 -12.06
C ARG A 112 -0.57 -28.65 -11.54
N ASN A 113 -1.45 -28.20 -10.66
CA ASN A 113 -2.44 -29.05 -10.09
C ASN A 113 -3.43 -29.58 -11.13
N ALA A 114 -3.68 -28.82 -12.21
CA ALA A 114 -4.44 -29.35 -13.32
C ALA A 114 -3.71 -30.51 -13.96
N GLU A 115 -2.40 -30.40 -14.08
CA GLU A 115 -1.61 -31.46 -14.67
C GLU A 115 -1.49 -32.65 -13.74
N ILE A 116 -1.44 -32.38 -12.45
CA ILE A 116 -1.44 -33.43 -11.47
C ILE A 116 -2.76 -34.19 -11.54
N SER A 117 -3.88 -33.45 -11.68
CA SER A 117 -5.19 -34.08 -11.80
C SER A 117 -5.21 -35.10 -12.91
N ALA A 118 -4.67 -34.67 -14.05
CA ALA A 118 -4.65 -35.43 -15.29
C ALA A 118 -3.79 -36.66 -15.14
N CYS A 119 -2.68 -36.52 -14.44
CA CYS A 119 -1.77 -37.64 -14.22
C CYS A 119 -2.40 -38.65 -13.33
N ASN A 120 -3.07 -38.20 -12.28
CA ASN A 120 -3.74 -39.13 -11.38
C ASN A 120 -4.85 -39.89 -12.10
N ALA A 121 -5.60 -39.20 -12.95
CA ALA A 121 -6.69 -39.84 -13.65
C ALA A 121 -6.19 -40.89 -14.62
N ARG A 122 -5.15 -40.51 -15.36
CA ARG A 122 -4.55 -41.41 -16.30
C ARG A 122 -4.03 -42.67 -15.62
N ALA A 123 -3.38 -42.51 -14.47
CA ALA A 123 -2.91 -43.61 -13.68
C ALA A 123 -4.03 -44.54 -13.22
N LEU A 124 -5.14 -43.97 -12.72
CA LEU A 124 -6.31 -44.79 -12.36
C LEU A 124 -6.86 -45.57 -13.59
N SER A 125 -6.67 -45.06 -14.81
CA SER A 125 -7.08 -45.83 -15.99
C SER A 125 -6.07 -46.87 -16.46
N GLU A 126 -4.85 -46.80 -15.96
CA GLU A 126 -3.82 -47.77 -16.32
C GLU A 126 -3.57 -48.79 -15.19
N GLY A 127 -4.31 -48.69 -14.09
CA GLY A 127 -4.19 -49.64 -12.99
C GLY A 127 -2.94 -49.46 -12.13
N ARG A 128 -2.36 -48.25 -12.15
CA ARG A 128 -1.31 -47.87 -11.21
C ARG A 128 -1.90 -47.03 -10.05
N PRO A 129 -1.22 -47.01 -8.87
CA PRO A 129 -1.79 -46.12 -7.87
C PRO A 129 -1.66 -44.64 -8.31
N ALA A 130 -2.69 -43.88 -7.98
CA ALA A 130 -2.75 -42.47 -8.30
C ALA A 130 -2.24 -41.76 -7.07
N SER A 131 -0.94 -41.52 -7.04
CA SER A 131 -0.21 -41.13 -5.84
C SER A 131 0.12 -39.63 -5.69
N LEU A 132 -0.18 -38.82 -6.72
CA LEU A 132 0.21 -37.41 -6.69
C LEU A 132 -0.76 -36.56 -5.87
N VAL A 133 -0.23 -35.46 -5.34
CA VAL A 133 -0.97 -34.56 -4.50
C VAL A 133 -0.81 -33.13 -5.02
N TYR A 134 -1.85 -32.33 -4.79
CA TYR A 134 -1.88 -30.97 -5.23
C TYR A 134 -0.83 -30.18 -4.44
N LEU A 135 -0.28 -29.17 -5.07
CA LEU A 135 0.71 -28.27 -4.44
C LEU A 135 0.07 -27.15 -3.62
N SER A 136 0.78 -26.72 -2.59
CA SER A 136 0.54 -25.51 -1.85
C SER A 136 1.92 -24.96 -1.47
N ARG A 137 1.97 -23.79 -0.86
CA ARG A 137 3.25 -23.21 -0.48
C ARG A 137 4.06 -24.07 0.53
N ASP A 138 3.36 -24.95 1.22
CA ASP A 138 4.01 -25.68 2.27
C ASP A 138 4.56 -27.00 1.75
N ALA A 139 4.33 -27.27 0.47
CA ALA A 139 4.69 -28.53 -0.13
C ALA A 139 4.59 -28.39 -1.63
N CYS A 140 5.72 -28.04 -2.25
CA CYS A 140 5.71 -27.61 -3.64
C CYS A 140 6.87 -28.26 -4.38
N ASP A 141 6.64 -28.71 -5.58
CA ASP A 141 7.70 -29.40 -6.33
C ASP A 141 8.09 -28.64 -7.60
N ILE A 142 7.72 -27.35 -7.65
CA ILE A 142 8.24 -26.44 -8.67
C ILE A 142 9.56 -25.80 -8.23
N PRO A 143 10.68 -26.12 -8.90
CA PRO A 143 11.99 -25.72 -8.38
C PRO A 143 12.22 -24.20 -8.27
N GLU A 144 11.62 -23.46 -9.19
CA GLU A 144 11.71 -22.00 -9.26
C GLU A 144 10.94 -21.30 -8.13
N HIS A 145 10.14 -22.06 -7.38
CA HIS A 145 9.37 -21.52 -6.28
C HIS A 145 10.12 -21.69 -4.97
N SER A 146 11.18 -22.49 -4.97
CA SER A 146 11.92 -22.76 -3.72
C SER A 146 12.23 -21.46 -2.98
N GLY A 147 11.89 -21.44 -1.70
CA GLY A 147 11.98 -20.22 -0.86
C GLY A 147 10.63 -19.58 -0.65
N ARG A 148 10.01 -19.16 -1.74
CA ARG A 148 8.64 -18.72 -1.62
C ARG A 148 7.79 -19.91 -1.19
N CYS A 149 8.08 -21.09 -1.70
CA CYS A 149 7.37 -22.30 -1.26
C CYS A 149 8.40 -23.21 -0.64
N ARG A 150 7.92 -24.20 0.12
CA ARG A 150 8.78 -25.30 0.60
C ARG A 150 8.97 -26.33 -0.49
N PHE A 151 10.19 -26.38 -1.03
CA PHE A 151 10.54 -27.21 -2.16
C PHE A 151 10.73 -28.62 -1.68
N VAL A 152 9.87 -29.49 -2.19
CA VAL A 152 9.89 -30.88 -1.88
C VAL A 152 10.06 -31.58 -3.21
N LYS A 153 11.43 -31.82 -3.59
CA LYS A 153 11.72 -32.21 -4.96
C LYS A 153 10.97 -33.47 -5.44
N TYR A 154 10.87 -34.43 -4.59
CA TYR A 154 10.33 -35.74 -4.99
C TYR A 154 8.94 -35.97 -4.48
N LEU A 155 8.22 -34.87 -4.23
CA LEU A 155 6.84 -34.91 -3.72
C LEU A 155 5.97 -35.79 -4.60
N ASN A 156 5.98 -35.53 -5.90
CA ASN A 156 5.20 -36.23 -6.87
C ASN A 156 6.02 -37.10 -7.78
N PHE A 157 7.14 -37.61 -7.25
CA PHE A 157 8.08 -38.47 -7.98
C PHE A 157 8.17 -38.18 -9.47
ZN ZN B . 0.86 -2.88 4.77
ZN ZN C . 5.02 -23.33 -5.20
N MET A 1 13.38 10.31 -2.95
CA MET A 1 13.08 11.70 -2.55
C MET A 1 11.94 12.27 -3.39
N THR A 2 10.75 12.41 -2.79
CA THR A 2 9.58 12.91 -3.51
C THR A 2 8.93 14.06 -2.74
N ARG A 3 8.64 15.17 -3.43
CA ARG A 3 7.98 16.31 -2.81
C ARG A 3 6.49 16.04 -2.73
N LEU A 4 5.88 16.25 -1.57
CA LEU A 4 4.42 16.24 -1.46
C LEU A 4 3.96 17.63 -1.16
N GLU A 5 3.29 18.27 -2.11
CA GLU A 5 2.74 19.60 -1.91
C GLU A 5 1.40 19.61 -1.15
N VAL A 6 1.22 20.61 -0.30
CA VAL A 6 0.01 20.75 0.50
C VAL A 6 -0.54 22.17 0.30
N LEU A 7 -1.74 22.28 -0.26
CA LEU A 7 -2.40 23.59 -0.44
C LEU A 7 -3.34 23.81 0.70
N ILE A 8 -3.23 24.97 1.35
CA ILE A 8 -4.09 25.33 2.48
C ILE A 8 -4.86 26.62 2.12
N ARG A 9 -6.19 26.59 2.31
CA ARG A 9 -7.07 27.73 2.00
C ARG A 9 -7.98 27.96 3.20
N PRO A 10 -8.52 29.18 3.34
CA PRO A 10 -9.24 29.52 4.55
C PRO A 10 -10.56 28.73 4.65
N THR A 11 -10.94 28.40 5.87
CA THR A 11 -12.29 27.93 6.14
C THR A 11 -13.27 29.07 5.89
N GLU A 12 -14.55 28.75 5.74
CA GLU A 12 -15.61 29.78 5.56
C GLU A 12 -15.60 30.86 6.66
N GLN A 13 -15.29 30.46 7.88
CA GLN A 13 -15.36 31.36 9.03
C GLN A 13 -14.20 32.33 9.10
N THR A 14 -13.14 32.08 8.34
CA THR A 14 -11.98 32.97 8.34
C THR A 14 -11.74 33.56 6.95
N ALA A 15 -12.57 33.20 5.95
CA ALA A 15 -12.26 33.60 4.57
C ALA A 15 -12.32 35.12 4.37
N ALA A 16 -13.20 35.80 5.11
CA ALA A 16 -13.41 37.24 4.95
C ALA A 16 -12.17 37.98 5.42
N LYS A 17 -11.67 37.62 6.60
CA LYS A 17 -10.46 38.24 7.11
C LYS A 17 -9.25 37.98 6.18
N ALA A 18 -9.16 36.78 5.64
CA ALA A 18 -8.06 36.42 4.71
C ALA A 18 -8.12 37.28 3.46
N ASN A 19 -9.28 37.36 2.86
CA ASN A 19 -9.51 38.35 1.79
C ASN A 19 -9.13 39.79 2.16
N ALA A 20 -9.56 40.25 3.33
CA ALA A 20 -9.33 41.63 3.75
C ALA A 20 -7.86 42.01 3.71
N VAL A 21 -6.96 41.09 4.07
CA VAL A 21 -5.54 41.40 4.00
C VAL A 21 -4.91 40.93 2.71
N GLY A 22 -5.72 40.32 1.84
CA GLY A 22 -5.26 39.72 0.59
C GLY A 22 -4.40 38.44 0.63
N TYR A 23 -4.52 37.62 1.69
CA TYR A 23 -3.71 36.38 1.83
C TYR A 23 -4.63 35.17 1.75
N THR A 24 -4.77 34.63 0.55
CA THR A 24 -5.85 33.71 0.22
C THR A 24 -5.48 32.21 0.30
N HIS A 25 -4.19 31.92 0.47
CA HIS A 25 -3.76 30.53 0.54
C HIS A 25 -2.31 30.41 0.90
N ALA A 26 -1.96 29.23 1.41
CA ALA A 26 -0.56 28.86 1.60
C ALA A 26 -0.29 27.58 0.82
N LEU A 27 0.84 27.51 0.15
CA LEU A 27 1.25 26.32 -0.54
C LEU A 27 2.52 25.86 0.14
N THR A 28 2.49 24.71 0.80
CA THR A 28 3.67 24.25 1.51
C THR A 28 4.05 22.87 0.98
N TRP A 29 5.15 22.33 1.46
CA TRP A 29 5.47 20.98 1.05
C TRP A 29 6.30 20.24 2.10
N VAL A 30 6.22 18.92 2.01
CA VAL A 30 7.09 18.03 2.78
C VAL A 30 7.66 17.05 1.79
N TRP A 31 8.53 16.18 2.29
CA TRP A 31 9.21 15.21 1.46
C TRP A 31 9.03 13.82 2.05
N HIS A 32 9.03 12.83 1.17
CA HIS A 32 9.03 11.46 1.60
C HIS A 32 9.87 10.58 0.69
N SER A 33 10.19 9.40 1.20
CA SER A 33 11.05 8.43 0.55
C SER A 33 10.27 7.59 -0.42
N GLN A 34 11.00 6.67 -1.04
CA GLN A 34 10.43 5.78 -2.04
C GLN A 34 9.34 4.86 -1.51
N THR A 35 9.42 4.54 -0.23
CA THR A 35 8.46 3.66 0.42
C THR A 35 7.03 4.16 0.17
N TRP A 36 6.85 5.47 0.01
CA TRP A 36 5.52 6.08 -0.08
C TRP A 36 5.19 6.63 -1.45
N ASP A 37 6.03 6.29 -2.44
CA ASP A 37 5.68 6.51 -3.85
C ASP A 37 4.64 5.49 -4.35
N VAL A 38 3.39 5.67 -3.94
CA VAL A 38 2.31 4.79 -4.33
C VAL A 38 1.17 5.68 -4.79
N ASP A 39 0.25 5.11 -5.59
CA ASP A 39 -0.85 5.88 -6.24
C ASP A 39 -1.72 6.63 -5.27
N SER A 40 -2.01 6.02 -4.14
CA SER A 40 -2.93 6.59 -3.15
C SER A 40 -2.33 7.75 -2.34
N VAL A 41 -1.05 8.06 -2.52
CA VAL A 41 -0.44 9.23 -1.87
C VAL A 41 -0.45 10.39 -2.86
N ARG A 42 -1.34 11.35 -2.65
CA ARG A 42 -1.53 12.46 -3.56
C ARG A 42 -1.48 13.77 -2.78
N ASP A 43 -0.96 14.80 -3.42
CA ASP A 43 -0.92 16.15 -2.89
C ASP A 43 -2.27 16.57 -2.33
N PRO A 44 -2.28 16.80 -0.94
CA PRO A 44 -3.59 17.20 -0.43
C PRO A 44 -3.98 18.68 -0.49
N SER A 45 -5.26 18.92 -0.45
CA SER A 45 -5.81 20.24 -0.39
C SER A 45 -6.71 20.39 0.86
N LEU A 46 -6.35 21.31 1.72
CA LEU A 46 -6.94 21.49 3.03
C LEU A 46 -7.55 22.85 3.30
N ARG A 47 -8.47 22.89 4.24
CA ARG A 47 -9.04 24.12 4.75
C ARG A 47 -8.62 24.27 6.17
N ALA A 48 -8.12 25.44 6.52
CA ALA A 48 -7.73 25.72 7.89
C ALA A 48 -8.13 27.16 8.22
N ASP A 49 -8.04 27.49 9.50
CA ASP A 49 -8.44 28.81 9.98
C ASP A 49 -7.33 29.82 9.73
N PHE A 50 -7.60 30.78 8.86
CA PHE A 50 -6.67 31.89 8.68
C PHE A 50 -6.62 32.70 9.97
N ASN A 51 -5.43 33.00 10.44
CA ASN A 51 -5.25 33.87 11.57
C ASN A 51 -4.05 34.75 11.35
N PRO A 52 -4.23 36.08 11.44
CA PRO A 52 -3.13 36.98 11.05
C PRO A 52 -1.94 36.99 11.98
N GLU A 53 -2.05 36.41 13.17
CA GLU A 53 -0.96 36.44 14.17
C GLU A 53 -0.38 35.09 14.57
N LYS A 54 -0.78 34.01 13.92
CA LYS A 54 -0.28 32.67 14.30
C LYS A 54 0.53 32.04 13.19
N VAL A 55 1.34 31.06 13.59
CA VAL A 55 2.01 30.12 12.73
C VAL A 55 1.47 28.76 13.16
N GLY A 56 0.99 27.95 12.23
CA GLY A 56 0.46 26.60 12.56
C GLY A 56 1.37 25.50 12.05
N TRP A 57 1.22 24.29 12.60
CA TRP A 57 1.87 23.10 12.05
C TRP A 57 0.92 22.32 11.14
N VAL A 58 1.42 21.90 9.99
CA VAL A 58 0.77 20.87 9.21
C VAL A 58 1.58 19.58 9.47
N SER A 59 0.89 18.52 9.84
CA SER A 59 1.57 17.23 10.06
C SER A 59 1.07 16.23 9.04
N VAL A 60 2.00 15.45 8.50
CA VAL A 60 1.70 14.46 7.49
C VAL A 60 2.29 13.17 8.02
N SER A 61 1.42 12.19 8.24
CA SER A 61 1.75 10.87 8.73
C SER A 61 1.51 9.88 7.62
N PHE A 62 2.44 8.95 7.50
CA PHE A 62 2.31 7.83 6.58
C PHE A 62 2.38 6.57 7.41
N ALA A 63 1.49 5.63 7.12
CA ALA A 63 1.59 4.31 7.76
C ALA A 63 1.06 3.22 6.84
N CYS A 64 1.81 2.12 6.71
CA CYS A 64 1.38 1.00 5.88
C CYS A 64 0.32 0.19 6.62
N THR A 65 -0.73 -0.19 5.91
CA THR A 65 -1.78 -1.04 6.52
C THR A 65 -1.44 -2.54 6.64
N GLN A 66 -0.33 -2.96 6.03
CA GLN A 66 0.06 -4.35 5.96
C GLN A 66 1.31 -4.60 6.72
N CYS A 67 2.13 -3.59 6.84
CA CYS A 67 3.32 -3.76 7.59
C CYS A 67 3.35 -2.60 8.54
N THR A 68 4.40 -2.43 9.27
CA THR A 68 4.31 -1.37 10.22
C THR A 68 5.17 -0.22 9.76
N ALA A 69 5.54 -0.20 8.51
CA ALA A 69 6.29 0.93 7.99
C ALA A 69 5.51 2.22 8.31
N HIS A 70 6.22 3.26 8.70
CA HIS A 70 5.55 4.50 9.04
C HIS A 70 6.52 5.67 8.92
N TYR A 71 5.97 6.88 8.77
CA TYR A 71 6.82 8.06 8.63
C TYR A 71 6.00 9.27 9.06
N TYR A 72 6.62 10.16 9.81
CA TYR A 72 5.96 11.37 10.28
C TYR A 72 6.85 12.55 9.89
N THR A 73 6.23 13.55 9.26
CA THR A 73 6.90 14.83 9.05
C THR A 73 5.94 15.94 9.31
N SER A 74 6.49 17.13 9.46
CA SER A 74 5.68 18.31 9.69
C SER A 74 6.41 19.57 9.15
N GLU A 75 5.63 20.64 8.96
CA GLU A 75 6.15 21.90 8.49
C GLU A 75 5.29 23.04 9.08
N GLN A 76 5.93 24.17 9.35
CA GLN A 76 5.23 25.39 9.86
C GLN A 76 4.60 26.16 8.73
N VAL A 77 3.41 26.69 8.96
CA VAL A 77 2.68 27.46 7.97
C VAL A 77 2.20 28.75 8.61
N LYS A 78 2.69 29.87 8.09
CA LYS A 78 2.34 31.18 8.61
C LYS A 78 0.89 31.48 8.33
N TYR A 79 0.23 32.03 9.34
CA TYR A 79 -1.14 32.58 9.27
C TYR A 79 -2.26 31.60 9.07
N PHE A 80 -1.99 30.31 9.23
CA PHE A 80 -3.06 29.32 9.23
C PHE A 80 -2.87 28.46 10.48
N THR A 81 -4.00 28.09 11.08
CA THR A 81 -4.00 27.42 12.35
C THR A 81 -5.11 26.34 12.34
N ASN A 82 -5.07 25.39 13.28
CA ASN A 82 -6.01 24.28 13.26
C ASN A 82 -5.99 23.53 11.94
N ILE A 83 -4.79 23.28 11.44
CA ILE A 83 -4.70 22.68 10.13
C ILE A 83 -5.04 21.19 10.30
N PRO A 84 -5.99 20.66 9.51
CA PRO A 84 -6.31 19.23 9.66
C PRO A 84 -5.04 18.35 9.50
N PRO A 85 -4.86 17.36 10.38
CA PRO A 85 -3.78 16.38 10.22
C PRO A 85 -3.96 15.63 8.93
N VAL A 86 -2.89 15.38 8.20
CA VAL A 86 -2.97 14.59 7.00
C VAL A 86 -2.48 13.17 7.33
N HIS A 87 -3.27 12.17 6.97
CA HIS A 87 -2.93 10.76 7.21
C HIS A 87 -3.00 9.97 5.95
N PHE A 88 -1.92 9.29 5.61
CA PHE A 88 -1.91 8.39 4.48
C PHE A 88 -1.78 7.01 5.07
N ASP A 89 -2.92 6.34 5.20
CA ASP A 89 -2.97 4.95 5.63
C ASP A 89 -3.07 4.12 4.36
N VAL A 90 -1.94 3.62 3.90
CA VAL A 90 -1.88 3.08 2.55
C VAL A 90 -1.11 1.79 2.56
N VAL A 91 -1.10 1.13 1.42
CA VAL A 91 -0.25 -0.03 1.23
C VAL A 91 1.05 0.51 0.65
N CYS A 92 2.15 0.26 1.35
CA CYS A 92 3.44 0.81 1.01
C CYS A 92 4.01 0.14 -0.22
N ALA A 93 5.09 0.70 -0.75
CA ALA A 93 5.72 0.21 -1.98
C ALA A 93 6.19 -1.23 -1.90
N ASP A 94 6.65 -1.67 -0.75
CA ASP A 94 7.11 -3.05 -0.60
C ASP A 94 5.96 -4.04 -0.48
N CYS A 95 4.85 -3.61 0.11
CA CYS A 95 3.69 -4.49 0.33
C CYS A 95 2.78 -4.65 -0.89
N GLU A 96 2.77 -3.65 -1.77
CA GLU A 96 2.13 -3.69 -3.09
C GLU A 96 2.45 -4.93 -3.93
N ARG A 97 3.68 -5.39 -3.72
CA ARG A 97 4.21 -6.56 -4.41
C ARG A 97 3.61 -7.82 -3.80
N SER A 98 3.45 -7.85 -2.48
CA SER A 98 2.92 -9.00 -1.77
C SER A 98 1.47 -9.32 -2.15
N VAL A 99 0.63 -8.32 -2.37
CA VAL A 99 -0.77 -8.56 -2.74
C VAL A 99 -0.82 -9.11 -4.17
N GLN A 100 0.12 -8.65 -4.99
CA GLN A 100 0.26 -9.05 -6.38
C GLN A 100 0.92 -10.42 -6.51
N LEU A 101 1.67 -10.88 -5.51
CA LEU A 101 2.34 -12.18 -5.52
C LEU A 101 1.34 -13.33 -5.63
N ASP A 102 0.09 -13.11 -5.23
CA ASP A 102 -0.94 -14.14 -5.29
C ASP A 102 -1.11 -14.68 -6.70
N ASP A 103 -0.75 -13.89 -7.72
CA ASP A 103 -0.88 -14.29 -9.12
C ASP A 103 0.19 -15.32 -9.49
N GLU A 104 1.31 -15.30 -8.76
CA GLU A 104 2.43 -16.21 -8.98
C GLU A 104 2.03 -17.59 -8.44
N ILE A 105 1.56 -17.65 -7.19
CA ILE A 105 1.12 -18.94 -6.62
C ILE A 105 0.15 -19.67 -7.58
N ASP A 106 -0.81 -18.93 -8.12
CA ASP A 106 -1.83 -19.50 -9.02
C ASP A 106 -1.21 -20.02 -10.32
N ARG A 107 -0.34 -19.24 -10.93
CA ARG A 107 0.36 -19.66 -12.16
C ARG A 107 1.21 -20.89 -11.93
N GLU A 108 1.80 -21.01 -10.76
CA GLU A 108 2.72 -22.10 -10.49
C GLU A 108 1.95 -23.35 -10.12
N HIS A 109 0.83 -23.19 -9.43
CA HIS A 109 -0.10 -24.30 -9.30
C HIS A 109 -0.62 -24.79 -10.67
N GLN A 110 -0.95 -23.89 -11.57
CA GLN A 110 -1.37 -24.30 -12.92
C GLN A 110 -0.32 -25.16 -13.61
N GLU A 111 0.92 -24.71 -13.57
CA GLU A 111 2.07 -25.45 -14.19
C GLU A 111 2.30 -26.82 -13.60
N ARG A 112 2.18 -26.88 -12.29
CA ARG A 112 2.50 -28.09 -11.59
C ARG A 112 1.44 -29.11 -11.87
N ASN A 113 0.21 -28.65 -11.83
CA ASN A 113 -0.92 -29.50 -12.09
C ASN A 113 -0.94 -30.03 -13.52
N ALA A 114 -0.39 -29.27 -14.48
CA ALA A 114 -0.19 -29.80 -15.80
C ALA A 114 0.77 -30.97 -15.78
N GLU A 115 1.82 -30.86 -14.98
CA GLU A 115 2.79 -31.92 -14.88
C GLU A 115 2.24 -33.11 -14.10
N ILE A 116 1.40 -32.84 -13.14
CA ILE A 116 0.72 -33.88 -12.42
C ILE A 116 -0.20 -34.63 -13.37
N SER A 117 -0.91 -33.90 -14.23
CA SER A 117 -1.80 -34.52 -15.21
C SER A 117 -1.07 -35.54 -16.04
N ALA A 118 0.11 -35.12 -16.50
CA ALA A 118 0.96 -35.88 -17.41
C ALA A 118 1.48 -37.11 -16.71
N CYS A 119 1.81 -36.98 -15.44
CA CYS A 119 2.34 -38.11 -14.67
C CYS A 119 1.26 -39.10 -14.44
N ASN A 120 0.06 -38.65 -14.12
CA ASN A 120 -1.06 -39.57 -13.93
C ASN A 120 -1.39 -40.33 -15.21
N ALA A 121 -1.36 -39.63 -16.34
CA ALA A 121 -1.68 -40.28 -17.60
C ALA A 121 -0.66 -41.33 -17.97
N ARG A 122 0.60 -40.95 -17.81
CA ARG A 122 1.68 -41.87 -18.08
C ARG A 122 1.59 -43.13 -17.24
N ALA A 123 1.29 -42.96 -15.96
CA ALA A 123 1.09 -44.07 -15.05
C ALA A 123 -0.06 -44.99 -15.48
N LEU A 124 -1.21 -44.41 -15.87
CA LEU A 124 -2.32 -45.23 -16.41
C LEU A 124 -1.89 -46.00 -17.67
N SER A 125 -0.92 -45.50 -18.43
CA SER A 125 -0.42 -46.27 -19.59
C SER A 125 0.63 -47.31 -19.25
N GLU A 126 1.20 -47.25 -18.04
CA GLU A 126 2.19 -48.23 -17.61
C GLU A 126 1.60 -49.25 -16.61
N GLY A 127 0.31 -49.13 -16.32
CA GLY A 127 -0.37 -50.09 -15.42
C GLY A 127 -0.02 -49.91 -13.94
N ARG A 128 0.41 -48.70 -13.56
CA ARG A 128 0.56 -48.33 -12.15
C ARG A 128 -0.66 -47.48 -11.71
N PRO A 129 -0.97 -47.46 -10.38
CA PRO A 129 -2.05 -46.57 -10.03
C PRO A 129 -1.66 -45.08 -10.27
N ALA A 130 -2.63 -44.31 -10.72
CA ALA A 130 -2.46 -42.91 -11.01
C ALA A 130 -2.91 -42.20 -9.74
N SER A 131 -1.97 -41.96 -8.83
CA SER A 131 -2.26 -41.57 -7.47
C SER A 131 -2.10 -40.07 -7.13
N LEU A 132 -1.62 -39.26 -8.08
CA LEU A 132 -1.35 -37.86 -7.80
C LEU A 132 -2.60 -37.00 -7.85
N VAL A 133 -2.56 -35.89 -7.11
CA VAL A 133 -3.69 -34.99 -6.99
C VAL A 133 -3.20 -33.58 -7.26
N TYR A 134 -4.11 -32.77 -7.80
CA TYR A 134 -3.83 -31.40 -8.14
C TYR A 134 -3.59 -30.63 -6.85
N LEU A 135 -2.76 -29.60 -6.93
CA LEU A 135 -2.45 -28.72 -5.79
C LEU A 135 -3.47 -27.60 -5.64
N SER A 136 -3.63 -27.16 -4.40
CA SER A 136 -4.31 -25.95 -4.00
C SER A 136 -3.55 -25.40 -2.78
N ARG A 137 -3.92 -24.23 -2.31
CA ARG A 137 -3.24 -23.66 -1.16
C ARG A 137 -3.34 -24.52 0.13
N ASP A 138 -4.32 -25.39 0.17
CA ASP A 138 -4.58 -26.13 1.38
C ASP A 138 -3.82 -27.45 1.36
N ALA A 139 -3.12 -27.73 0.28
CA ALA A 139 -2.46 -28.99 0.08
C ALA A 139 -1.52 -28.85 -1.10
N CYS A 140 -0.27 -28.51 -0.78
CA CYS A 140 0.69 -28.08 -1.80
C CYS A 140 2.03 -28.74 -1.56
N ASP A 141 2.67 -29.19 -2.60
CA ASP A 141 3.96 -29.89 -2.43
C ASP A 141 5.10 -29.13 -3.09
N ILE A 142 4.88 -27.86 -3.38
CA ILE A 142 5.97 -26.95 -3.76
C ILE A 142 6.64 -26.31 -2.54
N PRO A 143 7.91 -26.63 -2.28
CA PRO A 143 8.52 -26.25 -1.00
C PRO A 143 8.62 -24.73 -0.76
N GLU A 144 8.82 -23.99 -1.85
CA GLU A 144 8.93 -22.53 -1.83
C GLU A 144 7.61 -21.82 -1.53
N HIS A 145 6.51 -22.58 -1.52
CA HIS A 145 5.20 -22.03 -1.24
C HIS A 145 4.87 -22.18 0.23
N SER A 146 5.63 -23.00 0.95
CA SER A 146 5.32 -23.27 2.36
C SER A 146 5.05 -21.97 3.12
N GLY A 147 3.93 -21.94 3.83
CA GLY A 147 3.44 -20.72 4.52
C GLY A 147 2.31 -20.08 3.74
N ARG A 148 2.59 -19.65 2.52
CA ARG A 148 1.51 -19.20 1.69
C ARG A 148 0.58 -20.38 1.42
N CYS A 149 1.14 -21.58 1.24
CA CYS A 149 0.32 -22.77 1.08
C CYS A 149 0.64 -23.70 2.22
N ARG A 150 -0.23 -24.67 2.46
CA ARG A 150 0.06 -25.77 3.39
C ARG A 150 0.94 -26.82 2.72
N PHE A 151 2.20 -26.87 3.16
CA PHE A 151 3.22 -27.71 2.57
C PHE A 151 3.02 -29.12 3.04
N VAL A 152 2.73 -29.98 2.08
CA VAL A 152 2.52 -31.37 2.33
C VAL A 152 3.55 -32.09 1.46
N LYS A 153 4.81 -32.33 2.12
CA LYS A 153 5.95 -32.72 1.31
C LYS A 153 5.73 -33.97 0.45
N TYR A 154 5.06 -34.94 1.00
CA TYR A 154 4.93 -36.25 0.34
C TYR A 154 3.56 -36.46 -0.24
N LEU A 155 2.88 -35.36 -0.54
CA LEU A 155 1.52 -35.39 -1.10
C LEU A 155 1.46 -36.26 -2.34
N ASN A 156 2.36 -36.00 -3.29
CA ASN A 156 2.44 -36.71 -4.54
C ASN A 156 3.66 -37.60 -4.63
N PHE A 157 4.14 -38.14 -3.52
CA PHE A 157 5.31 -39.01 -3.49
C PHE A 157 6.59 -38.26 -3.87
ZN ZN B . 4.07 -2.18 4.01
ZN ZN C . 1.27 -23.81 -3.40
N MET A 1 13.61 8.54 1.60
CA MET A 1 13.33 9.96 1.95
C MET A 1 12.57 10.65 0.83
N THR A 2 11.28 10.92 1.05
CA THR A 2 10.44 11.54 0.03
C THR A 2 9.71 12.75 0.62
N ARG A 3 9.74 13.89 -0.08
CA ARG A 3 9.06 15.10 0.37
C ARG A 3 7.59 14.99 -0.04
N LEU A 4 6.68 15.26 0.90
CA LEU A 4 5.27 15.40 0.57
C LEU A 4 4.88 16.85 0.77
N GLU A 5 4.59 17.55 -0.31
CA GLU A 5 4.16 18.94 -0.23
C GLU A 5 2.65 19.08 0.09
N VAL A 6 2.32 20.10 0.88
CA VAL A 6 0.96 20.36 1.28
C VAL A 6 0.64 21.82 0.99
N LEU A 7 -0.31 22.08 0.09
CA LEU A 7 -0.75 23.45 -0.23
C LEU A 7 -1.98 23.76 0.59
N ILE A 8 -1.94 24.90 1.30
CA ILE A 8 -3.06 25.35 2.12
C ILE A 8 -3.55 26.71 1.60
N ARG A 9 -4.86 26.82 1.38
CA ARG A 9 -5.49 28.06 0.86
C ARG A 9 -6.69 28.39 1.74
N PRO A 10 -7.13 29.66 1.76
CA PRO A 10 -8.14 30.06 2.70
C PRO A 10 -9.49 29.43 2.38
N THR A 11 -10.25 29.13 3.42
CA THR A 11 -11.68 28.80 3.25
C THR A 11 -12.40 30.05 2.75
N GLU A 12 -13.62 29.87 2.22
CA GLU A 12 -14.45 31.01 1.78
C GLU A 12 -14.67 32.07 2.86
N GLN A 13 -14.78 31.64 4.10
CA GLN A 13 -15.11 32.53 5.21
C GLN A 13 -13.93 33.37 5.67
N THR A 14 -12.72 33.00 5.25
CA THR A 14 -11.53 33.77 5.62
C THR A 14 -10.83 34.33 4.39
N ALA A 15 -11.34 34.08 3.19
CA ALA A 15 -10.59 34.44 1.99
C ALA A 15 -10.44 35.96 1.82
N ALA A 16 -11.42 36.73 2.29
CA ALA A 16 -11.42 38.18 2.13
C ALA A 16 -10.32 38.79 2.98
N LYS A 17 -10.23 38.37 4.24
CA LYS A 17 -9.17 38.85 5.12
C LYS A 17 -7.78 38.47 4.59
N ALA A 18 -7.66 37.26 4.05
CA ALA A 18 -6.36 36.78 3.48
C ALA A 18 -5.95 37.65 2.31
N ASN A 19 -6.88 37.88 1.39
CA ASN A 19 -6.66 38.88 0.34
C ASN A 19 -6.26 40.28 0.86
N ALA A 20 -6.97 40.77 1.87
CA ALA A 20 -6.73 42.12 2.38
C ALA A 20 -5.29 42.33 2.80
N VAL A 21 -4.65 41.32 3.38
CA VAL A 21 -3.25 41.47 3.76
C VAL A 21 -2.31 40.93 2.69
N GLY A 22 -2.88 40.43 1.59
CA GLY A 22 -2.12 39.79 0.52
C GLY A 22 -1.46 38.42 0.76
N TYR A 23 -1.98 37.62 1.70
CA TYR A 23 -1.37 36.29 2.03
C TYR A 23 -2.34 35.19 1.65
N THR A 24 -2.18 34.68 0.44
CA THR A 24 -3.19 33.89 -0.24
C THR A 24 -3.02 32.35 -0.11
N HIS A 25 -1.87 31.92 0.42
CA HIS A 25 -1.64 30.49 0.57
C HIS A 25 -0.37 30.21 1.35
N ALA A 26 -0.31 29.00 1.89
CA ALA A 26 0.91 28.47 2.48
C ALA A 26 1.27 27.18 1.76
N LEU A 27 2.54 26.99 1.45
CA LEU A 27 3.02 25.76 0.87
C LEU A 27 3.96 25.17 1.89
N THR A 28 3.62 24.03 2.46
CA THR A 28 4.49 23.43 3.48
C THR A 28 4.85 22.02 3.04
N TRP A 29 5.70 21.37 3.80
CA TRP A 29 5.99 19.99 3.46
C TRP A 29 6.39 19.16 4.68
N VAL A 30 6.21 17.86 4.52
CA VAL A 30 6.70 16.87 5.48
C VAL A 30 7.44 15.83 4.67
N TRP A 31 8.01 14.88 5.37
CA TRP A 31 8.82 13.84 4.75
C TRP A 31 8.32 12.47 5.20
N HIS A 32 8.49 11.51 4.32
CA HIS A 32 8.22 10.14 4.69
C HIS A 32 9.21 9.17 4.03
N SER A 33 9.24 7.96 4.57
CA SER A 33 10.14 6.90 4.17
C SER A 33 9.62 6.17 2.98
N GLN A 34 10.39 5.17 2.58
CA GLN A 34 10.08 4.36 1.42
C GLN A 34 8.78 3.56 1.56
N THR A 35 8.44 3.22 2.80
CA THR A 35 7.24 2.45 3.09
C THR A 35 6.01 3.11 2.44
N TRP A 36 6.03 4.43 2.28
CA TRP A 36 4.84 5.18 1.82
C TRP A 36 5.02 5.76 0.44
N ASP A 37 6.08 5.34 -0.27
CA ASP A 37 6.19 5.60 -1.70
C ASP A 37 5.26 4.71 -2.52
N VAL A 38 3.97 5.03 -2.51
CA VAL A 38 2.97 4.27 -3.24
C VAL A 38 2.11 5.27 -3.98
N ASP A 39 1.43 4.82 -5.04
CA ASP A 39 0.66 5.70 -5.97
C ASP A 39 -0.38 6.55 -5.27
N SER A 40 -1.07 5.95 -4.30
CA SER A 40 -2.18 6.62 -3.62
C SER A 40 -1.74 7.70 -2.61
N VAL A 41 -0.44 7.88 -2.39
CA VAL A 41 0.07 8.98 -1.55
C VAL A 41 0.49 10.13 -2.45
N ARG A 42 -0.33 11.18 -2.48
CA ARG A 42 -0.12 12.31 -3.36
C ARG A 42 -0.19 13.60 -2.56
N ASP A 43 0.61 14.58 -2.97
CA ASP A 43 0.63 15.91 -2.41
C ASP A 43 -0.77 16.47 -2.25
N PRO A 44 -1.18 16.69 -0.93
CA PRO A 44 -2.54 17.24 -0.81
C PRO A 44 -2.73 18.74 -0.93
N SER A 45 -3.94 19.12 -1.27
CA SER A 45 -4.36 20.49 -1.32
C SER A 45 -5.55 20.73 -0.41
N LEU A 46 -5.38 21.61 0.57
CA LEU A 46 -6.31 21.83 1.64
C LEU A 46 -6.84 23.25 1.77
N ARG A 47 -7.99 23.39 2.39
CA ARG A 47 -8.56 24.66 2.76
C ARG A 47 -8.57 24.76 4.25
N ALA A 48 -8.09 25.88 4.77
CA ALA A 48 -8.11 26.10 6.20
C ALA A 48 -8.43 27.57 6.45
N ASP A 49 -8.71 27.89 7.71
CA ASP A 49 -9.09 29.23 8.10
C ASP A 49 -7.87 30.13 8.23
N PHE A 50 -7.75 31.11 7.35
CA PHE A 50 -6.71 32.12 7.51
C PHE A 50 -6.96 32.90 8.78
N ASN A 51 -5.95 33.06 9.59
CA ASN A 51 -6.04 33.90 10.77
C ASN A 51 -4.74 34.67 10.94
N PRO A 52 -4.81 35.99 11.03
CA PRO A 52 -3.54 36.78 11.02
C PRO A 52 -2.69 36.65 12.26
N GLU A 53 -3.22 36.09 13.34
CA GLU A 53 -2.48 35.98 14.62
C GLU A 53 -2.20 34.58 15.13
N LYS A 54 -2.49 33.55 14.35
CA LYS A 54 -2.27 32.16 14.81
C LYS A 54 -1.22 31.45 13.97
N VAL A 55 -0.68 30.39 14.56
CA VAL A 55 0.12 29.39 13.90
C VAL A 55 -0.68 28.09 14.10
N GLY A 56 -0.93 27.34 13.04
CA GLY A 56 -1.66 26.06 13.14
C GLY A 56 -0.76 24.87 12.89
N TRP A 57 -1.20 23.68 13.32
CA TRP A 57 -0.53 22.43 12.95
C TRP A 57 -1.24 21.76 11.77
N VAL A 58 -0.46 21.30 10.80
CA VAL A 58 -0.94 20.35 9.82
C VAL A 58 -0.39 18.98 10.26
N SER A 59 -1.26 17.99 10.38
CA SER A 59 -0.81 16.64 10.73
C SER A 59 -1.08 15.70 9.57
N VAL A 60 -0.11 14.82 9.31
CA VAL A 60 -0.19 13.89 8.22
C VAL A 60 0.08 12.54 8.85
N SER A 61 -0.93 11.66 8.76
CA SER A 61 -0.89 10.31 9.28
C SER A 61 -0.88 9.35 8.11
N PHE A 62 -0.06 8.32 8.24
CA PHE A 62 -0.02 7.23 7.27
C PHE A 62 -0.33 5.96 8.03
N ALA A 63 -1.18 5.13 7.46
CA ALA A 63 -1.41 3.81 8.06
C ALA A 63 -1.75 2.79 6.97
N CYS A 64 -1.11 1.61 7.04
CA CYS A 64 -1.39 0.54 6.07
C CYS A 64 -2.71 -0.14 6.42
N THR A 65 -3.52 -0.40 5.43
CA THR A 65 -4.78 -1.14 5.66
C THR A 65 -4.64 -2.67 5.81
N GLN A 66 -3.47 -3.20 5.55
CA GLN A 66 -3.20 -4.62 5.54
C GLN A 66 -2.27 -5.01 6.64
N CYS A 67 -1.43 -4.10 7.04
CA CYS A 67 -0.55 -4.40 8.11
C CYS A 67 -0.69 -3.26 9.06
N THR A 68 0.10 -3.21 10.07
CA THR A 68 -0.16 -2.15 10.99
C THR A 68 0.90 -1.10 10.86
N ALA A 69 1.64 -1.12 9.78
CA ALA A 69 2.62 -0.06 9.56
C ALA A 69 1.92 1.30 9.67
N HIS A 70 2.58 2.25 10.30
CA HIS A 70 1.96 3.55 10.47
C HIS A 70 3.03 4.61 10.68
N TYR A 71 2.69 5.87 10.42
CA TYR A 71 3.66 6.96 10.60
C TYR A 71 2.88 8.24 10.80
N TYR A 72 3.33 9.05 11.74
CA TYR A 72 2.68 10.33 12.04
C TYR A 72 3.76 11.42 11.97
N THR A 73 3.46 12.48 11.23
CA THR A 73 4.30 13.67 11.28
C THR A 73 3.42 14.89 11.29
N SER A 74 4.02 16.01 11.64
CA SER A 74 3.31 17.27 11.65
C SER A 74 4.29 18.44 11.41
N GLU A 75 3.71 19.58 11.03
CA GLU A 75 4.48 20.79 10.79
C GLU A 75 3.60 22.02 11.13
N GLN A 76 4.24 23.06 11.62
CA GLN A 76 3.55 24.35 11.95
C GLN A 76 3.37 25.20 10.71
N VAL A 77 2.23 25.85 10.59
CA VAL A 77 1.91 26.69 9.46
C VAL A 77 1.40 28.03 9.99
N LYS A 78 2.14 29.09 9.67
CA LYS A 78 1.78 30.42 10.12
C LYS A 78 0.52 30.88 9.43
N TYR A 79 -0.36 31.50 10.21
CA TYR A 79 -1.57 32.19 9.75
C TYR A 79 -2.67 31.34 9.18
N PHE A 80 -2.60 30.02 9.38
CA PHE A 80 -3.71 29.16 9.01
C PHE A 80 -3.99 28.28 10.23
N THR A 81 -5.28 28.04 10.45
CA THR A 81 -5.74 27.36 11.64
C THR A 81 -6.89 26.41 11.25
N ASN A 82 -7.24 25.45 12.13
CA ASN A 82 -8.25 24.45 11.77
C ASN A 82 -7.91 23.72 10.50
N ILE A 83 -6.65 23.33 10.36
CA ILE A 83 -6.22 22.74 9.13
C ILE A 83 -6.75 21.30 9.13
N PRO A 84 -7.46 20.87 8.07
CA PRO A 84 -7.95 19.48 8.07
C PRO A 84 -6.79 18.48 8.27
N PRO A 85 -6.99 17.46 9.11
CA PRO A 85 -6.02 16.37 9.25
C PRO A 85 -5.88 15.66 7.94
N VAL A 86 -4.67 15.29 7.56
CA VAL A 86 -4.46 14.53 6.36
C VAL A 86 -4.25 13.07 6.77
N HIS A 87 -4.98 12.15 6.14
CA HIS A 87 -4.88 10.71 6.43
C HIS A 87 -4.66 9.94 5.16
N PHE A 88 -3.58 9.16 5.14
CA PHE A 88 -3.32 8.26 4.04
C PHE A 88 -3.53 6.87 4.59
N ASP A 89 -4.71 6.32 4.34
CA ASP A 89 -5.03 4.95 4.69
C ASP A 89 -4.83 4.15 3.41
N VAL A 90 -3.67 3.53 3.29
CA VAL A 90 -3.27 3.00 2.00
C VAL A 90 -2.67 1.63 2.19
N VAL A 91 -2.37 0.97 1.09
CA VAL A 91 -1.63 -0.27 1.11
C VAL A 91 -0.17 0.13 0.97
N CYS A 92 0.63 -0.25 1.95
CA CYS A 92 2.02 0.16 2.04
C CYS A 92 2.86 -0.57 1.01
N ALA A 93 4.11 -0.12 0.85
CA ALA A 93 5.01 -0.67 -0.15
C ALA A 93 5.30 -2.15 0.01
N ASP A 94 5.33 -2.65 1.22
CA ASP A 94 5.59 -4.06 1.46
C ASP A 94 4.36 -4.92 1.19
N CYS A 95 3.18 -4.37 1.43
CA CYS A 95 1.93 -5.13 1.27
C CYS A 95 1.41 -5.18 -0.18
N GLU A 96 1.78 -4.18 -0.98
CA GLU A 96 1.55 -4.14 -2.43
C GLU A 96 1.98 -5.41 -3.19
N ARG A 97 3.08 -5.95 -2.66
CA ARG A 97 3.73 -7.12 -3.22
C ARG A 97 2.94 -8.38 -2.89
N SER A 98 2.44 -8.49 -1.65
CA SER A 98 1.70 -9.65 -1.21
C SER A 98 0.49 -9.99 -2.10
N VAL A 99 -0.27 -8.99 -2.54
CA VAL A 99 -1.43 -9.25 -3.39
C VAL A 99 -1.00 -9.52 -4.83
N GLN A 100 0.08 -8.87 -5.27
CA GLN A 100 0.57 -9.01 -6.63
C GLN A 100 1.39 -10.28 -6.88
N LEU A 101 2.12 -10.85 -5.91
CA LEU A 101 2.90 -12.06 -6.12
C LEU A 101 2.01 -13.29 -6.07
N ASP A 102 1.03 -13.30 -5.18
CA ASP A 102 0.13 -14.42 -5.02
C ASP A 102 -0.64 -14.74 -6.30
N ASP A 103 -0.90 -13.75 -7.16
CA ASP A 103 -1.64 -13.99 -8.40
C ASP A 103 -0.86 -14.86 -9.39
N GLU A 104 0.47 -14.80 -9.33
CA GLU A 104 1.34 -15.60 -10.18
C GLU A 104 1.41 -16.99 -9.57
N ILE A 105 1.85 -17.04 -8.32
CA ILE A 105 1.96 -18.32 -7.58
C ILE A 105 0.65 -19.11 -7.67
N ASP A 106 -0.48 -18.43 -7.45
CA ASP A 106 -1.81 -19.06 -7.46
C ASP A 106 -2.18 -19.62 -8.83
N ARG A 107 -1.95 -18.82 -9.88
CA ARG A 107 -2.21 -19.26 -11.25
C ARG A 107 -1.37 -20.46 -11.64
N GLU A 108 -0.15 -20.51 -11.15
CA GLU A 108 0.78 -21.55 -11.53
C GLU A 108 0.50 -22.82 -10.75
N HIS A 109 0.11 -22.67 -9.49
CA HIS A 109 -0.46 -23.81 -8.78
C HIS A 109 -1.72 -24.36 -9.47
N GLN A 110 -2.61 -23.51 -9.94
CA GLN A 110 -3.79 -23.99 -10.67
C GLN A 110 -3.42 -24.82 -11.87
N GLU A 111 -2.47 -24.34 -12.66
CA GLU A 111 -1.98 -25.05 -13.88
C GLU A 111 -1.35 -26.40 -13.58
N ARG A 112 -0.59 -26.42 -12.51
CA ARG A 112 0.18 -27.59 -12.19
C ARG A 112 -0.76 -28.64 -11.71
N ASN A 113 -1.68 -28.24 -10.85
CA ASN A 113 -2.66 -29.13 -10.30
C ASN A 113 -3.59 -29.70 -11.38
N ALA A 114 -3.84 -28.96 -12.47
CA ALA A 114 -4.53 -29.53 -13.59
C ALA A 114 -3.74 -30.67 -14.20
N GLU A 115 -2.43 -30.49 -14.29
CA GLU A 115 -1.59 -31.52 -14.84
C GLU A 115 -1.43 -32.71 -13.90
N ILE A 116 -1.44 -32.42 -12.60
CA ILE A 116 -1.43 -33.47 -11.61
C ILE A 116 -2.71 -34.28 -11.73
N SER A 117 -3.85 -33.59 -11.90
CA SER A 117 -5.12 -34.28 -12.06
C SER A 117 -5.07 -35.30 -13.16
N ALA A 118 -4.51 -34.86 -14.29
CA ALA A 118 -4.43 -35.63 -15.53
C ALA A 118 -3.52 -36.81 -15.34
N CYS A 119 -2.44 -36.63 -14.60
CA CYS A 119 -1.50 -37.71 -14.36
C CYS A 119 -2.10 -38.73 -13.47
N ASN A 120 -2.83 -38.31 -12.44
CA ASN A 120 -3.49 -39.26 -11.56
C ASN A 120 -4.54 -40.07 -12.30
N ALA A 121 -5.30 -39.42 -13.18
CA ALA A 121 -6.34 -40.11 -13.91
C ALA A 121 -5.77 -41.14 -14.86
N ARG A 122 -4.71 -40.71 -15.57
CA ARG A 122 -4.05 -41.60 -16.48
C ARG A 122 -3.50 -42.83 -15.77
N ALA A 123 -2.90 -42.64 -14.61
CA ALA A 123 -2.40 -43.71 -13.80
C ALA A 123 -3.50 -44.68 -13.37
N LEU A 124 -4.64 -44.16 -12.91
CA LEU A 124 -5.80 -45.03 -12.58
C LEU A 124 -6.27 -45.84 -13.80
N SER A 125 -6.06 -45.33 -15.02
CA SER A 125 -6.41 -46.12 -16.22
C SER A 125 -5.34 -47.12 -16.65
N GLU A 126 -4.13 -47.00 -16.11
CA GLU A 126 -3.05 -47.93 -16.42
C GLU A 126 -2.79 -48.93 -15.29
N GLY A 127 -3.57 -48.84 -14.21
CA GLY A 127 -3.45 -49.79 -13.09
C GLY A 127 -2.23 -49.55 -12.19
N ARG A 128 -1.71 -48.31 -12.21
CA ARG A 128 -0.69 -47.88 -11.23
C ARG A 128 -1.36 -47.06 -10.10
N PRO A 129 -0.72 -47.01 -8.91
CA PRO A 129 -1.35 -46.13 -7.93
C PRO A 129 -1.28 -44.65 -8.37
N ALA A 130 -2.35 -43.93 -8.09
CA ALA A 130 -2.47 -42.53 -8.42
C ALA A 130 -2.00 -41.79 -7.17
N SER A 131 -0.72 -41.49 -7.11
CA SER A 131 -0.06 -41.07 -5.88
C SER A 131 0.21 -39.55 -5.75
N LEU A 132 -0.09 -38.77 -6.78
CA LEU A 132 0.23 -37.35 -6.76
C LEU A 132 -0.78 -36.53 -5.98
N VAL A 133 -0.32 -35.40 -5.45
CA VAL A 133 -1.13 -34.53 -4.63
C VAL A 133 -1.02 -33.11 -5.15
N TYR A 134 -2.09 -32.34 -4.97
CA TYR A 134 -2.17 -30.98 -5.42
C TYR A 134 -1.17 -30.15 -4.61
N LEU A 135 -0.65 -29.12 -5.22
CA LEU A 135 0.28 -28.18 -4.57
C LEU A 135 -0.44 -27.09 -3.78
N SER A 136 0.23 -26.62 -2.74
CA SER A 136 -0.08 -25.40 -2.01
C SER A 136 1.27 -24.80 -1.59
N ARG A 137 1.25 -23.63 -0.99
CA ARG A 137 2.50 -22.99 -0.57
C ARG A 137 3.30 -23.80 0.47
N ASP A 138 2.62 -24.70 1.15
CA ASP A 138 3.26 -25.40 2.22
C ASP A 138 3.88 -26.70 1.72
N ALA A 139 3.70 -26.99 0.45
CA ALA A 139 4.14 -28.25 -0.12
C ALA A 139 4.07 -28.11 -1.64
N CYS A 140 5.20 -27.73 -2.22
CA CYS A 140 5.23 -27.30 -3.62
C CYS A 140 6.43 -27.90 -4.32
N ASP A 141 6.26 -28.38 -5.53
CA ASP A 141 7.37 -29.02 -6.24
C ASP A 141 7.76 -28.25 -7.49
N ILE A 142 7.34 -26.99 -7.57
CA ILE A 142 7.87 -26.05 -8.57
C ILE A 142 9.14 -25.36 -8.09
N PRO A 143 10.29 -25.63 -8.73
CA PRO A 143 11.56 -25.18 -8.17
C PRO A 143 11.73 -23.65 -8.06
N GLU A 144 11.13 -22.94 -9.02
CA GLU A 144 11.16 -21.48 -9.09
C GLU A 144 10.32 -20.81 -7.99
N HIS A 145 9.54 -21.60 -7.26
CA HIS A 145 8.71 -21.08 -6.20
C HIS A 145 9.43 -21.20 -4.86
N SER A 146 10.52 -21.97 -4.81
CA SER A 146 11.22 -22.20 -3.55
C SER A 146 11.45 -20.88 -2.81
N GLY A 147 11.08 -20.87 -1.54
CA GLY A 147 11.10 -19.64 -0.71
C GLY A 147 9.71 -19.06 -0.54
N ARG A 148 9.10 -18.66 -1.65
CA ARG A 148 7.71 -18.28 -1.57
C ARG A 148 6.91 -19.50 -1.16
N CYS A 149 7.27 -20.68 -1.66
CA CYS A 149 6.59 -21.91 -1.23
C CYS A 149 7.63 -22.78 -0.58
N ARG A 150 7.17 -23.78 0.18
CA ARG A 150 8.05 -24.83 0.70
C ARG A 150 8.33 -25.87 -0.38
N PHE A 151 9.57 -25.86 -0.88
CA PHE A 151 9.99 -26.69 -2.00
C PHE A 151 10.22 -28.10 -1.50
N VAL A 152 9.41 -29.00 -2.03
CA VAL A 152 9.48 -30.38 -1.70
C VAL A 152 9.73 -31.09 -3.02
N LYS A 153 11.11 -31.27 -3.36
CA LYS A 153 11.46 -31.65 -4.71
C LYS A 153 10.78 -32.94 -5.20
N TYR A 154 10.69 -33.91 -4.35
CA TYR A 154 10.22 -35.24 -4.76
C TYR A 154 8.82 -35.52 -4.29
N LEU A 155 8.06 -34.45 -4.07
CA LEU A 155 6.66 -34.54 -3.60
C LEU A 155 5.86 -35.46 -4.50
N ASN A 156 5.89 -35.21 -5.81
CA ASN A 156 5.17 -35.95 -6.79
C ASN A 156 6.07 -36.80 -7.67
N PHE A 157 7.19 -37.28 -7.13
CA PHE A 157 8.14 -38.10 -7.86
C PHE A 157 8.68 -37.38 -9.09
ZN ZN B . 1.40 -2.90 4.97
ZN ZN C . 4.42 -23.06 -5.23
#